data_9UAJ
#
_entry.id   9UAJ
#
_cell.length_a   1.00
_cell.length_b   1.00
_cell.length_c   1.00
_cell.angle_alpha   90.00
_cell.angle_beta   90.00
_cell.angle_gamma   90.00
#
_symmetry.space_group_name_H-M   'P 1'
#
loop_
_entity.id
_entity.type
_entity.pdbx_description
1 polymer PcOvo5
2 polymer PcOvo3s
3 polymer 'Perivitellin ovorubin-1'
4 polymer 'Perivitellin protein'
5 polymer 'Perivitellin ovorubin-2'
6 branched alpha-L-fucopyranose-(1-3)-[2-acetamido-2-deoxy-beta-D-glucopyranose-(1-4)]2-acetamido-2-deoxy-beta-D-glucopyranose
7 branched 2-acetamido-2-deoxy-beta-D-glucopyranose-(1-4)-2-acetamido-2-deoxy-beta-D-glucopyranose
8 non-polymer '(Z)-docos-13-enoic acid'
9 non-polymer 2-acetamido-2-deoxy-beta-D-glucopyranose
10 water water
#
loop_
_entity_poly.entity_id
_entity_poly.type
_entity_poly.pdbx_seq_one_letter_code
_entity_poly.pdbx_strand_id
1 'polypeptide(L)'
;MLVATLTLVALSAVFTNVYGSDQYTILDVYKASNVSVEDYKDLLKDLDVVHSFKVLGSSRVIFVVKMREDSYEKLSKINL
PGDVYSIPAGDLSDKMQSVGVEWKRWDDLPDANLTLFERTLELKGEPLEGLASHMKAFGEKVSHVMELYPNKGFYLLGRT
PPKAFVIVSLPFRCRQVRYGSDFALNYLNGPGDSSTKVEFVAKA
;
A,F
2 'polypeptide(L)'
;MYALAIALLAFSTFVSNAFANKEYLLLDIRDATTSEIISALRDVEIELKVKAKGIARHLIVVKQNDANLQKLGEIDIPGR
SCSTPVEDLDNLMEDIGISWPRNELTNVNVTLFERTLDLKDKTMEQFWSEAKAYGQLVKPVLSSFTYRAFKANGAYPPKV
YFFVNLPRENLNDASSKGIDIFGGPGKARTTVQYVTKLS
;
B,J
3 'polypeptide(L)'
;MFVATSLLLAIATLVVRASPHNYLIMDIEPPKSVSERDILNLLSPLQVKHSFRVTGSTRLLIVIRLDAQSYEKLDEITVP
GKVEVIPAVNMADTMERCGVSWPRVELTDDNVTLFESESTLTDVTKEQLKAMLIGYGEHMSGLLQAHRFEYYQAAGATPH
RHFVFVNSVPDEIEVFGREGVDIWGGPGEFVVKPQYVTRI
;
C,I
4 'polypeptide(L)'
;MTAILALLLAMSILLPSGAVEDVQDLVFAEWDKGSSHEHACSALRNSSVIEKGLTVKEVGTSKFAAVLSEPILARLKFHG
LVEAVPVVEVGTVMKRLNVSIPPAQDISDNNLTLIKMSPKLKGQTLQQIDAELRYLGEYMNTVLQKCSHRVYISKGTFPP
KIYVFLNMPLDQIRQFYPSLDIFGGPSSTKNEISYVQILILRN
;
D,H
5 'polypeptide(L)'
;MAEHRIPVLLLLVVVAASSLAQQIPLQKHYIIYEVRNIEKTPEEVKEEMKDTDILYSFKALGAPSYHIVVEVNPRNMRKL
EEVELKGKIRMVPVVNMVDVAETLGVSWPRSGARLLDVNLTLIERTLNQEGLTSQESEAHLKGFMEELKDRLQQYNYQAF
FTIGASPPKMYIYINIPYEEVDKFACIGINQFGGPAAVNTTVSFISSFPK
;
E,G
#
# COMPACT_ATOMS: atom_id res chain seq x y z
N SER A 21 -20.76 -5.81 32.24
CA SER A 21 -21.49 -6.56 33.24
C SER A 21 -22.81 -7.09 32.70
N ASP A 22 -23.56 -6.23 32.03
CA ASP A 22 -24.85 -6.59 31.45
C ASP A 22 -24.70 -6.83 29.96
N GLN A 23 -25.40 -7.83 29.46
CA GLN A 23 -25.42 -8.13 28.03
C GLN A 23 -26.77 -7.75 27.44
N TYR A 24 -26.75 -7.38 26.17
CA TYR A 24 -27.94 -6.94 25.47
C TYR A 24 -28.00 -7.63 24.12
N THR A 25 -29.19 -7.65 23.55
CA THR A 25 -29.38 -8.00 22.15
C THR A 25 -29.98 -6.79 21.45
N ILE A 26 -29.34 -6.35 20.38
CA ILE A 26 -29.89 -5.31 19.53
C ILE A 26 -30.62 -5.99 18.39
N LEU A 27 -31.92 -5.77 18.30
CA LEU A 27 -32.74 -6.22 17.20
C LEU A 27 -32.90 -5.04 16.25
N ASP A 28 -32.20 -5.09 15.13
CA ASP A 28 -32.32 -4.10 14.07
C ASP A 28 -33.37 -4.63 13.09
N VAL A 29 -34.51 -3.96 13.02
CA VAL A 29 -35.66 -4.45 12.28
C VAL A 29 -35.99 -3.47 11.17
N TYR A 30 -36.13 -3.98 9.96
CA TYR A 30 -36.72 -3.21 8.87
C TYR A 30 -38.15 -3.68 8.75
N LYS A 31 -39.09 -2.83 9.14
CA LYS A 31 -40.47 -3.24 9.35
C LYS A 31 -41.08 -3.81 8.07
N ALA A 32 -41.72 -4.96 8.21
CA ALA A 32 -42.45 -5.55 7.10
C ALA A 32 -43.72 -4.75 6.83
N SER A 33 -44.24 -4.89 5.61
CA SER A 33 -45.43 -4.15 5.23
C SER A 33 -46.62 -4.55 6.11
N ASN A 34 -47.41 -3.54 6.51
CA ASN A 34 -48.62 -3.80 7.34
C ASN A 34 -48.21 -4.22 8.76
N VAL A 35 -46.93 -4.09 9.12
CA VAL A 35 -46.51 -4.39 10.52
C VAL A 35 -46.01 -3.07 11.14
N SER A 36 -46.67 -2.59 12.19
CA SER A 36 -46.30 -1.28 12.79
C SER A 36 -45.34 -1.47 13.97
N VAL A 37 -44.78 -0.36 14.48
CA VAL A 37 -43.91 -0.44 15.64
C VAL A 37 -44.64 -1.05 16.83
N GLU A 38 -45.94 -0.78 16.95
CA GLU A 38 -46.72 -1.32 18.05
C GLU A 38 -46.81 -2.84 17.96
N ASP A 39 -46.95 -3.39 16.74
CA ASP A 39 -46.98 -4.83 16.59
C ASP A 39 -45.68 -5.46 17.05
N TYR A 40 -44.55 -4.87 16.68
CA TYR A 40 -43.26 -5.40 17.11
C TYR A 40 -43.09 -5.30 18.61
N LYS A 41 -43.52 -4.17 19.20
CA LYS A 41 -43.46 -4.04 20.65
C LYS A 41 -44.34 -5.08 21.34
N ASP A 42 -45.47 -5.42 20.72
CA ASP A 42 -46.33 -6.45 21.28
C ASP A 42 -45.66 -7.82 21.20
N LEU A 43 -44.93 -8.08 20.11
CA LEU A 43 -44.23 -9.35 19.99
C LEU A 43 -43.15 -9.51 21.05
N LEU A 44 -42.62 -8.42 21.59
CA LEU A 44 -41.55 -8.45 22.56
C LEU A 44 -42.02 -8.05 23.96
N LYS A 45 -43.31 -8.16 24.24
CA LYS A 45 -43.84 -7.63 25.49
C LYS A 45 -43.36 -8.40 26.71
N ASP A 46 -42.92 -9.64 26.55
CA ASP A 46 -42.44 -10.44 27.67
C ASP A 46 -40.94 -10.31 27.89
N LEU A 47 -40.25 -9.51 27.08
CA LEU A 47 -38.83 -9.30 27.21
C LEU A 47 -38.55 -7.92 27.78
N ASP A 48 -37.37 -7.77 28.38
CA ASP A 48 -36.96 -6.51 28.98
C ASP A 48 -36.37 -5.61 27.91
N VAL A 49 -37.25 -4.96 27.15
CA VAL A 49 -36.83 -3.99 26.16
C VAL A 49 -36.52 -2.69 26.89
N VAL A 50 -35.23 -2.35 26.99
CA VAL A 50 -34.86 -1.15 27.72
C VAL A 50 -34.93 0.08 26.83
N HIS A 51 -34.69 -0.07 25.52
CA HIS A 51 -34.76 1.04 24.60
C HIS A 51 -35.39 0.57 23.30
N SER A 52 -36.06 1.49 22.63
CA SER A 52 -36.63 1.23 21.31
C SER A 52 -36.64 2.55 20.55
N PHE A 53 -35.81 2.64 19.53
CA PHE A 53 -35.68 3.85 18.73
C PHE A 53 -36.13 3.57 17.31
N LYS A 54 -36.99 4.43 16.79
CA LYS A 54 -37.42 4.35 15.40
C LYS A 54 -36.73 5.43 14.60
N VAL A 55 -36.18 5.05 13.45
CA VAL A 55 -35.46 5.98 12.59
C VAL A 55 -36.48 6.80 11.82
N LEU A 56 -36.38 8.13 11.93
CA LEU A 56 -37.32 9.00 11.25
C LEU A 56 -37.01 9.05 9.76
N GLY A 57 -38.03 8.86 8.94
CA GLY A 57 -37.87 8.87 7.51
C GLY A 57 -37.60 7.53 6.88
N SER A 58 -37.69 6.44 7.63
CA SER A 58 -37.46 5.10 7.09
C SER A 58 -38.28 4.11 7.92
N SER A 59 -38.16 2.84 7.58
CA SER A 59 -38.88 1.78 8.26
C SER A 59 -38.02 1.04 9.26
N ARG A 60 -36.85 1.56 9.60
CA ARG A 60 -35.94 0.90 10.52
C ARG A 60 -36.28 1.25 11.97
N VAL A 61 -36.26 0.24 12.82
CA VAL A 61 -36.48 0.42 14.26
C VAL A 61 -35.48 -0.47 15.00
N ILE A 62 -34.95 0.05 16.10
CA ILE A 62 -33.93 -0.64 16.88
C ILE A 62 -34.49 -0.94 18.26
N PHE A 63 -34.46 -2.21 18.65
CA PHE A 63 -34.87 -2.62 19.99
C PHE A 63 -33.66 -3.12 20.75
N VAL A 64 -33.40 -2.54 21.92
CA VAL A 64 -32.33 -3.00 22.79
C VAL A 64 -32.97 -3.83 23.90
N VAL A 65 -32.62 -5.10 23.97
CA VAL A 65 -33.21 -6.04 24.92
C VAL A 65 -32.15 -6.38 25.95
N LYS A 66 -32.43 -6.09 27.21
CA LYS A 66 -31.53 -6.45 28.29
C LYS A 66 -31.69 -7.95 28.56
N MET A 67 -30.60 -8.70 28.42
CA MET A 67 -30.68 -10.15 28.50
C MET A 67 -30.64 -10.62 29.95
N ARG A 68 -31.54 -11.53 30.28
CA ARG A 68 -31.57 -12.19 31.58
C ARG A 68 -31.34 -13.69 31.35
N GLU A 69 -31.45 -14.47 32.43
CA GLU A 69 -31.19 -15.90 32.33
C GLU A 69 -32.26 -16.60 31.49
N ASP A 70 -33.51 -16.13 31.55
CA ASP A 70 -34.58 -16.73 30.78
C ASP A 70 -34.89 -15.97 29.50
N SER A 71 -34.16 -14.90 29.23
CA SER A 71 -34.46 -14.07 28.06
C SER A 71 -34.10 -14.79 26.77
N TYR A 72 -33.11 -15.68 26.80
CA TYR A 72 -32.64 -16.30 25.58
C TYR A 72 -33.64 -17.31 25.03
N GLU A 73 -34.25 -18.09 25.92
CA GLU A 73 -35.29 -19.04 25.49
C GLU A 73 -36.50 -18.30 24.92
N LYS A 74 -36.94 -17.25 25.60
CA LYS A 74 -38.07 -16.47 25.10
C LYS A 74 -37.76 -15.86 23.74
N LEU A 75 -36.54 -15.33 23.57
CA LEU A 75 -36.16 -14.78 22.29
C LEU A 75 -36.04 -15.85 21.22
N SER A 76 -35.66 -17.08 21.59
CA SER A 76 -35.61 -18.18 20.65
C SER A 76 -36.99 -18.61 20.19
N LYS A 77 -38.03 -18.37 20.98
CA LYS A 77 -39.38 -18.71 20.56
C LYS A 77 -40.05 -17.62 19.72
N ILE A 78 -39.36 -16.53 19.42
CA ILE A 78 -39.95 -15.38 18.75
C ILE A 78 -39.35 -15.26 17.36
N ASN A 79 -40.21 -15.12 16.35
CA ASN A 79 -39.79 -14.86 14.98
C ASN A 79 -40.40 -13.53 14.55
N LEU A 80 -39.54 -12.52 14.37
CA LEU A 80 -40.02 -11.20 13.98
C LEU A 80 -40.10 -11.09 12.47
N PRO A 81 -41.19 -10.56 11.92
CA PRO A 81 -41.33 -10.45 10.46
C PRO A 81 -40.36 -9.44 9.88
N GLY A 82 -40.02 -9.65 8.62
CA GLY A 82 -39.18 -8.71 7.90
C GLY A 82 -37.71 -9.04 7.98
N ASP A 83 -36.90 -8.05 7.56
CA ASP A 83 -35.45 -8.16 7.64
C ASP A 83 -35.02 -7.80 9.06
N VAL A 84 -34.58 -8.79 9.82
CA VAL A 84 -34.24 -8.62 11.22
C VAL A 84 -32.82 -9.11 11.44
N TYR A 85 -32.03 -8.31 12.15
CA TYR A 85 -30.69 -8.69 12.58
C TYR A 85 -30.63 -8.69 14.09
N SER A 86 -30.09 -9.75 14.66
CA SER A 86 -29.98 -9.91 16.11
C SER A 86 -28.50 -9.90 16.48
N ILE A 87 -28.06 -8.86 17.17
CA ILE A 87 -26.66 -8.61 17.40
C ILE A 87 -26.39 -8.55 18.90
N PRO A 88 -25.60 -9.46 19.46
CA PRO A 88 -25.20 -9.32 20.87
C PRO A 88 -24.38 -8.06 21.09
N ALA A 89 -24.58 -7.43 22.24
CA ALA A 89 -23.99 -6.13 22.49
C ALA A 89 -23.74 -5.95 23.98
N GLY A 90 -22.89 -4.98 24.29
CA GLY A 90 -22.63 -4.60 25.66
C GLY A 90 -22.68 -3.09 25.80
N ASP A 91 -22.68 -2.65 27.05
CA ASP A 91 -22.72 -1.22 27.35
C ASP A 91 -21.38 -0.57 26.98
N LEU A 92 -21.45 0.53 26.24
CA LEU A 92 -20.23 1.21 25.82
C LEU A 92 -19.49 1.83 27.01
N SER A 93 -20.23 2.30 28.02
CA SER A 93 -19.58 2.84 29.20
C SER A 93 -18.82 1.75 29.96
N ASP A 94 -19.33 0.52 29.98
CA ASP A 94 -18.59 -0.57 30.59
C ASP A 94 -17.27 -0.81 29.88
N LYS A 95 -17.29 -0.80 28.55
CA LYS A 95 -16.06 -0.99 27.78
C LYS A 95 -15.09 0.15 28.03
N MET A 96 -15.60 1.39 28.10
CA MET A 96 -14.73 2.53 28.35
C MET A 96 -14.12 2.45 29.75
N GLN A 97 -14.89 1.98 30.73
CA GLN A 97 -14.33 1.78 32.06
C GLN A 97 -13.25 0.70 32.05
N SER A 98 -13.44 -0.34 31.26
CA SER A 98 -12.45 -1.41 31.19
C SER A 98 -11.11 -0.92 30.66
N VAL A 99 -11.12 0.11 29.81
CA VAL A 99 -9.88 0.68 29.30
C VAL A 99 -9.44 1.90 30.14
N GLY A 100 -9.99 2.05 31.34
CA GLY A 100 -9.53 3.07 32.24
C GLY A 100 -10.01 4.47 31.95
N VAL A 101 -11.12 4.61 31.23
CA VAL A 101 -11.70 5.92 30.92
C VAL A 101 -12.96 6.08 31.76
N GLU A 102 -13.10 7.24 32.38
CA GLU A 102 -14.27 7.53 33.21
C GLU A 102 -15.35 8.16 32.35
N TRP A 103 -16.50 7.50 32.27
CA TRP A 103 -17.64 7.97 31.50
C TRP A 103 -18.85 8.07 32.40
N LYS A 104 -19.53 9.22 32.35
CA LYS A 104 -20.77 9.37 33.09
C LYS A 104 -21.85 8.48 32.50
N ARG A 105 -22.56 7.76 33.36
CA ARG A 105 -23.66 6.92 32.95
C ARG A 105 -24.97 7.65 33.23
N TRP A 106 -25.80 7.78 32.21
CA TRP A 106 -27.07 8.47 32.34
C TRP A 106 -28.18 7.48 32.63
N ASP A 107 -29.15 7.91 33.44
CA ASP A 107 -30.26 7.03 33.76
C ASP A 107 -31.24 6.91 32.60
N ASP A 108 -31.54 8.01 31.93
CA ASP A 108 -32.54 8.00 30.87
C ASP A 108 -32.24 9.11 29.88
N LEU A 109 -32.91 9.06 28.75
CA LEU A 109 -32.72 9.99 27.66
C LEU A 109 -33.84 11.03 27.63
N PRO A 110 -33.55 12.24 27.15
CA PRO A 110 -34.51 13.35 27.28
C PRO A 110 -35.69 13.28 26.33
N ASP A 111 -35.78 12.26 25.47
CA ASP A 111 -36.95 12.06 24.61
C ASP A 111 -37.00 13.07 23.47
N ALA A 112 -36.10 14.05 23.48
CA ALA A 112 -36.05 15.05 22.42
C ALA A 112 -34.63 15.14 21.86
N ASN A 113 -34.54 15.55 20.60
CA ASN A 113 -33.28 15.83 19.93
C ASN A 113 -32.38 14.60 19.82
N LEU A 114 -32.94 13.40 19.80
CA LEU A 114 -32.13 12.19 19.82
C LEU A 114 -31.46 11.96 18.47
N THR A 115 -30.18 11.61 18.50
CA THR A 115 -29.38 11.39 17.31
C THR A 115 -28.58 10.12 17.50
N LEU A 116 -28.59 9.26 16.49
CA LEU A 116 -27.90 7.98 16.53
C LEU A 116 -26.66 8.04 15.65
N PHE A 117 -25.51 7.70 16.23
CA PHE A 117 -24.24 7.57 15.54
C PHE A 117 -23.84 6.11 15.53
N GLU A 118 -23.61 5.55 14.34
CA GLU A 118 -23.06 4.22 14.19
C GLU A 118 -21.64 4.37 13.66
N ARG A 119 -20.66 3.91 14.44
CA ARG A 119 -19.27 4.07 14.06
C ARG A 119 -18.59 2.72 14.01
N THR A 120 -17.90 2.46 12.90
CA THR A 120 -17.12 1.25 12.70
C THR A 120 -15.66 1.64 12.53
N LEU A 121 -14.78 1.01 13.32
CA LEU A 121 -13.36 1.31 13.30
C LEU A 121 -12.65 0.40 12.31
N GLU A 122 -11.83 0.98 11.45
CA GLU A 122 -11.00 0.23 10.51
C GLU A 122 -9.57 0.74 10.66
N LEU A 123 -8.86 0.21 11.65
CA LEU A 123 -7.48 0.62 11.92
C LEU A 123 -6.57 -0.38 11.23
N LYS A 124 -6.27 -0.11 9.96
CA LYS A 124 -5.52 -1.04 9.14
C LYS A 124 -4.10 -1.22 9.67
N GLY A 125 -3.65 -2.47 9.74
CA GLY A 125 -2.29 -2.76 10.13
C GLY A 125 -1.96 -2.52 11.58
N GLU A 126 -2.97 -2.49 12.45
CA GLU A 126 -2.67 -2.29 13.85
C GLU A 126 -2.95 -3.56 14.64
N PRO A 127 -2.14 -3.88 15.63
CA PRO A 127 -2.48 -4.97 16.53
C PRO A 127 -3.61 -4.59 17.47
N LEU A 128 -4.06 -5.51 18.31
CA LEU A 128 -5.14 -5.20 19.23
C LEU A 128 -4.74 -4.12 20.23
N GLU A 129 -3.47 -4.11 20.64
CA GLU A 129 -2.99 -3.11 21.58
C GLU A 129 -3.02 -1.71 20.97
N GLY A 130 -2.68 -1.59 19.68
CA GLY A 130 -2.75 -0.29 19.04
C GLY A 130 -4.16 0.25 18.96
N LEU A 131 -5.12 -0.61 18.62
CA LEU A 131 -6.52 -0.19 18.62
C LEU A 131 -6.99 0.18 20.02
N ALA A 132 -6.57 -0.57 21.03
CA ALA A 132 -6.94 -0.23 22.41
C ALA A 132 -6.37 1.12 22.81
N SER A 133 -5.13 1.41 22.41
CA SER A 133 -4.54 2.71 22.72
C SER A 133 -5.29 3.86 22.04
N HIS A 134 -5.61 3.69 20.76
CA HIS A 134 -6.37 4.73 20.03
C HIS A 134 -7.72 4.97 20.71
N MET A 135 -8.41 3.89 21.11
CA MET A 135 -9.76 4.03 21.72
C MET A 135 -9.65 4.67 23.11
N LYS A 136 -8.64 4.30 23.88
CA LYS A 136 -8.43 4.92 25.22
C LYS A 136 -8.21 6.43 25.03
N ALA A 137 -7.34 6.83 24.10
CA ALA A 137 -7.09 8.25 23.90
C ALA A 137 -8.35 8.98 23.42
N PHE A 138 -9.08 8.37 22.48
CA PHE A 138 -10.30 8.99 21.99
C PHE A 138 -11.35 9.13 23.09
N GLY A 139 -11.50 8.08 23.90
CA GLY A 139 -12.47 8.15 25.00
C GLY A 139 -12.11 9.21 26.02
N GLU A 140 -10.83 9.33 26.34
CA GLU A 140 -10.41 10.39 27.26
C GLU A 140 -10.71 11.76 26.69
N LYS A 141 -10.46 11.96 25.39
CA LYS A 141 -10.73 13.25 24.79
C LYS A 141 -12.22 13.57 24.78
N VAL A 142 -13.06 12.56 24.51
CA VAL A 142 -14.48 12.82 24.29
C VAL A 142 -15.32 12.69 25.56
N SER A 143 -14.72 12.28 26.68
CA SER A 143 -15.51 12.05 27.89
C SER A 143 -16.18 13.31 28.42
N HIS A 144 -15.58 14.48 28.23
CA HIS A 144 -16.19 15.70 28.74
C HIS A 144 -17.47 16.03 27.98
N VAL A 145 -17.43 15.96 26.66
CA VAL A 145 -18.63 16.16 25.86
C VAL A 145 -19.66 15.09 26.18
N MET A 146 -19.21 13.84 26.34
CA MET A 146 -20.12 12.76 26.67
C MET A 146 -20.79 13.01 28.01
N GLU A 147 -20.10 13.72 28.90
CA GLU A 147 -20.68 14.06 30.23
C GLU A 147 -21.68 15.21 30.06
N LEU A 148 -21.46 16.06 29.06
CA LEU A 148 -22.35 17.21 28.87
C LEU A 148 -23.77 16.79 28.49
N TYR A 149 -23.91 15.84 27.57
CA TYR A 149 -25.20 15.54 26.98
C TYR A 149 -25.66 14.12 27.31
N PRO A 150 -26.94 13.93 27.61
CA PRO A 150 -27.42 12.58 27.92
C PRO A 150 -27.24 11.66 26.73
N ASN A 151 -26.81 10.43 27.01
CA ASN A 151 -26.48 9.52 25.94
C ASN A 151 -26.56 8.09 26.45
N LYS A 152 -26.74 7.18 25.52
CA LYS A 152 -26.68 5.74 25.76
C LYS A 152 -25.86 5.11 24.65
N GLY A 153 -24.89 4.31 25.03
CA GLY A 153 -23.99 3.70 24.07
C GLY A 153 -23.93 2.21 24.19
N PHE A 154 -23.79 1.53 23.06
CA PHE A 154 -23.65 0.09 23.01
C PHE A 154 -22.57 -0.24 21.99
N TYR A 155 -21.87 -1.34 22.24
CA TYR A 155 -20.87 -1.84 21.31
C TYR A 155 -21.18 -3.30 21.00
N LEU A 156 -20.79 -3.74 19.81
CA LEU A 156 -21.09 -5.11 19.42
C LEU A 156 -20.09 -6.07 20.04
N LEU A 157 -20.60 -7.12 20.68
CA LEU A 157 -19.77 -8.02 21.47
C LEU A 157 -18.88 -8.86 20.57
N GLY A 158 -17.58 -8.86 20.87
CA GLY A 158 -16.63 -9.69 20.15
C GLY A 158 -16.62 -9.47 18.66
N ARG A 159 -17.00 -8.29 18.21
CA ARG A 159 -17.22 -8.03 16.80
C ARG A 159 -16.01 -7.30 16.21
N THR A 160 -15.59 -7.75 15.05
CA THR A 160 -14.46 -7.14 14.37
C THR A 160 -14.81 -7.00 12.89
N PRO A 161 -14.78 -5.80 12.31
CA PRO A 161 -14.34 -4.51 12.89
C PRO A 161 -15.24 -4.02 14.00
N PRO A 162 -14.67 -3.38 15.02
CA PRO A 162 -15.48 -2.92 16.15
C PRO A 162 -16.53 -1.92 15.71
N LYS A 163 -17.71 -2.00 16.33
CA LYS A 163 -18.85 -1.18 15.94
C LYS A 163 -19.59 -0.73 17.18
N ALA A 164 -20.01 0.54 17.17
CA ALA A 164 -20.72 1.13 18.30
C ALA A 164 -21.94 1.91 17.81
N PHE A 165 -23.02 1.83 18.58
CA PHE A 165 -24.24 2.61 18.42
C PHE A 165 -24.34 3.56 19.60
N VAL A 166 -24.42 4.86 19.35
CA VAL A 166 -24.54 5.85 20.41
C VAL A 166 -25.73 6.74 20.12
N ILE A 167 -26.68 6.81 21.05
CA ILE A 167 -27.82 7.71 20.94
C ILE A 167 -27.61 8.84 21.93
N VAL A 168 -27.53 10.06 21.42
CA VAL A 168 -27.24 11.23 22.23
C VAL A 168 -28.26 12.32 21.92
N SER A 169 -28.69 13.04 22.97
CA SER A 169 -29.62 14.19 22.75
C SER A 169 -28.77 15.43 22.46
N LEU A 170 -28.94 16.02 21.28
CA LEU A 170 -28.10 17.18 20.88
C LEU A 170 -29.00 18.42 20.76
N PRO A 171 -28.84 19.43 21.63
CA PRO A 171 -29.22 20.80 21.28
C PRO A 171 -28.37 21.25 20.11
N PHE A 172 -28.77 22.35 19.47
CA PHE A 172 -28.04 22.88 18.29
C PHE A 172 -27.81 21.75 17.28
N ARG A 173 -28.65 20.71 17.32
CA ARG A 173 -28.31 19.40 16.70
C ARG A 173 -27.72 19.52 15.30
N CYS A 174 -28.32 20.31 14.41
CA CYS A 174 -27.85 20.29 13.00
C CYS A 174 -26.33 20.46 12.86
N ARG A 175 -25.75 21.56 13.38
CA ARG A 175 -24.30 21.69 13.29
C ARG A 175 -23.59 20.83 14.33
N GLN A 176 -24.26 20.54 15.44
CA GLN A 176 -23.67 19.66 16.44
C GLN A 176 -23.48 18.25 15.91
N VAL A 177 -24.23 17.86 14.88
CA VAL A 177 -24.04 16.55 14.28
C VAL A 177 -22.67 16.47 13.63
N ARG A 178 -22.35 17.45 12.80
CA ARG A 178 -21.02 17.50 12.19
C ARG A 178 -19.93 17.66 13.25
N TYR A 179 -20.17 18.50 14.25
CA TYR A 179 -19.17 18.70 15.29
C TYR A 179 -18.91 17.41 16.06
N GLY A 180 -19.96 16.68 16.41
CA GLY A 180 -19.78 15.44 17.13
C GLY A 180 -19.14 14.36 16.30
N SER A 181 -19.49 14.28 15.02
CA SER A 181 -18.84 13.30 14.16
C SER A 181 -17.35 13.61 14.00
N ASP A 182 -17.00 14.88 13.85
CA ASP A 182 -15.62 15.26 13.62
C ASP A 182 -14.78 15.34 14.89
N PHE A 183 -15.40 15.29 16.07
CA PHE A 183 -14.68 15.57 17.30
C PHE A 183 -13.62 14.51 17.57
N ALA A 184 -12.37 14.96 17.75
CA ALA A 184 -11.25 14.11 18.15
C ALA A 184 -11.06 12.94 17.19
N LEU A 185 -11.34 13.16 15.91
CA LEU A 185 -11.24 12.07 14.95
C LEU A 185 -9.80 11.70 14.67
N ASN A 186 -8.87 12.64 14.84
CA ASN A 186 -7.46 12.32 14.64
C ASN A 186 -6.97 11.29 15.65
N TYR A 187 -7.61 11.22 16.82
CA TYR A 187 -7.26 10.20 17.79
C TYR A 187 -7.68 8.81 17.34
N LEU A 188 -8.55 8.72 16.33
CA LEU A 188 -8.90 7.45 15.70
C LEU A 188 -8.24 7.30 14.34
N ASN A 189 -7.08 7.93 14.16
CA ASN A 189 -6.26 7.85 12.95
C ASN A 189 -6.88 8.59 11.77
N GLY A 190 -7.70 9.60 12.04
CA GLY A 190 -8.18 10.46 10.99
C GLY A 190 -9.48 10.01 10.34
N PRO A 191 -9.97 10.81 9.39
CA PRO A 191 -11.30 10.55 8.82
C PRO A 191 -11.38 9.36 7.89
N GLY A 192 -10.26 8.64 7.68
CA GLY A 192 -10.27 7.54 6.71
C GLY A 192 -10.16 6.18 7.36
N ASP A 193 -9.92 6.13 8.67
CA ASP A 193 -9.73 4.82 9.37
C ASP A 193 -10.99 4.47 10.14
N SER A 194 -12.12 5.12 9.82
CA SER A 194 -13.40 4.80 10.48
C SER A 194 -14.57 5.26 9.62
N SER A 195 -15.71 4.58 9.73
CA SER A 195 -16.91 4.99 9.00
C SER A 195 -18.00 5.35 10.00
N THR A 196 -18.75 6.39 9.69
CA THR A 196 -19.79 6.91 10.56
C THR A 196 -21.09 7.09 9.77
N LYS A 197 -22.19 6.69 10.39
CA LYS A 197 -23.52 6.87 9.83
C LYS A 197 -24.40 7.51 10.89
N VAL A 198 -25.15 8.54 10.50
CA VAL A 198 -25.95 9.32 11.43
C VAL A 198 -27.42 9.19 11.06
N GLU A 199 -28.27 9.05 12.08
CA GLU A 199 -29.70 9.00 11.90
C GLU A 199 -30.38 9.87 12.94
N PHE A 200 -31.57 10.34 12.61
CA PHE A 200 -32.46 10.99 13.56
C PHE A 200 -33.47 9.96 14.04
N VAL A 201 -33.53 9.75 15.35
CA VAL A 201 -34.40 8.72 15.90
C VAL A 201 -35.35 9.35 16.89
N ALA A 202 -36.46 8.65 17.12
CA ALA A 202 -37.43 9.02 18.13
C ALA A 202 -37.72 7.80 18.99
N LYS A 203 -38.05 8.05 20.25
CA LYS A 203 -38.42 6.97 21.14
C LYS A 203 -39.67 6.27 20.62
N ALA A 204 -39.62 4.95 20.54
CA ALA A 204 -40.73 4.19 20.00
C ALA A 204 -41.70 3.80 21.10
N ASN B 21 -27.51 26.88 12.37
CA ASN B 21 -28.95 26.81 12.18
C ASN B 21 -29.39 25.36 12.01
N LYS B 22 -30.64 25.16 11.59
CA LYS B 22 -31.18 23.84 11.38
C LYS B 22 -31.04 23.43 9.92
N GLU B 23 -30.47 22.26 9.71
CA GLU B 23 -30.24 21.68 8.39
C GLU B 23 -31.41 20.76 8.05
N TYR B 24 -31.22 19.83 7.12
CA TYR B 24 -32.32 19.11 6.51
C TYR B 24 -32.17 17.60 6.68
N LEU B 25 -33.18 16.88 6.20
CA LEU B 25 -33.17 15.43 6.14
C LEU B 25 -33.55 15.02 4.73
N LEU B 26 -32.74 14.16 4.13
CA LEU B 26 -32.96 13.67 2.78
C LEU B 26 -33.58 12.27 2.84
N LEU B 27 -34.66 12.08 2.10
CA LEU B 27 -35.34 10.80 1.96
C LEU B 27 -35.12 10.31 0.54
N ASP B 28 -34.51 9.13 0.42
CA ASP B 28 -34.25 8.49 -0.87
C ASP B 28 -35.22 7.32 -0.99
N ILE B 29 -36.23 7.48 -1.83
CA ILE B 29 -37.34 6.52 -1.92
C ILE B 29 -37.29 5.86 -3.29
N ARG B 30 -37.50 4.54 -3.33
CA ARG B 30 -37.30 3.84 -4.60
C ARG B 30 -38.57 3.24 -5.17
N ASP B 31 -39.28 2.36 -4.48
CA ASP B 31 -40.34 1.60 -5.15
C ASP B 31 -41.71 2.22 -4.97
N ALA B 32 -41.80 3.55 -4.99
CA ALA B 32 -43.06 4.26 -4.81
C ALA B 32 -43.27 5.23 -5.96
N THR B 33 -44.54 5.53 -6.22
CA THR B 33 -44.89 6.51 -7.24
C THR B 33 -44.94 7.91 -6.64
N THR B 34 -44.91 8.90 -7.53
CA THR B 34 -44.95 10.29 -7.07
C THR B 34 -46.23 10.58 -6.31
N SER B 35 -47.36 10.07 -6.81
CA SER B 35 -48.63 10.33 -6.16
C SER B 35 -48.66 9.75 -4.74
N GLU B 36 -48.13 8.55 -4.56
CA GLU B 36 -48.10 7.96 -3.22
C GLU B 36 -47.24 8.79 -2.28
N ILE B 37 -46.08 9.24 -2.75
CA ILE B 37 -45.17 9.99 -1.90
C ILE B 37 -45.77 11.34 -1.54
N ILE B 38 -46.47 11.98 -2.48
CA ILE B 38 -47.10 13.26 -2.19
C ILE B 38 -48.29 13.07 -1.26
N SER B 39 -49.00 11.95 -1.38
CA SER B 39 -50.14 11.69 -0.49
C SER B 39 -49.67 11.55 0.96
N ALA B 40 -48.71 10.67 1.21
CA ALA B 40 -47.97 10.76 2.45
C ALA B 40 -47.15 12.04 2.43
N LEU B 41 -46.46 12.34 3.53
CA LEU B 41 -45.70 13.57 3.63
C LEU B 41 -46.57 14.79 3.39
N ARG B 42 -47.89 14.65 3.56
CA ARG B 42 -48.81 15.71 3.19
C ARG B 42 -48.65 16.94 4.08
N ASP B 43 -48.43 16.72 5.36
CA ASP B 43 -48.22 17.83 6.29
C ASP B 43 -46.76 18.15 6.54
N VAL B 44 -45.85 17.44 5.89
CA VAL B 44 -44.42 17.66 6.08
C VAL B 44 -43.97 18.79 5.15
N GLU B 45 -43.21 19.73 5.70
CA GLU B 45 -42.65 20.81 4.89
C GLU B 45 -41.47 20.30 4.08
N ILE B 46 -41.56 20.46 2.77
CA ILE B 46 -40.58 19.88 1.84
C ILE B 46 -39.74 21.01 1.28
N GLU B 47 -38.43 20.91 1.46
CA GLU B 47 -37.50 21.88 0.88
C GLU B 47 -37.32 21.65 -0.62
N LEU B 48 -37.24 20.38 -1.04
CA LEU B 48 -36.99 20.08 -2.44
C LEU B 48 -37.46 18.65 -2.72
N LYS B 49 -37.97 18.42 -3.92
CA LYS B 49 -38.34 17.05 -4.29
C LYS B 49 -38.09 16.84 -5.77
N VAL B 50 -37.39 15.76 -6.10
CA VAL B 50 -37.08 15.42 -7.48
C VAL B 50 -37.37 13.94 -7.71
N LYS B 51 -37.58 13.60 -8.97
CA LYS B 51 -37.73 12.22 -9.42
C LYS B 51 -36.72 11.92 -10.50
N ALA B 52 -36.00 10.82 -10.36
CA ALA B 52 -35.04 10.42 -11.39
C ALA B 52 -35.78 10.08 -12.68
N LYS B 53 -35.27 10.59 -13.79
CA LYS B 53 -35.96 10.43 -15.06
C LYS B 53 -35.91 8.97 -15.52
N GLY B 54 -37.08 8.43 -15.85
CA GLY B 54 -37.18 7.05 -16.28
C GLY B 54 -37.09 6.03 -15.18
N ILE B 55 -37.04 6.46 -13.92
CA ILE B 55 -36.73 5.59 -12.79
C ILE B 55 -37.74 5.84 -11.68
N ALA B 56 -38.11 4.76 -10.99
CA ALA B 56 -38.78 4.88 -9.71
C ALA B 56 -37.71 5.22 -8.67
N ARG B 57 -37.36 6.49 -8.60
CA ARG B 57 -36.47 7.00 -7.58
C ARG B 57 -36.80 8.45 -7.32
N HIS B 58 -36.99 8.77 -6.04
CA HIS B 58 -37.37 10.10 -5.61
C HIS B 58 -36.41 10.53 -4.51
N LEU B 59 -36.03 11.81 -4.55
CA LEU B 59 -35.25 12.42 -3.49
C LEU B 59 -36.05 13.57 -2.92
N ILE B 60 -36.33 13.51 -1.62
CA ILE B 60 -37.12 14.53 -0.93
C ILE B 60 -36.28 15.09 0.20
N VAL B 61 -35.93 16.37 0.11
CA VAL B 61 -35.23 17.08 1.17
C VAL B 61 -36.28 17.85 1.97
N VAL B 62 -36.42 17.50 3.24
CA VAL B 62 -37.39 18.10 4.14
C VAL B 62 -36.67 18.85 5.25
N LYS B 63 -37.25 19.94 5.69
CA LYS B 63 -36.65 20.76 6.73
C LYS B 63 -36.66 20.02 8.06
N GLN B 64 -35.60 20.19 8.84
CA GLN B 64 -35.50 19.57 10.16
C GLN B 64 -35.94 20.60 11.20
N ASN B 65 -37.21 20.53 11.57
CA ASN B 65 -37.74 21.26 12.72
C ASN B 65 -38.57 20.31 13.56
N ASP B 66 -39.08 20.81 14.67
CA ASP B 66 -39.81 19.94 15.60
C ASP B 66 -41.06 19.37 14.97
N ALA B 67 -41.82 20.21 14.25
CA ALA B 67 -43.06 19.75 13.64
C ALA B 67 -42.80 18.69 12.59
N ASN B 68 -41.80 18.90 11.74
CA ASN B 68 -41.50 17.93 10.69
C ASN B 68 -41.07 16.59 11.27
N LEU B 69 -40.21 16.61 12.29
CA LEU B 69 -39.77 15.37 12.91
C LEU B 69 -40.92 14.66 13.61
N GLN B 70 -41.78 15.42 14.28
CA GLN B 70 -42.93 14.81 14.92
C GLN B 70 -43.86 14.15 13.90
N LYS B 71 -44.12 14.83 12.78
CA LYS B 71 -44.96 14.22 11.75
C LYS B 71 -44.29 12.99 11.14
N LEU B 72 -42.98 13.08 10.87
CA LEU B 72 -42.27 11.93 10.31
C LEU B 72 -42.27 10.74 11.26
N GLY B 73 -42.34 10.99 12.56
CA GLY B 73 -42.44 9.87 13.48
C GLY B 73 -43.75 9.12 13.46
N GLU B 74 -44.75 9.63 12.73
CA GLU B 74 -46.07 9.04 12.74
C GLU B 74 -46.56 8.57 11.38
N ILE B 75 -45.75 8.65 10.34
CA ILE B 75 -46.18 8.25 9.01
C ILE B 75 -45.28 7.15 8.50
N ASP B 76 -45.81 6.39 7.55
CA ASP B 76 -45.08 5.33 6.87
C ASP B 76 -44.74 5.81 5.46
N ILE B 77 -43.45 5.81 5.13
CA ILE B 77 -43.01 6.22 3.80
C ILE B 77 -43.26 5.06 2.84
N PRO B 78 -43.97 5.29 1.73
CA PRO B 78 -44.21 4.21 0.79
C PRO B 78 -42.94 3.76 0.09
N GLY B 79 -42.94 2.51 -0.35
CA GLY B 79 -41.76 1.99 -1.01
C GLY B 79 -40.64 1.72 -0.03
N ARG B 80 -39.43 1.65 -0.57
CA ARG B 80 -38.23 1.48 0.23
C ARG B 80 -37.52 2.83 0.35
N SER B 81 -37.28 3.26 1.58
CA SER B 81 -36.80 4.59 1.88
C SER B 81 -35.53 4.52 2.72
N CYS B 82 -34.59 5.41 2.42
CA CYS B 82 -33.37 5.59 3.21
C CYS B 82 -33.25 7.05 3.58
N SER B 83 -33.04 7.33 4.86
CA SER B 83 -32.98 8.70 5.35
C SER B 83 -31.54 9.06 5.72
N THR B 84 -31.16 10.28 5.40
CA THR B 84 -29.82 10.79 5.64
C THR B 84 -29.89 12.24 6.09
N PRO B 85 -29.45 12.57 7.30
CA PRO B 85 -29.34 13.99 7.67
C PRO B 85 -28.34 14.69 6.77
N VAL B 86 -28.73 15.83 6.22
CA VAL B 86 -27.89 16.54 5.28
C VAL B 86 -27.79 18.00 5.68
N GLU B 87 -26.67 18.61 5.33
CA GLU B 87 -26.41 20.01 5.59
C GLU B 87 -26.20 20.72 4.26
N ASP B 88 -26.81 21.89 4.11
CA ASP B 88 -26.62 22.68 2.91
C ASP B 88 -25.15 23.06 2.77
N LEU B 89 -24.55 22.72 1.62
CA LEU B 89 -23.13 22.94 1.44
C LEU B 89 -22.77 24.41 1.45
N ASP B 90 -23.70 25.28 1.07
CA ASP B 90 -23.47 26.72 1.19
C ASP B 90 -23.19 27.11 2.63
N ASN B 91 -23.98 26.57 3.57
CA ASN B 91 -23.80 26.89 4.98
C ASN B 91 -22.46 26.38 5.50
N LEU B 92 -22.06 25.17 5.11
CA LEU B 92 -20.76 24.66 5.53
C LEU B 92 -19.62 25.51 4.98
N MET B 93 -19.70 25.87 3.70
CA MET B 93 -18.66 26.69 3.11
C MET B 93 -18.57 28.05 3.80
N GLU B 94 -19.72 28.64 4.12
CA GLU B 94 -19.72 29.89 4.86
C GLU B 94 -19.15 29.70 6.26
N ASP B 95 -19.41 28.54 6.87
CA ASP B 95 -18.85 28.24 8.18
C ASP B 95 -17.33 28.23 8.14
N ILE B 96 -16.73 27.69 7.08
CA ILE B 96 -15.28 27.67 6.98
C ILE B 96 -14.75 28.89 6.22
N GLY B 97 -15.59 29.90 6.02
CA GLY B 97 -15.12 31.17 5.53
C GLY B 97 -15.14 31.40 4.04
N ILE B 98 -15.85 30.56 3.27
CA ILE B 98 -15.96 30.71 1.82
C ILE B 98 -17.41 31.04 1.49
N SER B 99 -17.60 32.08 0.69
CA SER B 99 -18.93 32.60 0.38
C SER B 99 -19.33 32.15 -1.02
N TRP B 100 -20.26 31.23 -1.11
CA TRP B 100 -20.77 30.76 -2.38
C TRP B 100 -21.96 31.60 -2.84
N PRO B 101 -22.18 31.72 -4.15
CA PRO B 101 -23.19 32.68 -4.65
C PRO B 101 -24.62 32.36 -4.25
N ARG B 102 -24.96 31.09 -4.01
CA ARG B 102 -26.31 30.68 -3.65
C ARG B 102 -27.34 31.08 -4.72
N ASN B 103 -27.19 30.47 -5.90
CA ASN B 103 -28.11 30.69 -7.00
C ASN B 103 -29.23 29.66 -6.95
N GLU B 104 -30.47 30.13 -7.02
CA GLU B 104 -31.63 29.27 -6.83
C GLU B 104 -31.75 28.25 -7.95
N LEU B 105 -31.95 26.98 -7.59
CA LEU B 105 -32.02 25.91 -8.57
C LEU B 105 -33.26 26.05 -9.44
N THR B 106 -33.10 25.73 -10.72
CA THR B 106 -34.13 25.88 -11.73
C THR B 106 -34.64 24.49 -12.12
N ASN B 107 -35.69 24.43 -12.94
CA ASN B 107 -36.31 23.17 -13.34
C ASN B 107 -35.80 22.71 -14.71
N VAL B 108 -34.73 23.32 -15.22
CA VAL B 108 -34.22 23.00 -16.56
C VAL B 108 -32.91 22.25 -16.42
N ASN B 109 -32.80 21.09 -17.08
CA ASN B 109 -31.59 20.29 -17.13
C ASN B 109 -31.09 19.93 -15.73
N VAL B 110 -32.02 19.55 -14.85
CA VAL B 110 -31.66 19.24 -13.47
C VAL B 110 -30.83 17.96 -13.44
N THR B 111 -29.59 18.07 -12.97
CA THR B 111 -28.65 16.97 -12.95
C THR B 111 -28.12 16.78 -11.55
N LEU B 112 -28.10 15.54 -11.09
CA LEU B 112 -27.62 15.20 -9.76
C LEU B 112 -26.29 14.48 -9.88
N PHE B 113 -25.25 15.08 -9.31
CA PHE B 113 -23.95 14.44 -9.15
C PHE B 113 -23.86 13.93 -7.72
N GLU B 114 -23.66 12.63 -7.57
CA GLU B 114 -23.42 12.03 -6.26
C GLU B 114 -21.96 11.68 -6.17
N ARG B 115 -21.23 12.34 -5.28
CA ARG B 115 -19.80 12.12 -5.15
C ARG B 115 -19.47 11.61 -3.75
N THR B 116 -18.69 10.53 -3.70
CA THR B 116 -18.15 9.99 -2.47
C THR B 116 -16.63 10.13 -2.49
N LEU B 117 -16.05 10.59 -1.39
CA LEU B 117 -14.62 10.83 -1.29
C LEU B 117 -13.95 9.70 -0.54
N ASP B 118 -12.78 9.29 -1.02
CA ASP B 118 -11.96 8.28 -0.35
C ASP B 118 -10.80 8.99 0.32
N LEU B 119 -10.91 9.16 1.64
CA LEU B 119 -9.83 9.69 2.45
C LEU B 119 -9.08 8.52 3.04
N LYS B 120 -7.88 8.25 2.56
CA LYS B 120 -7.06 7.19 3.11
C LYS B 120 -5.72 7.79 3.49
N ASP B 121 -5.31 7.55 4.73
CA ASP B 121 -4.08 8.14 5.28
C ASP B 121 -4.11 9.66 5.19
N LYS B 122 -5.27 10.25 5.46
CA LYS B 122 -5.44 11.68 5.53
C LYS B 122 -5.76 12.07 6.96
N THR B 123 -5.24 13.22 7.40
CA THR B 123 -5.62 13.78 8.68
C THR B 123 -6.83 14.68 8.50
N MET B 124 -7.42 15.09 9.63
CA MET B 124 -8.55 16.02 9.56
C MET B 124 -8.11 17.35 8.97
N GLU B 125 -6.88 17.77 9.26
CA GLU B 125 -6.37 19.01 8.70
C GLU B 125 -6.29 18.94 7.18
N GLN B 126 -5.82 17.82 6.64
CA GLN B 126 -5.75 17.67 5.20
C GLN B 126 -7.14 17.67 4.57
N PHE B 127 -8.09 17.01 5.22
CA PHE B 127 -9.47 17.00 4.75
C PHE B 127 -10.02 18.41 4.68
N TRP B 128 -9.80 19.20 5.73
CA TRP B 128 -10.36 20.55 5.75
C TRP B 128 -9.64 21.47 4.77
N SER B 129 -8.32 21.33 4.63
CA SER B 129 -7.62 22.18 3.69
C SER B 129 -8.01 21.85 2.25
N GLU B 130 -8.24 20.58 1.96
CA GLU B 130 -8.73 20.20 0.64
C GLU B 130 -10.14 20.74 0.40
N ALA B 131 -11.01 20.66 1.41
CA ALA B 131 -12.35 21.20 1.25
C ALA B 131 -12.31 22.70 1.00
N LYS B 132 -11.45 23.42 1.73
CA LYS B 132 -11.30 24.86 1.51
C LYS B 132 -10.78 25.16 0.11
N ALA B 133 -9.78 24.40 -0.34
CA ALA B 133 -9.23 24.63 -1.67
C ALA B 133 -10.29 24.41 -2.75
N TYR B 134 -11.09 23.34 -2.61
CA TYR B 134 -12.15 23.10 -3.58
C TYR B 134 -13.19 24.21 -3.55
N GLY B 135 -13.60 24.64 -2.35
CA GLY B 135 -14.57 25.71 -2.26
C GLY B 135 -14.08 26.98 -2.91
N GLN B 136 -12.82 27.35 -2.66
CA GLN B 136 -12.25 28.53 -3.29
C GLN B 136 -12.17 28.38 -4.79
N LEU B 137 -11.83 27.18 -5.27
CA LEU B 137 -11.67 26.99 -6.70
C LEU B 137 -12.99 27.10 -7.44
N VAL B 138 -14.07 26.54 -6.88
CA VAL B 138 -15.34 26.55 -7.59
C VAL B 138 -16.21 27.74 -7.22
N LYS B 139 -15.81 28.57 -6.25
CA LYS B 139 -16.61 29.75 -5.94
C LYS B 139 -16.82 30.67 -7.13
N PRO B 140 -15.81 31.03 -7.93
CA PRO B 140 -16.08 31.93 -9.07
C PRO B 140 -16.81 31.29 -10.22
N VAL B 141 -16.81 29.95 -10.32
CA VAL B 141 -17.46 29.32 -11.45
C VAL B 141 -18.94 29.05 -11.18
N LEU B 142 -19.36 29.03 -9.92
CA LEU B 142 -20.75 28.80 -9.60
C LEU B 142 -21.61 30.02 -9.85
N SER B 143 -21.01 31.18 -10.09
CA SER B 143 -21.79 32.39 -10.31
C SER B 143 -22.56 32.34 -11.61
N SER B 144 -22.22 31.44 -12.52
CA SER B 144 -22.91 31.30 -13.79
C SER B 144 -23.84 30.10 -13.84
N PHE B 145 -24.04 29.41 -12.72
CA PHE B 145 -24.87 28.21 -12.70
C PHE B 145 -25.84 28.28 -11.53
N THR B 146 -27.00 27.66 -11.71
CA THR B 146 -27.96 27.48 -10.64
C THR B 146 -27.82 26.08 -10.08
N TYR B 147 -27.87 25.96 -8.77
CA TYR B 147 -27.45 24.74 -8.12
C TYR B 147 -28.07 24.65 -6.73
N ARG B 148 -27.93 23.47 -6.13
CA ARG B 148 -28.28 23.23 -4.74
C ARG B 148 -27.50 22.01 -4.28
N ALA B 149 -26.62 22.19 -3.31
CA ALA B 149 -25.74 21.12 -2.88
C ALA B 149 -26.00 20.79 -1.42
N PHE B 150 -26.00 19.50 -1.13
CA PHE B 150 -26.17 18.99 0.23
C PHE B 150 -25.05 18.01 0.53
N LYS B 151 -24.59 17.99 1.76
CA LYS B 151 -23.56 17.08 2.21
C LYS B 151 -24.15 16.19 3.29
N ALA B 152 -23.90 14.89 3.21
CA ALA B 152 -24.34 13.99 4.26
C ALA B 152 -23.75 14.44 5.59
N ASN B 153 -24.60 14.88 6.51
CA ASN B 153 -24.14 15.50 7.75
C ASN B 153 -23.53 14.48 8.67
N GLY B 154 -22.24 14.63 8.96
CA GLY B 154 -21.56 13.77 9.89
C GLY B 154 -21.29 12.37 9.41
N ALA B 155 -21.25 12.16 8.10
CA ALA B 155 -21.08 10.82 7.54
C ALA B 155 -19.67 10.64 7.01
N TYR B 156 -19.10 9.46 7.26
CA TYR B 156 -17.82 9.08 6.71
C TYR B 156 -17.98 7.70 6.07
N PRO B 157 -17.60 7.53 4.80
CA PRO B 157 -16.97 8.48 3.87
C PRO B 157 -17.84 9.67 3.51
N PRO B 158 -17.22 10.82 3.23
CA PRO B 158 -17.99 12.01 2.86
C PRO B 158 -18.78 11.77 1.58
N LYS B 159 -20.00 12.31 1.55
CA LYS B 159 -20.90 12.11 0.44
C LYS B 159 -21.60 13.44 0.16
N VAL B 160 -21.66 13.81 -1.11
CA VAL B 160 -22.28 15.06 -1.53
C VAL B 160 -23.28 14.79 -2.64
N TYR B 161 -24.48 15.35 -2.49
CA TYR B 161 -25.51 15.37 -3.52
C TYR B 161 -25.53 16.79 -4.09
N PHE B 162 -25.14 16.94 -5.35
CA PHE B 162 -24.99 18.24 -5.99
C PHE B 162 -25.97 18.33 -7.14
N PHE B 163 -27.01 19.15 -7.00
CA PHE B 163 -27.94 19.39 -8.09
C PHE B 163 -27.50 20.63 -8.85
N VAL B 164 -27.37 20.51 -10.17
CA VAL B 164 -26.96 21.62 -11.02
C VAL B 164 -27.90 21.70 -12.21
N ASN B 165 -28.07 22.90 -12.74
CA ASN B 165 -28.67 23.10 -14.05
C ASN B 165 -27.56 23.46 -15.01
N LEU B 166 -27.28 22.57 -15.96
CA LEU B 166 -26.16 22.74 -16.85
C LEU B 166 -26.43 21.97 -18.14
N PRO B 167 -25.81 22.36 -19.25
CA PRO B 167 -25.98 21.61 -20.49
C PRO B 167 -25.41 20.21 -20.38
N ARG B 168 -26.03 19.27 -21.11
CA ARG B 168 -25.61 17.87 -21.06
C ARG B 168 -24.23 17.65 -21.70
N GLU B 169 -23.70 18.64 -22.42
CA GLU B 169 -22.35 18.55 -22.96
C GLU B 169 -21.28 18.92 -21.96
N ASN B 170 -21.65 19.41 -20.78
CA ASN B 170 -20.70 19.85 -19.77
C ASN B 170 -20.48 18.83 -18.67
N LEU B 171 -21.13 17.67 -18.73
CA LEU B 171 -21.10 16.73 -17.62
C LEU B 171 -19.68 16.29 -17.30
N ASN B 172 -18.87 16.03 -18.32
CA ASN B 172 -17.49 15.65 -18.08
C ASN B 172 -16.69 16.79 -17.48
N ASP B 173 -16.93 18.02 -17.93
CA ASP B 173 -16.19 19.16 -17.40
C ASP B 173 -16.55 19.40 -15.94
N ALA B 174 -17.84 19.50 -15.64
CA ALA B 174 -18.27 19.83 -14.29
C ALA B 174 -17.79 18.80 -13.29
N SER B 175 -17.82 17.53 -13.66
CA SER B 175 -17.38 16.48 -12.74
C SER B 175 -15.87 16.50 -12.54
N SER B 176 -15.11 16.99 -13.51
CA SER B 176 -13.66 16.94 -13.42
C SER B 176 -13.04 18.22 -12.88
N LYS B 177 -13.85 19.24 -12.62
CA LYS B 177 -13.32 20.50 -12.10
C LYS B 177 -12.89 20.32 -10.66
N GLY B 178 -11.60 20.46 -10.40
CA GLY B 178 -11.06 20.30 -9.07
C GLY B 178 -10.94 18.87 -8.60
N ILE B 179 -11.05 17.90 -9.49
CA ILE B 179 -10.99 16.49 -9.09
C ILE B 179 -9.63 16.17 -8.49
N ASP B 180 -8.58 16.89 -8.88
CA ASP B 180 -7.25 16.62 -8.37
C ASP B 180 -7.06 17.08 -6.93
N ILE B 181 -7.89 18.02 -6.45
CA ILE B 181 -7.73 18.54 -5.10
C ILE B 181 -7.93 17.42 -4.08
N PHE B 182 -8.86 16.51 -4.33
CA PHE B 182 -9.15 15.43 -3.41
C PHE B 182 -8.38 14.16 -3.72
N GLY B 183 -7.48 14.19 -4.68
CA GLY B 183 -6.64 13.04 -4.99
C GLY B 183 -6.80 12.47 -6.37
N GLY B 184 -7.66 13.04 -7.23
CA GLY B 184 -7.77 12.56 -8.59
C GLY B 184 -8.99 11.68 -8.81
N PRO B 185 -9.24 11.32 -10.05
CA PRO B 185 -10.46 10.54 -10.38
C PRO B 185 -10.49 9.15 -9.78
N GLY B 186 -9.35 8.61 -9.35
CA GLY B 186 -9.37 7.32 -8.69
C GLY B 186 -9.76 7.35 -7.24
N LYS B 187 -9.89 8.54 -6.65
CA LYS B 187 -10.20 8.68 -5.24
C LYS B 187 -11.56 9.32 -4.98
N ALA B 188 -12.26 9.78 -6.01
CA ALA B 188 -13.58 10.37 -5.86
C ALA B 188 -14.52 9.64 -6.80
N ARG B 189 -15.49 8.92 -6.24
CA ARG B 189 -16.44 8.16 -7.05
C ARG B 189 -17.67 9.02 -7.30
N THR B 190 -17.96 9.28 -8.57
CA THR B 190 -19.06 10.14 -8.97
C THR B 190 -20.04 9.37 -9.83
N THR B 191 -21.32 9.57 -9.58
CA THR B 191 -22.38 9.11 -10.46
C THR B 191 -23.25 10.28 -10.86
N VAL B 192 -23.82 10.21 -12.06
CA VAL B 192 -24.62 11.27 -12.64
C VAL B 192 -26.01 10.75 -12.91
N GLN B 193 -27.03 11.56 -12.62
CA GLN B 193 -28.41 11.17 -12.84
C GLN B 193 -29.24 12.37 -13.27
N TYR B 194 -30.01 12.22 -14.34
CA TYR B 194 -30.95 13.26 -14.72
C TYR B 194 -32.20 13.13 -13.87
N VAL B 195 -32.71 14.28 -13.39
CA VAL B 195 -33.89 14.29 -12.53
C VAL B 195 -34.84 15.37 -13.01
N THR B 196 -36.08 15.27 -12.53
CA THR B 196 -37.12 16.26 -12.74
C THR B 196 -37.47 16.87 -11.40
N LYS B 197 -37.48 18.20 -11.32
CA LYS B 197 -37.90 18.88 -10.10
C LYS B 197 -39.42 18.84 -10.04
N LEU B 198 -39.95 18.38 -8.90
CA LEU B 198 -41.37 18.13 -8.74
C LEU B 198 -42.13 19.33 -8.18
N SER B 199 -41.66 20.55 -8.46
CA SER B 199 -42.36 21.76 -8.07
C SER B 199 -42.51 21.87 -6.55
N PRO C 20 -22.41 16.76 -31.70
CA PRO C 20 -22.26 15.59 -30.85
C PRO C 20 -23.55 15.26 -30.12
N HIS C 21 -23.90 13.98 -30.06
CA HIS C 21 -25.15 13.55 -29.48
C HIS C 21 -24.94 13.07 -28.06
N ASN C 22 -25.92 13.32 -27.20
CA ASN C 22 -25.95 12.79 -25.86
C ASN C 22 -26.85 11.56 -25.82
N TYR C 23 -26.51 10.63 -24.96
CA TYR C 23 -27.20 9.34 -24.92
C TYR C 23 -27.56 8.98 -23.50
N LEU C 24 -28.51 8.08 -23.39
CA LEU C 24 -28.93 7.51 -22.12
C LEU C 24 -28.86 6.00 -22.25
N ILE C 25 -28.10 5.34 -21.38
CA ILE C 25 -27.98 3.90 -21.39
C ILE C 25 -28.79 3.36 -20.22
N MET C 26 -29.82 2.58 -20.53
CA MET C 26 -30.74 2.02 -19.55
C MET C 26 -30.38 0.54 -19.41
N ASP C 27 -29.83 0.17 -18.26
CA ASP C 27 -29.54 -1.22 -17.96
C ASP C 27 -30.68 -1.69 -17.05
N ILE C 28 -31.51 -2.59 -17.57
CA ILE C 28 -32.77 -2.95 -16.95
C ILE C 28 -32.73 -4.42 -16.53
N GLU C 29 -33.12 -4.70 -15.29
CA GLU C 29 -33.43 -6.05 -14.84
C GLU C 29 -34.90 -6.00 -14.44
N PRO C 30 -35.81 -6.34 -15.36
CA PRO C 30 -37.24 -6.14 -15.10
C PRO C 30 -37.76 -7.15 -14.10
N PRO C 31 -38.90 -6.88 -13.48
CA PRO C 31 -39.50 -7.87 -12.58
C PRO C 31 -40.00 -9.07 -13.35
N LYS C 32 -40.33 -10.13 -12.62
CA LYS C 32 -40.76 -11.37 -13.25
C LYS C 32 -42.06 -11.19 -14.02
N SER C 33 -42.99 -10.41 -13.45
CA SER C 33 -44.27 -10.20 -14.12
C SER C 33 -44.10 -9.42 -15.42
N VAL C 34 -43.25 -8.42 -15.44
CA VAL C 34 -43.02 -7.61 -16.63
C VAL C 34 -42.07 -8.36 -17.55
N SER C 35 -42.37 -8.37 -18.85
CA SER C 35 -41.55 -9.10 -19.81
C SER C 35 -41.71 -8.49 -21.18
N GLU C 36 -40.68 -7.76 -21.62
CA GLU C 36 -40.59 -7.20 -22.99
C GLU C 36 -41.86 -6.39 -23.33
N ARG C 37 -42.52 -5.87 -22.28
CA ARG C 37 -43.44 -4.71 -22.36
C ARG C 37 -42.63 -3.44 -22.07
N ASP C 38 -41.40 -3.61 -21.58
CA ASP C 38 -40.43 -2.50 -21.40
C ASP C 38 -40.26 -1.76 -22.73
N ILE C 39 -40.28 -2.49 -23.84
CA ILE C 39 -40.14 -1.85 -25.17
C ILE C 39 -41.33 -0.92 -25.36
N LEU C 40 -42.55 -1.43 -25.11
CA LEU C 40 -43.73 -0.57 -25.24
C LEU C 40 -43.61 0.68 -24.39
N ASN C 41 -43.00 0.58 -23.21
CA ASN C 41 -42.81 1.75 -22.36
C ASN C 41 -41.97 2.81 -23.05
N LEU C 42 -40.89 2.41 -23.71
CA LEU C 42 -39.98 3.36 -24.33
C LEU C 42 -40.21 3.56 -25.83
N LEU C 43 -41.17 2.85 -26.42
CA LEU C 43 -41.17 2.69 -27.87
C LEU C 43 -41.68 3.94 -28.57
N SER C 44 -42.97 4.25 -28.39
CA SER C 44 -43.52 5.42 -29.07
C SER C 44 -42.85 6.72 -28.62
N PRO C 45 -42.66 6.99 -27.33
CA PRO C 45 -42.14 8.31 -26.96
C PRO C 45 -40.67 8.53 -27.27
N LEU C 46 -39.82 7.54 -27.00
CA LEU C 46 -38.38 7.76 -26.98
C LEU C 46 -37.73 7.34 -28.30
N GLN C 47 -36.63 8.01 -28.61
CA GLN C 47 -35.81 7.66 -29.77
C GLN C 47 -34.81 6.62 -29.32
N VAL C 48 -35.17 5.35 -29.48
CA VAL C 48 -34.35 4.24 -29.01
C VAL C 48 -33.39 3.86 -30.12
N LYS C 49 -32.10 4.15 -29.91
CA LYS C 49 -31.10 3.82 -30.92
C LYS C 49 -30.80 2.33 -30.95
N HIS C 50 -30.70 1.69 -29.78
CA HIS C 50 -30.38 0.27 -29.74
C HIS C 50 -31.16 -0.41 -28.62
N SER C 51 -31.53 -1.66 -28.85
CA SER C 51 -32.17 -2.49 -27.84
C SER C 51 -31.52 -3.86 -27.88
N PHE C 52 -31.00 -4.31 -26.74
CA PHE C 52 -30.34 -5.60 -26.67
C PHE C 52 -30.83 -6.35 -25.44
N ARG C 53 -30.75 -7.67 -25.51
CA ARG C 53 -30.98 -8.52 -24.35
C ARG C 53 -29.73 -9.35 -24.12
N VAL C 54 -29.28 -9.42 -22.87
CA VAL C 54 -28.15 -10.27 -22.54
C VAL C 54 -28.54 -11.71 -22.78
N THR C 55 -27.83 -12.38 -23.67
CA THR C 55 -28.18 -13.73 -24.09
C THR C 55 -28.18 -14.68 -22.90
N GLY C 56 -29.25 -15.48 -22.79
CA GLY C 56 -29.40 -16.39 -21.68
C GLY C 56 -30.03 -15.80 -20.44
N SER C 57 -30.55 -14.58 -20.50
CA SER C 57 -31.13 -13.94 -19.33
C SER C 57 -32.20 -12.96 -19.78
N THR C 58 -32.83 -12.30 -18.81
CA THR C 58 -33.84 -11.29 -19.08
C THR C 58 -33.30 -9.87 -18.98
N ARG C 59 -32.01 -9.70 -18.73
CA ARG C 59 -31.43 -8.37 -18.62
C ARG C 59 -31.44 -7.66 -19.97
N LEU C 60 -31.81 -6.38 -19.94
CA LEU C 60 -31.94 -5.59 -21.15
C LEU C 60 -30.98 -4.40 -21.10
N LEU C 61 -30.48 -4.05 -22.29
CA LEU C 61 -29.57 -2.87 -22.41
C LEU C 61 -30.13 -1.99 -23.54
N ILE C 62 -30.61 -0.80 -23.19
CA ILE C 62 -31.23 0.12 -24.13
C ILE C 62 -30.33 1.34 -24.29
N VAL C 63 -30.12 1.77 -25.53
CA VAL C 63 -29.39 2.99 -25.81
C VAL C 63 -30.35 3.96 -26.47
N ILE C 64 -30.52 5.13 -25.86
CA ILE C 64 -31.50 6.13 -26.24
C ILE C 64 -30.75 7.39 -26.64
N ARG C 65 -31.10 7.97 -27.78
CA ARG C 65 -30.55 9.26 -28.16
C ARG C 65 -31.35 10.36 -27.47
N LEU C 66 -30.67 11.18 -26.68
CA LEU C 66 -31.33 12.16 -25.82
C LEU C 66 -31.49 13.47 -26.58
N ASP C 67 -32.48 13.51 -27.45
CA ASP C 67 -32.88 14.78 -28.04
C ASP C 67 -33.83 15.49 -27.07
N ALA C 68 -34.21 16.72 -27.41
CA ALA C 68 -35.02 17.51 -26.50
C ALA C 68 -36.38 16.85 -26.25
N GLN C 69 -37.01 16.34 -27.30
CA GLN C 69 -38.32 15.71 -27.14
C GLN C 69 -38.24 14.46 -26.27
N SER C 70 -37.23 13.62 -26.50
CA SER C 70 -37.08 12.42 -25.69
C SER C 70 -36.79 12.76 -24.24
N TYR C 71 -35.94 13.77 -24.02
CA TYR C 71 -35.61 14.19 -22.66
C TYR C 71 -36.86 14.67 -21.94
N GLU C 72 -37.67 15.48 -22.61
CA GLU C 72 -38.91 15.94 -21.99
C GLU C 72 -39.88 14.81 -21.74
N LYS C 73 -39.96 13.86 -22.69
CA LYS C 73 -40.94 12.75 -22.56
C LYS C 73 -40.55 11.83 -21.40
N LEU C 74 -39.25 11.73 -21.11
CA LEU C 74 -38.85 10.82 -20.04
C LEU C 74 -39.51 11.15 -18.71
N ASP C 75 -40.18 12.30 -18.61
CA ASP C 75 -40.82 12.70 -17.36
C ASP C 75 -41.90 11.71 -16.93
N GLU C 76 -42.68 11.22 -17.88
CA GLU C 76 -43.83 10.37 -17.57
C GLU C 76 -43.56 8.89 -17.83
N ILE C 77 -42.29 8.49 -17.85
CA ILE C 77 -41.91 7.10 -18.07
C ILE C 77 -41.24 6.58 -16.81
N THR C 78 -41.69 5.42 -16.34
CA THR C 78 -41.08 4.74 -15.20
C THR C 78 -40.84 3.29 -15.58
N VAL C 79 -39.58 2.94 -15.79
CA VAL C 79 -39.25 1.54 -16.10
C VAL C 79 -39.20 0.75 -14.79
N PRO C 80 -39.96 -0.34 -14.69
CA PRO C 80 -39.95 -1.13 -13.46
C PRO C 80 -38.70 -1.99 -13.34
N GLY C 81 -38.51 -2.52 -12.14
CA GLY C 81 -37.39 -3.41 -11.88
C GLY C 81 -36.18 -2.70 -11.34
N LYS C 82 -35.04 -3.36 -11.44
CA LYS C 82 -33.76 -2.79 -11.03
C LYS C 82 -33.12 -2.15 -12.25
N VAL C 83 -33.19 -0.83 -12.34
CA VAL C 83 -32.81 -0.10 -13.54
C VAL C 83 -31.76 0.93 -13.20
N GLU C 84 -30.66 0.91 -13.96
CA GLU C 84 -29.63 1.93 -13.89
C GLU C 84 -29.68 2.77 -15.16
N VAL C 85 -29.61 4.08 -15.00
CA VAL C 85 -29.64 5.01 -16.12
C VAL C 85 -28.34 5.80 -16.12
N ILE C 86 -27.55 5.63 -17.17
CA ILE C 86 -26.22 6.21 -17.27
C ILE C 86 -26.24 7.25 -18.39
N PRO C 87 -26.07 8.54 -18.09
CA PRO C 87 -25.80 9.51 -19.16
C PRO C 87 -24.49 9.15 -19.85
N ALA C 88 -24.46 9.33 -21.17
CA ALA C 88 -23.31 8.85 -21.93
C ALA C 88 -23.08 9.75 -23.13
N VAL C 89 -21.84 9.69 -23.62
CA VAL C 89 -21.46 10.35 -24.86
C VAL C 89 -20.82 9.31 -25.76
N ASN C 90 -20.76 9.63 -27.05
CA ASN C 90 -20.02 8.81 -27.98
C ASN C 90 -18.53 9.04 -27.77
N MET C 91 -17.80 7.99 -27.41
CA MET C 91 -16.41 8.17 -27.04
C MET C 91 -15.54 8.49 -28.27
N ALA C 92 -16.02 8.20 -29.47
CA ALA C 92 -15.32 8.63 -30.66
C ALA C 92 -15.24 10.15 -30.73
N ASP C 93 -16.30 10.83 -30.28
CA ASP C 93 -16.25 12.30 -30.21
C ASP C 93 -15.19 12.76 -29.22
N THR C 94 -15.07 12.08 -28.08
CA THR C 94 -14.03 12.42 -27.12
C THR C 94 -12.65 12.22 -27.73
N MET C 95 -12.44 11.12 -28.44
CA MET C 95 -11.16 10.88 -29.07
C MET C 95 -10.84 11.94 -30.12
N GLU C 96 -11.85 12.33 -30.90
CA GLU C 96 -11.65 13.39 -31.88
C GLU C 96 -11.25 14.70 -31.20
N ARG C 97 -11.89 15.01 -30.07
CA ARG C 97 -11.53 16.19 -29.31
C ARG C 97 -10.08 16.14 -28.82
N CYS C 98 -9.57 14.94 -28.55
CA CYS C 98 -8.20 14.76 -28.09
C CYS C 98 -7.21 14.56 -29.22
N GLY C 99 -7.65 14.63 -30.48
CA GLY C 99 -6.76 14.49 -31.60
C GLY C 99 -6.57 13.09 -32.14
N VAL C 100 -7.33 12.12 -31.65
CA VAL C 100 -7.27 10.74 -32.14
C VAL C 100 -8.39 10.54 -33.15
N SER C 101 -8.02 9.96 -34.30
CA SER C 101 -8.98 9.73 -35.40
C SER C 101 -9.43 8.27 -35.39
N TRP C 102 -10.71 8.05 -35.11
CA TRP C 102 -11.33 6.73 -35.09
C TRP C 102 -12.28 6.58 -36.28
N PRO C 103 -12.46 5.36 -36.79
CA PRO C 103 -13.43 5.16 -37.86
C PRO C 103 -14.84 5.50 -37.39
N ARG C 104 -15.60 6.12 -38.27
CA ARG C 104 -16.99 6.50 -38.00
C ARG C 104 -17.89 5.51 -38.72
N VAL C 105 -18.34 4.49 -38.00
CA VAL C 105 -19.16 3.43 -38.58
C VAL C 105 -20.43 3.29 -37.77
N GLU C 106 -21.46 2.74 -38.41
CA GLU C 106 -22.73 2.47 -37.78
C GLU C 106 -22.83 0.98 -37.52
N LEU C 107 -22.95 0.61 -36.25
CA LEU C 107 -23.13 -0.79 -35.89
C LEU C 107 -24.49 -1.24 -36.40
N THR C 108 -24.49 -2.20 -37.31
CA THR C 108 -25.72 -2.68 -37.93
C THR C 108 -25.97 -4.16 -37.75
N ASP C 109 -24.91 -4.96 -37.62
CA ASP C 109 -25.08 -6.41 -37.57
C ASP C 109 -25.93 -6.82 -36.38
N ASP C 110 -26.78 -7.82 -36.60
CA ASP C 110 -27.69 -8.31 -35.56
C ASP C 110 -26.97 -9.17 -34.52
N ASN C 111 -25.73 -9.56 -34.75
CA ASN C 111 -24.95 -10.31 -33.77
C ASN C 111 -23.88 -9.39 -33.21
N VAL C 112 -23.91 -9.18 -31.89
CA VAL C 112 -23.12 -8.14 -31.24
C VAL C 112 -22.57 -8.67 -29.92
N THR C 113 -21.33 -8.28 -29.62
CA THR C 113 -20.72 -8.47 -28.32
C THR C 113 -20.57 -7.12 -27.63
N LEU C 114 -20.87 -7.07 -26.34
CA LEU C 114 -20.76 -5.87 -25.55
C LEU C 114 -19.65 -6.03 -24.52
N PHE C 115 -18.74 -5.07 -24.48
CA PHE C 115 -17.67 -5.04 -23.48
C PHE C 115 -17.93 -3.87 -22.55
N GLU C 116 -18.06 -4.15 -21.25
CA GLU C 116 -18.17 -3.13 -20.23
C GLU C 116 -16.83 -2.97 -19.54
N SER C 117 -16.27 -1.76 -19.59
CA SER C 117 -14.94 -1.51 -19.06
C SER C 117 -14.99 -0.42 -18.00
N GLU C 118 -14.24 -0.63 -16.92
CA GLU C 118 -14.12 0.35 -15.85
C GLU C 118 -12.71 0.37 -15.30
N SER C 119 -12.21 1.55 -15.00
CA SER C 119 -10.91 1.71 -14.37
C SER C 119 -11.04 1.59 -12.86
N THR C 120 -10.25 0.72 -12.25
CA THR C 120 -10.24 0.54 -10.81
C THR C 120 -8.89 0.94 -10.23
N LEU C 121 -8.31 2.00 -10.77
CA LEU C 121 -7.01 2.51 -10.35
C LEU C 121 -7.23 3.64 -9.35
N THR C 122 -6.71 3.48 -8.15
CA THR C 122 -6.97 4.45 -7.08
C THR C 122 -5.98 5.61 -7.08
N ASP C 123 -4.75 5.39 -7.52
CA ASP C 123 -3.72 6.42 -7.53
C ASP C 123 -3.50 6.83 -8.99
N VAL C 124 -4.20 7.86 -9.42
CA VAL C 124 -4.07 8.35 -10.78
C VAL C 124 -4.48 9.82 -10.81
N THR C 125 -3.73 10.61 -11.56
CA THR C 125 -4.02 12.02 -11.73
C THR C 125 -4.94 12.24 -12.92
N LYS C 126 -5.52 13.43 -12.99
CA LYS C 126 -6.37 13.78 -14.13
C LYS C 126 -5.58 13.76 -15.43
N GLU C 127 -4.39 14.36 -15.43
CA GLU C 127 -3.58 14.38 -16.63
C GLU C 127 -3.02 13.01 -16.96
N GLN C 128 -2.71 12.21 -15.93
CA GLN C 128 -2.30 10.84 -16.16
C GLN C 128 -3.41 10.02 -16.80
N LEU C 129 -4.64 10.21 -16.32
CA LEU C 129 -5.79 9.54 -16.92
C LEU C 129 -6.00 9.97 -18.36
N LYS C 130 -5.86 11.26 -18.64
CA LYS C 130 -5.99 11.73 -20.02
C LYS C 130 -4.91 11.12 -20.91
N ALA C 131 -3.67 11.02 -20.40
CA ALA C 131 -2.61 10.40 -21.16
C ALA C 131 -2.93 8.94 -21.46
N MET C 132 -3.44 8.21 -20.48
CA MET C 132 -3.79 6.81 -20.70
C MET C 132 -4.94 6.67 -21.69
N LEU C 133 -5.93 7.55 -21.60
CA LEU C 133 -7.06 7.49 -22.54
C LEU C 133 -6.62 7.78 -23.96
N ILE C 134 -5.77 8.80 -24.15
CA ILE C 134 -5.26 9.11 -25.49
C ILE C 134 -4.42 7.96 -26.00
N GLY C 135 -3.59 7.36 -25.15
CA GLY C 135 -2.79 6.23 -25.57
C GLY C 135 -3.63 5.05 -25.98
N TYR C 136 -4.70 4.77 -25.23
CA TYR C 136 -5.62 3.69 -25.58
C TYR C 136 -6.29 3.96 -26.92
N GLY C 137 -6.73 5.20 -27.15
CA GLY C 137 -7.35 5.53 -28.42
C GLY C 137 -6.40 5.36 -29.59
N GLU C 138 -5.17 5.83 -29.43
CA GLU C 138 -4.18 5.66 -30.49
C GLU C 138 -3.87 4.19 -30.73
N HIS C 139 -3.77 3.42 -29.65
CA HIS C 139 -3.50 1.99 -29.79
C HIS C 139 -4.61 1.27 -30.53
N MET C 140 -5.86 1.61 -30.23
CA MET C 140 -6.98 0.92 -30.86
C MET C 140 -7.32 1.46 -32.23
N SER C 141 -6.80 2.63 -32.60
CA SER C 141 -7.13 3.21 -33.90
C SER C 141 -6.82 2.26 -35.05
N GLY C 142 -5.69 1.55 -34.96
CA GLY C 142 -5.33 0.62 -36.02
C GLY C 142 -6.26 -0.58 -36.10
N LEU C 143 -6.61 -1.14 -34.94
CA LEU C 143 -7.38 -2.38 -34.91
C LEU C 143 -8.87 -2.17 -35.12
N LEU C 144 -9.35 -0.94 -35.12
CA LEU C 144 -10.76 -0.66 -35.30
C LEU C 144 -11.15 -0.44 -36.75
N GLN C 145 -10.18 -0.51 -37.65
CA GLN C 145 -10.48 -0.20 -39.08
C GLN C 145 -11.40 -1.29 -39.65
N ALA C 146 -11.12 -2.56 -39.38
CA ALA C 146 -11.91 -3.67 -39.93
C ALA C 146 -12.99 -4.12 -38.96
N HIS C 147 -13.81 -3.17 -38.47
CA HIS C 147 -14.81 -3.50 -37.47
C HIS C 147 -15.89 -2.43 -37.50
N ARG C 148 -17.10 -2.84 -37.16
CA ARG C 148 -18.21 -1.93 -36.91
C ARG C 148 -18.47 -1.93 -35.41
N PHE C 149 -18.44 -0.75 -34.80
CA PHE C 149 -18.37 -0.65 -33.36
C PHE C 149 -19.00 0.66 -32.91
N GLU C 150 -19.28 0.73 -31.62
CA GLU C 150 -19.79 1.95 -30.99
C GLU C 150 -19.32 2.00 -29.55
N TYR C 151 -18.62 3.08 -29.21
CA TYR C 151 -18.16 3.33 -27.85
C TYR C 151 -19.07 4.36 -27.19
N TYR C 152 -19.51 4.06 -25.97
CA TYR C 152 -20.30 4.98 -25.17
C TYR C 152 -19.62 5.14 -23.82
N GLN C 153 -19.16 6.34 -23.53
CA GLN C 153 -18.51 6.64 -22.27
C GLN C 153 -19.51 7.26 -21.30
N ALA C 154 -19.49 6.79 -20.06
CA ALA C 154 -20.36 7.32 -19.02
C ALA C 154 -19.96 8.75 -18.70
N ALA C 155 -20.77 9.71 -19.15
CA ALA C 155 -20.40 11.12 -19.04
C ALA C 155 -20.45 11.59 -17.60
N GLY C 156 -19.35 12.17 -17.13
CA GLY C 156 -19.28 12.74 -15.81
C GLY C 156 -19.03 11.75 -14.69
N ALA C 157 -18.92 10.47 -14.99
CA ALA C 157 -18.73 9.46 -13.96
C ALA C 157 -17.25 9.22 -13.71
N THR C 158 -16.89 9.10 -12.44
CA THR C 158 -15.56 8.71 -12.05
C THR C 158 -15.62 7.51 -11.14
N PRO C 159 -14.74 6.53 -11.31
CA PRO C 159 -13.66 6.46 -12.28
C PRO C 159 -14.15 6.17 -13.69
N HIS C 160 -13.26 6.21 -14.68
CA HIS C 160 -13.64 6.08 -16.08
C HIS C 160 -14.40 4.80 -16.35
N ARG C 161 -15.42 4.89 -17.20
CA ARG C 161 -16.31 3.77 -17.47
C ARG C 161 -16.86 3.90 -18.88
N HIS C 162 -16.84 2.82 -19.64
CA HIS C 162 -17.40 2.85 -20.98
C HIS C 162 -17.94 1.49 -21.39
N PHE C 163 -18.70 1.51 -22.48
CA PHE C 163 -19.32 0.34 -23.09
C PHE C 163 -18.94 0.31 -24.55
N VAL C 164 -18.67 -0.87 -25.07
CA VAL C 164 -18.31 -1.07 -26.47
C VAL C 164 -19.28 -2.09 -27.05
N PHE C 165 -19.94 -1.73 -28.15
CA PHE C 165 -20.69 -2.69 -28.93
C PHE C 165 -19.91 -2.98 -30.21
N VAL C 166 -19.60 -4.25 -30.45
CA VAL C 166 -18.75 -4.63 -31.57
C VAL C 166 -19.33 -5.85 -32.25
N ASN C 167 -18.97 -6.04 -33.52
CA ASN C 167 -19.40 -7.22 -34.27
C ASN C 167 -18.84 -8.49 -33.65
N SER C 168 -19.73 -9.42 -33.32
CA SER C 168 -19.34 -10.66 -32.67
C SER C 168 -18.71 -11.57 -33.71
N VAL C 169 -17.39 -11.54 -33.78
CA VAL C 169 -16.63 -12.54 -34.53
C VAL C 169 -16.07 -13.53 -33.51
N PRO C 170 -16.46 -14.80 -33.56
CA PRO C 170 -15.89 -15.77 -32.62
C PRO C 170 -14.40 -15.90 -32.83
N ASP C 171 -13.71 -16.28 -31.75
CA ASP C 171 -12.25 -16.32 -31.69
C ASP C 171 -11.62 -14.94 -31.82
N GLU C 172 -12.41 -13.90 -31.59
CA GLU C 172 -11.91 -12.54 -31.54
C GLU C 172 -12.29 -11.83 -30.25
N ILE C 173 -13.04 -12.48 -29.36
CA ILE C 173 -13.42 -11.87 -28.08
C ILE C 173 -12.18 -11.61 -27.24
N GLU C 174 -11.29 -12.58 -27.16
CA GLU C 174 -10.08 -12.42 -26.34
C GLU C 174 -9.23 -11.26 -26.83
N VAL C 175 -9.05 -11.17 -28.15
CA VAL C 175 -8.20 -10.13 -28.72
C VAL C 175 -8.78 -8.75 -28.43
N PHE C 176 -10.08 -8.57 -28.66
CA PHE C 176 -10.67 -7.26 -28.43
C PHE C 176 -10.70 -6.93 -26.94
N GLY C 177 -10.91 -7.93 -26.09
CA GLY C 177 -10.96 -7.68 -24.66
C GLY C 177 -9.61 -7.27 -24.09
N ARG C 178 -8.54 -7.91 -24.55
CA ARG C 178 -7.24 -7.69 -23.94
C ARG C 178 -6.44 -6.56 -24.58
N GLU C 179 -6.91 -5.98 -25.68
CA GLU C 179 -6.15 -4.92 -26.34
C GLU C 179 -6.19 -3.65 -25.52
N GLY C 180 -5.01 -3.11 -25.22
CA GLY C 180 -4.92 -1.86 -24.47
C GLY C 180 -5.08 -1.99 -22.98
N VAL C 181 -5.19 -3.21 -22.44
CA VAL C 181 -5.36 -3.37 -21.00
C VAL C 181 -4.12 -2.88 -20.26
N ASP C 182 -2.94 -3.15 -20.80
CA ASP C 182 -1.71 -2.71 -20.14
C ASP C 182 -1.57 -1.20 -20.12
N ILE C 183 -2.17 -0.50 -21.09
CA ILE C 183 -2.13 0.96 -21.08
C ILE C 183 -2.88 1.51 -19.89
N TRP C 184 -3.98 0.86 -19.50
CA TRP C 184 -4.76 1.30 -18.36
C TRP C 184 -4.15 0.89 -17.03
N GLY C 185 -3.07 0.11 -17.04
CA GLY C 185 -2.39 -0.28 -15.82
C GLY C 185 -2.30 -1.76 -15.59
N GLY C 186 -2.77 -2.61 -16.49
CA GLY C 186 -2.63 -4.04 -16.33
C GLY C 186 -3.93 -4.73 -16.02
N PRO C 187 -3.89 -6.06 -15.96
CA PRO C 187 -5.13 -6.83 -15.76
C PRO C 187 -5.79 -6.61 -14.42
N GLY C 188 -5.07 -6.11 -13.43
CA GLY C 188 -5.65 -5.89 -12.12
C GLY C 188 -6.26 -4.54 -11.89
N GLU C 189 -5.98 -3.56 -12.74
CA GLU C 189 -6.46 -2.21 -12.57
C GLU C 189 -7.56 -1.84 -13.56
N PHE C 190 -7.94 -2.75 -14.45
CA PHE C 190 -8.95 -2.48 -15.45
C PHE C 190 -9.90 -3.67 -15.48
N VAL C 191 -11.19 -3.39 -15.45
CA VAL C 191 -12.23 -4.42 -15.42
C VAL C 191 -12.89 -4.44 -16.79
N VAL C 192 -12.86 -5.60 -17.43
CA VAL C 192 -13.50 -5.81 -18.73
C VAL C 192 -14.46 -6.97 -18.60
N LYS C 193 -15.71 -6.76 -18.99
CA LYS C 193 -16.73 -7.79 -18.97
C LYS C 193 -17.35 -7.93 -20.35
N PRO C 194 -17.05 -8.99 -21.11
CA PRO C 194 -17.75 -9.22 -22.37
C PRO C 194 -19.01 -10.04 -22.19
N GLN C 195 -20.01 -9.72 -23.00
CA GLN C 195 -21.30 -10.40 -22.99
C GLN C 195 -21.83 -10.51 -24.40
N TYR C 196 -22.34 -11.68 -24.75
CA TYR C 196 -23.10 -11.82 -25.99
C TYR C 196 -24.46 -11.14 -25.83
N VAL C 197 -24.87 -10.35 -26.81
CA VAL C 197 -26.17 -9.69 -26.73
C VAL C 197 -26.96 -9.99 -27.98
N THR C 198 -28.24 -10.30 -27.80
CA THR C 198 -29.15 -10.52 -28.91
C THR C 198 -29.97 -9.27 -29.14
N ARG C 199 -30.01 -8.81 -30.39
CA ARG C 199 -30.79 -7.64 -30.72
C ARG C 199 -32.28 -7.93 -30.60
N ILE C 200 -33.00 -7.07 -29.88
CA ILE C 200 -34.44 -7.23 -29.73
C ILE C 200 -35.15 -6.00 -30.27
N GLN D 24 -13.88 -21.17 -30.56
CA GLN D 24 -15.28 -21.59 -30.42
C GLN D 24 -16.10 -20.49 -29.75
N ASP D 25 -17.27 -20.86 -29.25
CA ASP D 25 -18.20 -19.90 -28.64
C ASP D 25 -18.80 -20.48 -27.37
N LEU D 26 -17.98 -21.08 -26.51
CA LEU D 26 -18.47 -21.60 -25.25
C LEU D 26 -18.73 -20.46 -24.27
N VAL D 27 -19.79 -20.60 -23.47
CA VAL D 27 -20.14 -19.67 -22.42
C VAL D 27 -20.40 -20.46 -21.15
N PHE D 28 -19.78 -20.02 -20.05
CA PHE D 28 -20.10 -20.50 -18.72
C PHE D 28 -21.15 -19.57 -18.13
N ALA D 29 -22.35 -20.08 -17.92
CA ALA D 29 -23.44 -19.29 -17.38
C ALA D 29 -23.86 -19.83 -16.02
N GLU D 30 -24.06 -18.94 -15.07
CA GLU D 30 -24.49 -19.29 -13.73
C GLU D 30 -25.74 -18.50 -13.37
N TRP D 31 -26.76 -19.23 -12.93
CA TRP D 31 -28.04 -18.69 -12.53
C TRP D 31 -28.32 -19.00 -11.07
N ASP D 32 -29.04 -18.10 -10.41
CA ASP D 32 -29.49 -18.29 -9.04
C ASP D 32 -31.01 -18.14 -9.02
N LYS D 33 -31.71 -19.24 -8.77
CA LYS D 33 -33.16 -19.22 -8.70
C LYS D 33 -33.68 -19.36 -7.28
N GLY D 34 -32.97 -18.83 -6.29
CA GLY D 34 -33.45 -18.89 -4.92
C GLY D 34 -34.69 -18.05 -4.69
N SER D 35 -34.78 -16.90 -5.37
CA SER D 35 -35.93 -16.02 -5.18
C SER D 35 -37.20 -16.62 -5.75
N SER D 36 -37.14 -17.11 -6.99
CA SER D 36 -38.31 -17.68 -7.62
C SER D 36 -38.62 -19.05 -7.03
N HIS D 37 -39.87 -19.28 -6.68
CA HIS D 37 -40.30 -20.61 -6.25
C HIS D 37 -40.77 -21.47 -7.41
N GLU D 38 -40.92 -20.89 -8.60
CA GLU D 38 -41.19 -21.63 -9.82
C GLU D 38 -40.35 -21.00 -10.93
N HIS D 39 -39.81 -21.84 -11.80
CA HIS D 39 -38.93 -21.35 -12.85
C HIS D 39 -38.92 -22.35 -14.00
N ALA D 40 -38.24 -21.98 -15.07
CA ALA D 40 -38.08 -22.82 -16.25
C ALA D 40 -36.75 -23.55 -16.27
N CYS D 41 -36.04 -23.60 -15.15
CA CYS D 41 -34.73 -24.22 -15.11
C CYS D 41 -34.78 -25.73 -15.24
N SER D 42 -35.98 -26.33 -15.27
CA SER D 42 -36.07 -27.72 -15.69
C SER D 42 -35.54 -27.91 -17.09
N ALA D 43 -35.51 -26.84 -17.90
CA ALA D 43 -34.90 -26.91 -19.22
C ALA D 43 -33.43 -27.30 -19.13
N LEU D 44 -32.78 -27.02 -18.01
CA LEU D 44 -31.38 -27.41 -17.84
C LEU D 44 -31.22 -28.91 -17.71
N ARG D 45 -32.30 -29.64 -17.44
CA ARG D 45 -32.28 -31.09 -17.45
C ARG D 45 -32.92 -31.66 -18.71
N ASN D 46 -33.34 -30.81 -19.63
CA ASN D 46 -34.03 -31.23 -20.85
C ASN D 46 -33.00 -31.44 -21.94
N SER D 47 -32.80 -32.70 -22.33
CA SER D 47 -31.80 -33.03 -23.35
C SER D 47 -32.14 -32.47 -24.72
N SER D 48 -33.41 -32.19 -24.99
CA SER D 48 -33.80 -31.60 -26.26
C SER D 48 -33.58 -30.10 -26.31
N VAL D 49 -33.32 -29.47 -25.18
CA VAL D 49 -32.92 -28.06 -25.15
C VAL D 49 -31.41 -27.93 -25.09
N ILE D 50 -30.78 -28.67 -24.20
CA ILE D 50 -29.33 -28.65 -24.04
C ILE D 50 -28.76 -29.76 -24.93
N GLU D 51 -28.05 -29.37 -25.97
CA GLU D 51 -27.32 -30.30 -26.81
C GLU D 51 -25.85 -29.92 -26.80
N LYS D 52 -24.99 -30.93 -26.68
CA LYS D 52 -23.54 -30.75 -26.71
C LYS D 52 -23.06 -29.78 -25.63
N GLY D 53 -23.76 -29.73 -24.50
CA GLY D 53 -23.39 -28.86 -23.41
C GLY D 53 -23.14 -29.63 -22.12
N LEU D 54 -22.91 -28.87 -21.06
CA LEU D 54 -22.79 -29.42 -19.72
C LEU D 54 -23.65 -28.57 -18.78
N THR D 55 -24.45 -29.23 -17.95
CA THR D 55 -25.25 -28.52 -16.95
C THR D 55 -25.10 -29.20 -15.60
N VAL D 56 -24.96 -28.39 -14.56
CA VAL D 56 -24.81 -28.89 -13.20
C VAL D 56 -25.69 -28.07 -12.27
N LYS D 57 -26.03 -28.67 -11.13
CA LYS D 57 -26.76 -27.99 -10.08
C LYS D 57 -25.95 -28.05 -8.80
N GLU D 58 -25.83 -26.92 -8.10
CA GLU D 58 -25.18 -26.94 -6.80
C GLU D 58 -26.00 -27.78 -5.83
N VAL D 59 -25.33 -28.64 -5.07
CA VAL D 59 -26.02 -29.63 -4.28
C VAL D 59 -26.82 -28.96 -3.17
N GLY D 60 -28.12 -29.24 -3.15
CA GLY D 60 -29.00 -28.74 -2.11
C GLY D 60 -29.38 -27.28 -2.25
N THR D 61 -29.09 -26.68 -3.41
CA THR D 61 -29.22 -25.24 -3.59
C THR D 61 -29.98 -24.98 -4.88
N SER D 62 -30.57 -23.79 -4.97
CA SER D 62 -31.22 -23.34 -6.20
C SER D 62 -30.24 -22.73 -7.20
N LYS D 63 -28.94 -22.99 -7.07
CA LYS D 63 -27.98 -22.44 -8.02
C LYS D 63 -27.67 -23.44 -9.13
N PHE D 64 -27.65 -22.95 -10.36
CA PHE D 64 -27.44 -23.79 -11.53
C PHE D 64 -26.30 -23.21 -12.36
N ALA D 65 -25.59 -24.08 -13.06
CA ALA D 65 -24.50 -23.63 -13.92
C ALA D 65 -24.50 -24.47 -15.19
N ALA D 66 -23.90 -23.91 -16.24
CA ALA D 66 -23.83 -24.60 -17.51
C ALA D 66 -22.65 -24.07 -18.30
N VAL D 67 -22.10 -24.93 -19.16
CA VAL D 67 -21.17 -24.54 -20.21
C VAL D 67 -21.83 -24.95 -21.52
N LEU D 68 -22.19 -23.95 -22.33
CA LEU D 68 -22.96 -24.19 -23.55
C LEU D 68 -22.42 -23.33 -24.67
N SER D 69 -22.59 -23.79 -25.89
CA SER D 69 -22.31 -22.93 -27.03
C SER D 69 -23.34 -21.81 -27.08
N GLU D 70 -22.92 -20.67 -27.64
CA GLU D 70 -23.80 -19.50 -27.65
C GLU D 70 -25.17 -19.75 -28.28
N PRO D 71 -25.30 -20.46 -29.41
CA PRO D 71 -26.66 -20.76 -29.90
C PRO D 71 -27.50 -21.54 -28.90
N ILE D 72 -26.90 -22.46 -28.15
CA ILE D 72 -27.66 -23.21 -27.15
C ILE D 72 -28.04 -22.31 -25.99
N LEU D 73 -27.12 -21.44 -25.56
CA LEU D 73 -27.44 -20.49 -24.51
C LEU D 73 -28.55 -19.54 -24.92
N ALA D 74 -28.67 -19.26 -26.22
CA ALA D 74 -29.73 -18.38 -26.70
C ALA D 74 -31.11 -18.98 -26.53
N ARG D 75 -31.21 -20.29 -26.24
CA ARG D 75 -32.50 -20.93 -26.03
C ARG D 75 -33.08 -20.66 -24.65
N LEU D 76 -32.30 -20.14 -23.72
CA LEU D 76 -32.73 -19.94 -22.34
C LEU D 76 -32.93 -18.46 -22.07
N LYS D 77 -33.97 -18.15 -21.31
CA LYS D 77 -34.26 -16.79 -20.88
C LYS D 77 -34.57 -16.78 -19.39
N PHE D 78 -33.72 -17.45 -18.61
CA PHE D 78 -33.95 -17.55 -17.18
C PHE D 78 -33.81 -16.18 -16.52
N HIS D 79 -34.52 -16.00 -15.41
CA HIS D 79 -34.59 -14.67 -14.81
C HIS D 79 -33.33 -14.32 -14.06
N GLY D 80 -32.98 -15.10 -13.02
CA GLY D 80 -31.87 -14.71 -12.20
C GLY D 80 -30.53 -15.25 -12.68
N LEU D 81 -29.82 -14.46 -13.49
CA LEU D 81 -28.54 -14.88 -14.06
C LEU D 81 -27.42 -14.20 -13.26
N VAL D 82 -26.63 -15.00 -12.56
CA VAL D 82 -25.50 -14.44 -11.83
C VAL D 82 -24.44 -13.95 -12.82
N GLU D 83 -24.08 -14.78 -13.79
CA GLU D 83 -23.02 -14.38 -14.72
C GLU D 83 -23.11 -15.19 -16.00
N ALA D 84 -22.47 -14.67 -17.05
CA ALA D 84 -22.38 -15.37 -18.33
C ALA D 84 -21.05 -14.95 -18.96
N VAL D 85 -20.03 -15.79 -18.79
CA VAL D 85 -18.65 -15.49 -19.13
C VAL D 85 -18.27 -16.32 -20.35
N PRO D 86 -17.89 -15.71 -21.48
CA PRO D 86 -17.35 -16.50 -22.59
C PRO D 86 -16.03 -17.16 -22.20
N VAL D 87 -16.00 -18.49 -22.33
CA VAL D 87 -14.87 -19.29 -21.86
C VAL D 87 -14.36 -20.15 -23.01
N VAL D 88 -13.23 -20.80 -22.76
CA VAL D 88 -12.64 -21.74 -23.70
C VAL D 88 -11.97 -22.84 -22.92
N GLU D 89 -11.98 -24.04 -23.49
CA GLU D 89 -11.36 -25.20 -22.84
C GLU D 89 -9.86 -24.98 -22.68
N VAL D 90 -9.33 -25.40 -21.54
CA VAL D 90 -7.88 -25.17 -21.25
C VAL D 90 -7.05 -25.82 -22.37
N GLY D 91 -7.51 -26.96 -22.91
CA GLY D 91 -6.72 -27.58 -23.96
C GLY D 91 -6.39 -26.61 -25.07
N THR D 92 -7.37 -25.79 -25.47
CA THR D 92 -7.14 -24.79 -26.50
C THR D 92 -6.10 -23.76 -26.05
N VAL D 93 -6.22 -23.29 -24.82
CA VAL D 93 -5.26 -22.30 -24.31
C VAL D 93 -3.87 -22.88 -24.28
N MET D 94 -3.74 -24.12 -23.80
CA MET D 94 -2.42 -24.75 -23.72
C MET D 94 -1.84 -25.01 -25.10
N LYS D 95 -2.68 -25.39 -26.07
CA LYS D 95 -2.18 -25.57 -27.43
C LYS D 95 -1.71 -24.24 -28.01
N ARG D 96 -2.40 -23.14 -27.70
CA ARG D 96 -1.96 -21.84 -28.16
C ARG D 96 -0.62 -21.43 -27.57
N LEU D 97 -0.23 -22.01 -26.43
CA LEU D 97 1.06 -21.76 -25.83
C LEU D 97 2.05 -22.88 -26.09
N ASN D 98 1.72 -23.81 -27.00
CA ASN D 98 2.56 -24.97 -27.32
C ASN D 98 2.84 -25.83 -26.09
N VAL D 99 1.91 -25.85 -25.14
CA VAL D 99 1.99 -26.70 -23.96
C VAL D 99 0.95 -27.79 -24.09
N SER D 100 1.36 -29.03 -23.83
CA SER D 100 0.51 -30.20 -24.05
C SER D 100 -0.10 -30.65 -22.72
N ILE D 101 -1.41 -30.76 -22.69
CA ILE D 101 -2.12 -31.30 -21.53
C ILE D 101 -3.12 -32.34 -22.03
N PRO D 102 -2.94 -33.61 -21.68
CA PRO D 102 -3.90 -34.65 -22.09
C PRO D 102 -5.27 -34.36 -21.53
N PRO D 103 -6.33 -34.64 -22.30
CA PRO D 103 -7.69 -34.32 -21.84
C PRO D 103 -8.19 -35.23 -20.71
N ALA D 104 -7.38 -36.17 -20.26
CA ALA D 104 -7.70 -37.07 -19.14
C ALA D 104 -8.98 -37.83 -19.51
N GLN D 105 -9.88 -38.07 -18.57
CA GLN D 105 -11.14 -38.75 -18.84
C GLN D 105 -12.29 -37.76 -18.72
N ASP D 106 -13.51 -38.26 -18.82
CA ASP D 106 -14.69 -37.44 -18.69
C ASP D 106 -15.16 -37.40 -17.24
N ILE D 107 -15.70 -36.25 -16.84
CA ILE D 107 -16.18 -36.09 -15.48
C ILE D 107 -17.44 -36.93 -15.28
N SER D 108 -17.63 -37.40 -14.06
CA SER D 108 -18.80 -38.17 -13.67
C SER D 108 -19.51 -37.44 -12.52
N ASP D 109 -20.55 -38.08 -11.97
CA ASP D 109 -21.33 -37.41 -10.90
C ASP D 109 -20.77 -37.74 -9.50
N ASN D 110 -19.69 -38.51 -9.41
CA ASN D 110 -19.17 -38.92 -8.07
C ASN D 110 -18.05 -37.98 -7.62
N ASN D 111 -18.24 -37.29 -6.50
CA ASN D 111 -17.21 -36.35 -5.95
C ASN D 111 -17.04 -35.15 -6.89
N LEU D 112 -18.06 -34.80 -7.67
CA LEU D 112 -17.92 -33.69 -8.64
C LEU D 112 -17.84 -32.37 -7.86
N THR D 113 -16.76 -31.62 -8.06
CA THR D 113 -16.56 -30.34 -7.34
C THR D 113 -16.31 -29.23 -8.35
N LEU D 114 -16.92 -28.06 -8.15
CA LEU D 114 -16.64 -26.90 -9.04
C LEU D 114 -15.77 -25.90 -8.29
N ILE D 115 -14.59 -25.60 -8.83
CA ILE D 115 -13.70 -24.61 -8.24
C ILE D 115 -13.70 -23.39 -9.16
N LYS D 116 -14.07 -22.24 -8.61
CA LYS D 116 -14.01 -20.97 -9.30
C LYS D 116 -12.85 -20.16 -8.75
N MET D 117 -11.90 -19.83 -9.61
CA MET D 117 -10.68 -19.13 -9.23
C MET D 117 -10.65 -17.78 -9.92
N SER D 118 -10.49 -16.72 -9.14
CA SER D 118 -10.46 -15.35 -9.65
C SER D 118 -9.25 -14.64 -9.07
N PRO D 119 -8.15 -14.56 -9.81
CA PRO D 119 -6.97 -13.83 -9.30
C PRO D 119 -7.19 -12.33 -9.30
N LYS D 120 -6.71 -11.67 -8.25
CA LYS D 120 -6.68 -10.22 -8.16
C LYS D 120 -5.27 -9.80 -8.55
N LEU D 121 -5.07 -9.54 -9.84
CA LEU D 121 -3.72 -9.31 -10.34
C LEU D 121 -3.28 -7.88 -10.07
N LYS D 122 -3.31 -7.45 -8.81
CA LYS D 122 -2.99 -6.08 -8.47
C LYS D 122 -1.52 -5.78 -8.71
N GLY D 123 -1.25 -4.70 -9.44
CA GLY D 123 0.11 -4.33 -9.77
C GLY D 123 0.83 -5.33 -10.65
N GLN D 124 0.14 -5.97 -11.57
CA GLN D 124 0.73 -6.95 -12.45
C GLN D 124 0.51 -6.55 -13.90
N THR D 125 1.36 -7.06 -14.77
CA THR D 125 1.28 -6.79 -16.20
C THR D 125 0.70 -7.99 -16.93
N LEU D 126 0.38 -7.77 -18.21
CA LEU D 126 -0.18 -8.84 -19.01
C LEU D 126 0.82 -9.97 -19.25
N GLN D 127 2.09 -9.63 -19.52
CA GLN D 127 3.08 -10.68 -19.71
C GLN D 127 3.33 -11.44 -18.41
N GLN D 128 3.27 -10.75 -17.27
CA GLN D 128 3.45 -11.42 -15.99
C GLN D 128 2.33 -12.43 -15.74
N ILE D 129 1.08 -12.05 -15.99
CA ILE D 129 -0.01 -12.99 -15.80
C ILE D 129 0.04 -14.11 -16.83
N ASP D 130 0.51 -13.83 -18.05
CA ASP D 130 0.69 -14.92 -19.01
C ASP D 130 1.72 -15.93 -18.54
N ALA D 131 2.85 -15.46 -18.00
CA ALA D 131 3.86 -16.37 -17.48
C ALA D 131 3.33 -17.16 -16.30
N GLU D 132 2.59 -16.50 -15.40
CA GLU D 132 1.99 -17.20 -14.28
C GLU D 132 0.97 -18.24 -14.72
N LEU D 133 0.18 -17.94 -15.76
CA LEU D 133 -0.77 -18.90 -16.29
C LEU D 133 -0.08 -20.09 -16.92
N ARG D 134 1.01 -19.87 -17.65
CA ARG D 134 1.77 -21.00 -18.18
C ARG D 134 2.33 -21.87 -17.07
N TYR D 135 2.86 -21.25 -16.01
CA TYR D 135 3.38 -22.04 -14.90
C TYR D 135 2.27 -22.81 -14.19
N LEU D 136 1.11 -22.19 -14.01
CA LEU D 136 -0.01 -22.90 -13.40
C LEU D 136 -0.45 -24.07 -14.27
N GLY D 137 -0.46 -23.89 -15.59
CA GLY D 137 -0.76 -25.00 -16.47
C GLY D 137 0.22 -26.13 -16.32
N GLU D 138 1.51 -25.80 -16.23
CA GLU D 138 2.52 -26.85 -16.06
C GLU D 138 2.34 -27.58 -14.74
N TYR D 139 1.97 -26.86 -13.68
CA TYR D 139 1.80 -27.49 -12.37
C TYR D 139 0.56 -28.38 -12.34
N MET D 140 -0.56 -27.87 -12.88
CA MET D 140 -1.77 -28.68 -12.99
C MET D 140 -1.60 -29.87 -13.93
N ASN D 141 -0.66 -29.80 -14.87
CA ASN D 141 -0.46 -30.92 -15.79
C ASN D 141 -0.11 -32.19 -15.03
N THR D 142 0.75 -32.07 -14.03
CA THR D 142 1.12 -33.22 -13.22
C THR D 142 0.22 -33.40 -12.01
N VAL D 143 -0.32 -32.33 -11.45
CA VAL D 143 -1.18 -32.47 -10.27
C VAL D 143 -2.46 -33.19 -10.63
N LEU D 144 -3.08 -32.83 -11.74
CA LEU D 144 -4.38 -33.39 -12.14
C LEU D 144 -4.25 -34.41 -13.26
N GLN D 145 -3.15 -35.15 -13.33
CA GLN D 145 -2.98 -36.11 -14.40
C GLN D 145 -3.81 -37.37 -14.20
N LYS D 146 -4.24 -37.65 -12.97
CA LYS D 146 -4.92 -38.90 -12.66
C LYS D 146 -6.34 -38.69 -12.16
N CYS D 147 -6.96 -37.56 -12.48
CA CYS D 147 -8.34 -37.30 -12.12
C CYS D 147 -9.09 -36.72 -13.30
N SER D 148 -10.34 -37.14 -13.48
CA SER D 148 -11.16 -36.58 -14.54
C SER D 148 -11.48 -35.13 -14.24
N HIS D 149 -11.35 -34.26 -15.24
CA HIS D 149 -11.54 -32.85 -15.00
C HIS D 149 -11.92 -32.16 -16.30
N ARG D 150 -12.49 -30.97 -16.16
CA ARG D 150 -12.71 -30.07 -17.27
C ARG D 150 -12.33 -28.68 -16.82
N VAL D 151 -11.41 -28.03 -17.52
CA VAL D 151 -10.91 -26.72 -17.14
C VAL D 151 -11.32 -25.73 -18.21
N TYR D 152 -11.92 -24.62 -17.79
CA TYR D 152 -12.30 -23.54 -18.68
C TYR D 152 -11.66 -22.25 -18.20
N ILE D 153 -11.21 -21.44 -19.15
CA ILE D 153 -10.59 -20.15 -18.86
C ILE D 153 -11.38 -19.09 -19.59
N SER D 154 -11.60 -17.96 -18.92
CA SER D 154 -12.35 -16.86 -19.54
C SER D 154 -11.58 -16.29 -20.73
N LYS D 155 -12.31 -15.69 -21.66
CA LYS D 155 -11.74 -15.00 -22.80
C LYS D 155 -12.11 -13.53 -22.72
N GLY D 156 -11.11 -12.66 -22.86
CA GLY D 156 -11.37 -11.23 -22.86
C GLY D 156 -11.91 -10.66 -21.58
N THR D 157 -11.87 -11.42 -20.50
CA THR D 157 -12.39 -10.99 -19.21
C THR D 157 -11.22 -10.66 -18.29
N PHE D 158 -11.28 -9.48 -17.66
CA PHE D 158 -10.22 -9.06 -16.75
C PHE D 158 -10.86 -8.52 -15.47
N PRO D 159 -10.50 -9.05 -14.31
CA PRO D 159 -9.51 -10.09 -14.08
C PRO D 159 -10.00 -11.46 -14.56
N PRO D 160 -9.10 -12.32 -15.01
CA PRO D 160 -9.52 -13.60 -15.60
C PRO D 160 -10.17 -14.51 -14.57
N LYS D 161 -10.97 -15.43 -15.08
CA LYS D 161 -11.66 -16.44 -14.27
C LYS D 161 -11.33 -17.82 -14.79
N ILE D 162 -11.17 -18.76 -13.87
CA ILE D 162 -10.87 -20.15 -14.19
C ILE D 162 -11.91 -21.03 -13.50
N TYR D 163 -12.48 -21.97 -14.24
CA TYR D 163 -13.48 -22.89 -13.72
C TYR D 163 -12.97 -24.31 -13.88
N VAL D 164 -12.88 -25.05 -12.78
CA VAL D 164 -12.32 -26.42 -12.84
C VAL D 164 -13.28 -27.44 -12.24
N PHE D 165 -13.88 -28.29 -13.07
CA PHE D 165 -14.71 -29.42 -12.58
C PHE D 165 -13.81 -30.64 -12.37
N LEU D 166 -13.64 -31.09 -11.13
CA LEU D 166 -12.40 -31.83 -10.76
C LEU D 166 -12.70 -33.28 -10.35
N ASN D 167 -13.92 -33.59 -9.92
CA ASN D 167 -14.32 -35.00 -9.65
C ASN D 167 -13.28 -35.72 -8.79
N MET D 168 -12.67 -35.02 -7.83
CA MET D 168 -11.46 -35.52 -7.13
C MET D 168 -11.80 -35.95 -5.70
N PRO D 169 -10.95 -36.79 -5.05
CA PRO D 169 -11.14 -37.14 -3.64
C PRO D 169 -11.13 -35.91 -2.75
N LEU D 170 -12.08 -35.84 -1.80
CA LEU D 170 -12.27 -34.60 -1.01
C LEU D 170 -11.05 -34.34 -0.12
N ASP D 171 -10.36 -35.40 0.33
CA ASP D 171 -9.17 -35.25 1.20
C ASP D 171 -8.09 -34.46 0.45
N GLN D 172 -7.95 -34.68 -0.86
CA GLN D 172 -6.85 -34.04 -1.63
C GLN D 172 -7.16 -32.57 -1.95
N ILE D 173 -8.38 -32.10 -1.71
CA ILE D 173 -8.76 -30.71 -2.10
C ILE D 173 -7.75 -29.72 -1.53
N ARG D 174 -7.35 -29.90 -0.27
CA ARG D 174 -6.44 -28.92 0.39
C ARG D 174 -5.06 -28.88 -0.29
N GLN D 175 -4.68 -29.95 -1.00
CA GLN D 175 -3.33 -30.01 -1.62
C GLN D 175 -3.20 -29.01 -2.77
N PHE D 176 -4.32 -28.47 -3.24
CA PHE D 176 -4.30 -27.48 -4.37
C PHE D 176 -4.01 -26.09 -3.82
N TYR D 177 -4.03 -25.94 -2.50
CA TYR D 177 -3.82 -24.60 -1.86
C TYR D 177 -2.55 -23.92 -2.37
N PRO D 178 -1.36 -24.56 -2.35
CA PRO D 178 -0.11 -23.88 -2.75
C PRO D 178 -0.10 -23.34 -4.18
N SER D 179 -1.00 -23.82 -5.05
CA SER D 179 -1.09 -23.30 -6.43
C SER D 179 -1.39 -21.79 -6.40
N LEU D 180 -2.11 -21.34 -5.37
CA LEU D 180 -2.45 -19.89 -5.23
C LEU D 180 -1.15 -19.09 -5.18
N ASP D 181 -0.05 -19.70 -4.74
CA ASP D 181 1.23 -19.00 -4.67
C ASP D 181 1.70 -18.55 -6.04
N ILE D 182 1.26 -19.21 -7.12
CA ILE D 182 1.71 -18.84 -8.45
C ILE D 182 1.23 -17.44 -8.81
N PHE D 183 0.04 -17.05 -8.36
CA PHE D 183 -0.53 -15.76 -8.70
C PHE D 183 -0.27 -14.70 -7.64
N GLY D 184 0.35 -15.04 -6.52
CA GLY D 184 0.71 -14.03 -5.55
C GLY D 184 0.38 -14.38 -4.10
N GLY D 185 -0.17 -15.55 -3.86
CA GLY D 185 -0.49 -15.96 -2.52
C GLY D 185 -1.97 -16.13 -2.29
N PRO D 186 -2.35 -16.61 -1.10
CA PRO D 186 -3.75 -16.96 -0.87
C PRO D 186 -4.72 -15.82 -1.03
N SER D 187 -4.33 -14.59 -0.69
CA SER D 187 -5.26 -13.48 -0.76
C SER D 187 -5.11 -12.63 -2.01
N SER D 188 -4.30 -13.06 -2.97
CA SER D 188 -4.35 -12.49 -4.30
C SER D 188 -5.40 -13.18 -5.16
N THR D 189 -6.09 -14.17 -4.61
CA THR D 189 -6.96 -15.04 -5.40
C THR D 189 -8.20 -15.35 -4.60
N LYS D 190 -9.37 -15.01 -5.14
CA LYS D 190 -10.63 -15.47 -4.57
C LYS D 190 -10.93 -16.86 -5.09
N ASN D 191 -11.27 -17.77 -4.18
CA ASN D 191 -11.44 -19.18 -4.52
C ASN D 191 -12.73 -19.70 -3.92
N GLU D 192 -13.63 -20.17 -4.77
CA GLU D 192 -14.92 -20.69 -4.34
C GLU D 192 -15.00 -22.17 -4.67
N ILE D 193 -15.40 -22.97 -3.70
CA ILE D 193 -15.50 -24.42 -3.83
C ILE D 193 -16.96 -24.80 -3.64
N SER D 194 -17.48 -25.64 -4.53
CA SER D 194 -18.85 -26.11 -4.36
C SER D 194 -18.98 -27.53 -4.86
N TYR D 195 -19.98 -28.24 -4.33
CA TYR D 195 -20.31 -29.59 -4.77
C TYR D 195 -21.47 -29.50 -5.75
N VAL D 196 -21.34 -30.17 -6.89
CA VAL D 196 -22.33 -30.05 -7.96
C VAL D 196 -22.76 -31.45 -8.39
N GLN D 197 -23.93 -31.49 -9.01
CA GLN D 197 -24.51 -32.71 -9.55
C GLN D 197 -24.73 -32.51 -11.04
N ILE D 198 -24.30 -33.48 -11.84
CA ILE D 198 -24.46 -33.42 -13.29
C ILE D 198 -25.91 -33.65 -13.64
N LEU D 199 -26.47 -32.78 -14.49
CA LEU D 199 -27.79 -32.99 -15.06
C LEU D 199 -27.71 -33.43 -16.52
N ILE D 200 -26.98 -32.69 -17.34
CA ILE D 200 -26.76 -33.02 -18.75
C ILE D 200 -25.28 -32.94 -19.05
N LEU D 201 -24.73 -33.98 -19.68
CA LEU D 201 -23.35 -33.97 -20.16
C LEU D 201 -23.37 -34.60 -21.55
N ARG D 202 -23.34 -33.77 -22.58
CA ARG D 202 -23.38 -34.22 -23.96
C ARG D 202 -22.25 -33.58 -24.74
N ASN D 203 -21.67 -34.34 -25.66
CA ASN D 203 -20.59 -33.83 -26.49
C ASN D 203 -21.00 -33.77 -27.96
N LEU E 26 -10.40 -42.17 8.93
CA LEU E 26 -11.11 -41.63 7.77
C LEU E 26 -11.58 -40.21 8.06
N GLN E 27 -11.11 -39.26 7.26
CA GLN E 27 -11.50 -37.87 7.46
C GLN E 27 -12.97 -37.67 7.11
N LYS E 28 -13.64 -36.84 7.89
CA LYS E 28 -15.03 -36.49 7.65
C LYS E 28 -15.12 -35.12 6.98
N HIS E 29 -16.04 -35.00 6.05
CA HIS E 29 -16.29 -33.76 5.34
C HIS E 29 -17.74 -33.35 5.53
N TYR E 30 -17.98 -32.04 5.60
CA TYR E 30 -19.30 -31.54 5.88
C TYR E 30 -19.65 -30.42 4.91
N ILE E 31 -20.94 -30.12 4.84
CA ILE E 31 -21.45 -28.95 4.17
C ILE E 31 -22.18 -28.11 5.20
N ILE E 32 -21.86 -26.82 5.24
CA ILE E 32 -22.60 -25.86 6.04
C ILE E 32 -23.41 -25.00 5.10
N TYR E 33 -24.72 -25.03 5.26
CA TYR E 33 -25.64 -24.20 4.52
C TYR E 33 -25.97 -22.99 5.37
N GLU E 34 -25.56 -21.82 4.92
CA GLU E 34 -25.96 -20.56 5.54
C GLU E 34 -27.21 -20.07 4.81
N VAL E 35 -28.34 -20.05 5.49
CA VAL E 35 -29.63 -19.76 4.90
C VAL E 35 -30.16 -18.45 5.46
N ARG E 36 -30.61 -17.58 4.57
CA ARG E 36 -31.26 -16.33 4.94
C ARG E 36 -32.61 -16.30 4.22
N ASN E 37 -33.70 -16.55 4.96
CA ASN E 37 -35.02 -16.64 4.36
C ASN E 37 -36.02 -15.93 5.29
N ILE E 38 -36.54 -14.80 4.83
CA ILE E 38 -37.48 -14.02 5.63
C ILE E 38 -38.94 -14.36 5.33
N GLU E 39 -39.19 -15.29 4.41
CA GLU E 39 -40.54 -15.58 3.98
C GLU E 39 -41.04 -16.94 4.44
N LYS E 40 -40.20 -17.77 5.04
CA LYS E 40 -40.59 -19.09 5.49
C LYS E 40 -40.47 -19.19 7.00
N THR E 41 -41.35 -19.99 7.60
CA THR E 41 -41.21 -20.30 9.01
C THR E 41 -40.06 -21.28 9.20
N PRO E 42 -39.50 -21.35 10.41
CA PRO E 42 -38.44 -22.34 10.67
C PRO E 42 -38.86 -23.76 10.38
N GLU E 43 -40.14 -24.10 10.59
CA GLU E 43 -40.61 -25.43 10.24
C GLU E 43 -40.49 -25.69 8.74
N GLU E 44 -40.87 -24.70 7.92
CA GLU E 44 -40.76 -24.86 6.48
C GLU E 44 -39.31 -24.95 6.02
N VAL E 45 -38.43 -24.15 6.64
CA VAL E 45 -37.01 -24.23 6.31
C VAL E 45 -36.46 -25.61 6.65
N LYS E 46 -36.87 -26.16 7.79
CA LYS E 46 -36.45 -27.52 8.12
C LYS E 46 -37.01 -28.53 7.12
N GLU E 47 -38.27 -28.36 6.70
CA GLU E 47 -38.88 -29.29 5.76
C GLU E 47 -38.24 -29.23 4.39
N GLU E 48 -37.59 -28.10 4.07
CA GLU E 48 -36.93 -27.95 2.74
C GLU E 48 -35.80 -28.98 2.59
N MET E 49 -35.33 -29.56 3.69
CA MET E 49 -34.17 -30.49 3.64
C MET E 49 -34.66 -31.92 3.35
N LYS E 50 -35.96 -32.11 3.19
CA LYS E 50 -36.53 -33.43 2.84
C LYS E 50 -36.03 -34.50 3.82
N ASP E 51 -35.39 -35.56 3.31
CA ASP E 51 -34.98 -36.69 4.19
C ASP E 51 -33.46 -36.70 4.43
N THR E 52 -32.78 -35.60 4.11
CA THR E 52 -31.32 -35.51 4.38
C THR E 52 -31.07 -35.68 5.87
N ASP E 53 -30.08 -36.49 6.25
CA ASP E 53 -29.70 -36.62 7.69
C ASP E 53 -28.97 -35.35 8.10
N ILE E 54 -29.49 -34.62 9.08
CA ILE E 54 -28.88 -33.30 9.46
C ILE E 54 -28.08 -33.47 10.75
N LEU E 55 -26.83 -33.00 10.76
CA LEU E 55 -26.03 -33.04 11.97
C LEU E 55 -26.43 -31.90 12.91
N TYR E 56 -26.47 -30.67 12.42
CA TYR E 56 -26.91 -29.56 13.26
C TYR E 56 -27.84 -28.65 12.47
N SER E 57 -28.80 -28.05 13.16
CA SER E 57 -29.67 -27.05 12.57
C SER E 57 -29.89 -25.94 13.58
N PHE E 58 -29.26 -24.80 13.35
CA PHE E 58 -29.25 -23.69 14.28
C PHE E 58 -29.92 -22.46 13.66
N LYS E 59 -30.57 -21.68 14.49
CA LYS E 59 -31.23 -20.44 14.09
C LYS E 59 -30.78 -19.33 15.03
N ALA E 60 -30.46 -18.17 14.45
CA ALA E 60 -30.12 -17.01 15.27
C ALA E 60 -31.34 -16.51 16.01
N LEU E 61 -31.15 -16.13 17.27
CA LEU E 61 -32.29 -15.78 18.13
C LEU E 61 -33.04 -14.58 17.58
N GLY E 62 -34.32 -14.77 17.28
CA GLY E 62 -35.17 -13.71 16.81
C GLY E 62 -34.93 -13.26 15.39
N ALA E 63 -34.05 -13.92 14.65
CA ALA E 63 -33.69 -13.50 13.31
C ALA E 63 -33.86 -14.67 12.34
N PRO E 64 -34.16 -14.37 11.06
CA PRO E 64 -34.33 -15.42 10.06
C PRO E 64 -33.02 -15.87 9.43
N SER E 65 -32.06 -16.26 10.25
CA SER E 65 -30.77 -16.75 9.79
C SER E 65 -30.55 -18.15 10.34
N TYR E 66 -30.16 -19.07 9.47
CA TYR E 66 -30.05 -20.48 9.81
C TYR E 66 -28.71 -21.02 9.34
N HIS E 67 -28.20 -21.99 10.09
CA HIS E 67 -27.03 -22.78 9.71
C HIS E 67 -27.43 -24.24 9.77
N ILE E 68 -27.26 -24.95 8.66
CA ILE E 68 -27.56 -26.37 8.60
C ILE E 68 -26.27 -27.10 8.27
N VAL E 69 -25.85 -28.00 9.16
CA VAL E 69 -24.60 -28.73 9.03
C VAL E 69 -24.93 -30.18 8.70
N VAL E 70 -24.46 -30.63 7.54
CA VAL E 70 -24.77 -31.93 6.98
C VAL E 70 -23.47 -32.68 6.70
N GLU E 71 -23.41 -33.94 7.11
CA GLU E 71 -22.24 -34.76 6.84
C GLU E 71 -22.28 -35.30 5.41
N VAL E 72 -21.13 -35.29 4.75
CA VAL E 72 -21.04 -35.70 3.36
C VAL E 72 -20.74 -37.19 3.30
N ASN E 73 -21.68 -37.97 2.79
CA ASN E 73 -21.50 -39.38 2.55
C ASN E 73 -22.41 -39.76 1.38
N PRO E 74 -22.22 -40.94 0.79
CA PRO E 74 -23.03 -41.29 -0.40
C PRO E 74 -24.53 -41.19 -0.17
N ARG E 75 -25.02 -41.64 0.98
CA ARG E 75 -26.45 -41.60 1.24
C ARG E 75 -26.97 -40.18 1.32
N ASN E 76 -26.26 -39.31 2.06
CA ASN E 76 -26.67 -37.91 2.14
C ASN E 76 -26.54 -37.21 0.80
N MET E 77 -25.50 -37.53 0.04
CA MET E 77 -25.34 -36.90 -1.26
C MET E 77 -26.47 -37.31 -2.20
N ARG E 78 -26.94 -38.55 -2.10
CA ARG E 78 -28.08 -38.97 -2.90
C ARG E 78 -29.38 -38.31 -2.43
N LYS E 79 -29.55 -38.18 -1.11
CA LYS E 79 -30.77 -37.55 -0.60
C LYS E 79 -30.82 -36.07 -0.91
N LEU E 80 -29.67 -35.41 -1.00
CA LEU E 80 -29.63 -33.98 -1.27
C LEU E 80 -30.01 -33.65 -2.70
N GLU E 81 -30.16 -34.65 -3.56
CA GLU E 81 -30.56 -34.37 -4.94
C GLU E 81 -31.96 -33.80 -5.03
N GLU E 82 -32.82 -34.08 -4.05
CA GLU E 82 -34.18 -33.58 -4.04
C GLU E 82 -34.33 -32.26 -3.30
N VAL E 83 -33.24 -31.72 -2.76
CA VAL E 83 -33.29 -30.53 -1.93
C VAL E 83 -32.94 -29.33 -2.78
N GLU E 84 -33.77 -28.28 -2.71
CA GLU E 84 -33.53 -27.01 -3.40
C GLU E 84 -33.89 -25.91 -2.42
N LEU E 85 -32.91 -25.47 -1.64
CA LEU E 85 -33.16 -24.45 -0.63
C LEU E 85 -33.44 -23.11 -1.28
N LYS E 86 -34.36 -22.36 -0.68
CA LYS E 86 -34.78 -21.06 -1.19
C LYS E 86 -34.26 -19.95 -0.28
N GLY E 87 -34.20 -18.75 -0.83
CA GLY E 87 -33.67 -17.61 -0.12
C GLY E 87 -32.25 -17.29 -0.54
N LYS E 88 -31.54 -16.62 0.37
CA LYS E 88 -30.12 -16.32 0.18
C LYS E 88 -29.32 -17.45 0.80
N ILE E 89 -28.71 -18.28 -0.04
CA ILE E 89 -28.03 -19.49 0.41
C ILE E 89 -26.55 -19.38 0.11
N ARG E 90 -25.72 -19.79 1.05
CA ARG E 90 -24.31 -20.03 0.80
C ARG E 90 -23.97 -21.45 1.21
N MET E 91 -23.37 -22.19 0.31
CA MET E 91 -22.96 -23.57 0.56
C MET E 91 -21.46 -23.59 0.80
N VAL E 92 -21.03 -24.10 1.94
CA VAL E 92 -19.61 -24.08 2.28
C VAL E 92 -19.13 -25.49 2.63
N PRO E 93 -18.27 -26.09 1.84
CA PRO E 93 -17.64 -27.35 2.26
C PRO E 93 -16.61 -27.10 3.35
N VAL E 94 -16.66 -27.90 4.40
CA VAL E 94 -15.82 -27.70 5.57
C VAL E 94 -15.26 -29.03 6.05
N VAL E 95 -14.20 -28.94 6.84
CA VAL E 95 -13.65 -30.05 7.58
C VAL E 95 -13.66 -29.67 9.06
N ASN E 96 -13.53 -30.69 9.90
CA ASN E 96 -13.43 -30.46 11.33
C ASN E 96 -12.10 -29.80 11.66
N MET E 97 -12.10 -28.89 12.63
CA MET E 97 -10.87 -28.21 12.98
C MET E 97 -9.86 -29.11 13.67
N VAL E 98 -10.29 -30.23 14.25
CA VAL E 98 -9.31 -31.15 14.81
C VAL E 98 -8.50 -31.82 13.69
N ASP E 99 -9.10 -32.00 12.52
CA ASP E 99 -8.34 -32.50 11.38
C ASP E 99 -7.28 -31.49 10.94
N VAL E 100 -7.64 -30.22 10.88
CA VAL E 100 -6.66 -29.18 10.56
C VAL E 100 -5.57 -29.15 11.63
N ALA E 101 -5.94 -29.33 12.90
CA ALA E 101 -4.95 -29.40 13.96
C ALA E 101 -3.98 -30.56 13.74
N GLU E 102 -4.52 -31.72 13.38
CA GLU E 102 -3.65 -32.87 13.15
C GLU E 102 -2.70 -32.62 11.99
N THR E 103 -3.18 -32.00 10.92
CA THR E 103 -2.29 -31.71 9.80
C THR E 103 -1.23 -30.68 10.17
N LEU E 104 -1.55 -29.75 11.07
CA LEU E 104 -0.60 -28.74 11.46
C LEU E 104 0.24 -29.13 12.67
N GLY E 105 0.02 -30.31 13.25
CA GLY E 105 0.80 -30.74 14.39
C GLY E 105 0.30 -30.28 15.74
N VAL E 106 -0.84 -29.61 15.80
CA VAL E 106 -1.44 -29.19 17.06
C VAL E 106 -2.45 -30.22 17.50
N SER E 107 -2.69 -30.32 18.80
CA SER E 107 -3.63 -31.27 19.38
C SER E 107 -4.71 -30.48 20.11
N TRP E 108 -5.86 -30.32 19.46
CA TRP E 108 -6.95 -29.59 20.07
C TRP E 108 -7.76 -30.48 20.99
N PRO E 109 -8.44 -29.91 21.99
CA PRO E 109 -9.23 -30.72 22.91
C PRO E 109 -10.39 -31.40 22.20
N ARG E 110 -10.80 -32.54 22.73
CA ARG E 110 -11.85 -33.34 22.13
C ARG E 110 -13.17 -32.58 22.16
N SER E 111 -13.77 -32.41 20.98
CA SER E 111 -15.02 -31.68 20.86
C SER E 111 -16.17 -32.47 21.46
N GLY E 112 -17.27 -31.78 21.74
CA GLY E 112 -18.44 -32.40 22.31
C GLY E 112 -19.42 -32.83 21.22
N ALA E 113 -20.06 -33.98 21.45
CA ALA E 113 -20.98 -34.53 20.46
C ALA E 113 -22.24 -33.68 20.35
N ARG E 114 -22.84 -33.32 21.48
CA ARG E 114 -24.10 -32.60 21.52
C ARG E 114 -23.86 -31.14 21.86
N LEU E 115 -24.57 -30.26 21.16
CA LEU E 115 -24.54 -28.83 21.43
C LEU E 115 -25.90 -28.42 22.00
N LEU E 116 -25.92 -28.07 23.27
CA LEU E 116 -27.16 -27.72 23.95
C LEU E 116 -27.56 -26.28 23.63
N ASP E 117 -28.82 -25.97 23.89
CA ASP E 117 -29.32 -24.62 23.62
C ASP E 117 -28.85 -23.61 24.67
N VAL E 118 -28.54 -24.06 25.88
CA VAL E 118 -28.15 -23.14 26.94
C VAL E 118 -26.74 -22.63 26.67
N ASN E 119 -26.60 -21.31 26.64
CA ASN E 119 -25.34 -20.58 26.43
C ASN E 119 -24.76 -20.80 25.04
N LEU E 120 -25.54 -21.29 24.08
CA LEU E 120 -25.01 -21.60 22.76
C LEU E 120 -24.69 -20.33 21.98
N THR E 121 -23.50 -20.29 21.39
CA THR E 121 -23.03 -19.13 20.66
C THR E 121 -22.30 -19.59 19.40
N LEU E 122 -22.42 -18.81 18.33
CA LEU E 122 -21.69 -19.04 17.10
C LEU E 122 -20.70 -17.91 16.89
N ILE E 123 -19.44 -18.27 16.66
CA ILE E 123 -18.38 -17.31 16.35
C ILE E 123 -17.86 -17.64 14.97
N GLU E 124 -17.94 -16.67 14.07
CA GLU E 124 -17.47 -16.82 12.70
C GLU E 124 -16.27 -15.92 12.49
N ARG E 125 -15.22 -16.46 11.89
CA ARG E 125 -14.01 -15.71 11.58
C ARG E 125 -13.68 -15.86 10.11
N THR E 126 -13.42 -14.74 9.44
CA THR E 126 -12.95 -14.74 8.07
C THR E 126 -11.61 -14.03 8.02
N LEU E 127 -10.58 -14.71 7.52
CA LEU E 127 -9.21 -14.19 7.55
C LEU E 127 -8.86 -13.52 6.23
N ASN E 128 -8.36 -12.29 6.31
CA ASN E 128 -8.06 -11.52 5.11
C ASN E 128 -6.85 -12.10 4.37
N GLN E 129 -5.75 -12.35 5.08
CA GLN E 129 -4.56 -13.00 4.54
C GLN E 129 -3.86 -12.20 3.45
N GLU E 130 -4.15 -10.90 3.34
CA GLU E 130 -3.58 -10.09 2.27
C GLU E 130 -2.08 -9.96 2.42
N GLY E 131 -1.36 -10.14 1.32
CA GLY E 131 0.08 -9.98 1.31
C GLY E 131 0.88 -11.12 1.90
N LEU E 132 0.29 -12.30 2.04
CA LEU E 132 0.97 -13.44 2.63
C LEU E 132 1.15 -14.53 1.60
N THR E 133 2.01 -15.50 1.93
CA THR E 133 2.16 -16.72 1.16
C THR E 133 1.43 -17.86 1.85
N SER E 134 1.38 -19.01 1.19
CA SER E 134 0.72 -20.16 1.78
C SER E 134 1.45 -20.65 3.02
N GLN E 135 2.78 -20.73 2.96
CA GLN E 135 3.57 -21.20 4.11
C GLN E 135 3.39 -20.20 5.27
N GLU E 136 3.45 -18.91 4.98
CA GLU E 136 3.27 -17.89 6.00
C GLU E 136 1.89 -17.98 6.63
N SER E 137 0.85 -18.18 5.81
CA SER E 137 -0.50 -18.32 6.33
C SER E 137 -0.62 -19.56 7.21
N GLU E 138 0.03 -20.66 6.82
CA GLU E 138 0.01 -21.86 7.64
C GLU E 138 0.69 -21.62 8.98
N ALA E 139 1.80 -20.88 8.98
CA ALA E 139 2.48 -20.55 10.23
C ALA E 139 1.57 -19.72 11.13
N HIS E 140 0.89 -18.73 10.56
CA HIS E 140 -0.03 -17.91 11.36
C HIS E 140 -1.16 -18.75 11.92
N LEU E 141 -1.73 -19.64 11.12
CA LEU E 141 -2.83 -20.48 11.58
C LEU E 141 -2.38 -21.40 12.69
N LYS E 142 -1.17 -21.96 12.56
CA LYS E 142 -0.64 -22.81 13.63
C LYS E 142 -0.45 -22.02 14.91
N GLY E 143 0.06 -20.78 14.81
CA GLY E 143 0.20 -19.96 16.00
C GLY E 143 -1.13 -19.67 16.66
N PHE E 144 -2.13 -19.31 15.87
CA PHE E 144 -3.45 -19.05 16.42
C PHE E 144 -4.01 -20.27 17.12
N MET E 145 -3.81 -21.45 16.53
CA MET E 145 -4.41 -22.64 17.08
C MET E 145 -3.69 -23.06 18.36
N GLU E 146 -2.38 -22.89 18.42
CA GLU E 146 -1.64 -23.13 19.66
C GLU E 146 -2.09 -22.17 20.75
N GLU E 147 -2.40 -20.92 20.38
CA GLU E 147 -2.88 -19.97 21.38
C GLU E 147 -4.26 -20.37 21.90
N LEU E 148 -5.17 -20.76 21.01
CA LEU E 148 -6.55 -21.03 21.41
C LEU E 148 -6.73 -22.41 22.05
N LYS E 149 -5.75 -23.30 21.90
CA LYS E 149 -5.92 -24.68 22.34
C LYS E 149 -6.22 -24.78 23.83
N ASP E 150 -5.49 -24.02 24.66
CA ASP E 150 -5.67 -24.14 26.10
C ASP E 150 -6.98 -23.50 26.56
N ARG E 151 -7.36 -22.37 25.97
CA ARG E 151 -8.62 -21.74 26.35
C ARG E 151 -9.81 -22.59 25.94
N LEU E 152 -9.70 -23.35 24.85
CA LEU E 152 -10.81 -24.19 24.41
C LEU E 152 -11.06 -25.38 25.31
N GLN E 153 -10.16 -25.66 26.27
CA GLN E 153 -10.22 -26.92 27.01
C GLN E 153 -11.50 -27.05 27.82
N GLN E 154 -11.96 -25.97 28.44
CA GLN E 154 -13.04 -26.04 29.41
C GLN E 154 -14.41 -25.72 28.82
N TYR E 155 -14.59 -25.93 27.52
CA TYR E 155 -15.86 -25.62 26.88
C TYR E 155 -16.31 -26.77 25.99
N ASN E 156 -17.61 -26.84 25.78
CA ASN E 156 -18.23 -27.81 24.88
C ASN E 156 -18.45 -27.11 23.54
N TYR E 157 -17.77 -27.58 22.50
CA TYR E 157 -17.71 -26.85 21.24
C TYR E 157 -17.65 -27.81 20.07
N GLN E 158 -17.93 -27.25 18.89
CA GLN E 158 -17.69 -27.88 17.59
C GLN E 158 -17.15 -26.82 16.65
N ALA E 159 -16.02 -27.09 16.02
CA ALA E 159 -15.38 -26.10 15.15
C ALA E 159 -15.17 -26.68 13.76
N PHE E 160 -15.30 -25.82 12.74
CA PHE E 160 -15.17 -26.22 11.35
C PHE E 160 -14.34 -25.18 10.60
N PHE E 161 -13.65 -25.63 9.57
CA PHE E 161 -12.81 -24.79 8.73
C PHE E 161 -13.15 -25.02 7.27
N THR E 162 -13.16 -23.95 6.48
CA THR E 162 -13.41 -24.11 5.05
C THR E 162 -12.34 -24.98 4.41
N ILE E 163 -12.76 -25.82 3.48
CA ILE E 163 -11.84 -26.66 2.72
C ILE E 163 -11.77 -26.10 1.31
N GLY E 164 -10.70 -25.36 1.02
CA GLY E 164 -10.44 -24.84 -0.29
C GLY E 164 -10.87 -23.40 -0.52
N ALA E 165 -11.76 -22.87 0.31
CA ALA E 165 -12.24 -21.51 0.09
C ALA E 165 -11.17 -20.49 0.42
N SER E 166 -11.10 -19.44 -0.39
CA SER E 166 -10.19 -18.32 -0.13
C SER E 166 -10.99 -17.04 -0.34
N PRO E 167 -11.13 -16.18 0.69
CA PRO E 167 -10.55 -16.27 2.04
C PRO E 167 -11.16 -17.36 2.89
N PRO E 168 -10.35 -17.97 3.76
CA PRO E 168 -10.86 -19.05 4.60
C PRO E 168 -11.80 -18.54 5.68
N LYS E 169 -12.67 -19.44 6.12
CA LYS E 169 -13.65 -19.14 7.15
C LYS E 169 -13.66 -20.23 8.19
N MET E 170 -13.76 -19.82 9.45
CA MET E 170 -13.80 -20.72 10.59
C MET E 170 -15.09 -20.50 11.37
N TYR E 171 -15.74 -21.59 11.76
CA TYR E 171 -16.97 -21.57 12.52
C TYR E 171 -16.73 -22.25 13.86
N ILE E 172 -17.22 -21.65 14.94
CA ILE E 172 -17.20 -22.28 16.25
C ILE E 172 -18.59 -22.20 16.83
N TYR E 173 -19.17 -23.35 17.16
CA TYR E 173 -20.43 -23.43 17.89
C TYR E 173 -20.08 -23.90 19.29
N ILE E 174 -20.21 -23.02 20.28
CA ILE E 174 -19.65 -23.26 21.60
C ILE E 174 -20.66 -22.89 22.66
N ASN E 175 -20.72 -23.71 23.71
CA ASN E 175 -21.52 -23.39 24.90
C ASN E 175 -20.63 -22.62 25.85
N ILE E 176 -20.77 -21.30 25.85
CA ILE E 176 -19.90 -20.43 26.64
C ILE E 176 -20.78 -19.41 27.37
N PRO E 177 -20.51 -19.11 28.63
CA PRO E 177 -21.28 -18.07 29.31
C PRO E 177 -21.16 -16.73 28.59
N TYR E 178 -22.28 -16.01 28.53
CA TYR E 178 -22.36 -14.84 27.67
C TYR E 178 -21.40 -13.75 28.12
N GLU E 179 -21.24 -13.58 29.44
CA GLU E 179 -20.35 -12.54 29.95
C GLU E 179 -18.90 -12.77 29.57
N GLU E 180 -18.53 -13.97 29.15
CA GLU E 180 -17.18 -14.23 28.69
C GLU E 180 -17.06 -14.26 27.17
N VAL E 181 -18.15 -14.02 26.44
CA VAL E 181 -18.10 -14.19 24.99
C VAL E 181 -17.15 -13.18 24.36
N ASP E 182 -17.29 -11.91 24.73
CA ASP E 182 -16.53 -10.83 24.08
C ASP E 182 -15.04 -11.15 24.04
N LYS E 183 -14.43 -11.32 25.21
CA LYS E 183 -13.00 -11.61 25.24
C LYS E 183 -12.68 -12.90 24.49
N PHE E 184 -13.51 -13.92 24.65
CA PHE E 184 -13.23 -15.18 23.97
C PHE E 184 -13.23 -15.00 22.46
N ALA E 185 -14.03 -14.08 21.94
CA ALA E 185 -14.07 -13.91 20.50
C ALA E 185 -12.83 -13.21 19.97
N CYS E 186 -12.05 -12.57 20.84
CA CYS E 186 -10.88 -11.83 20.41
C CYS E 186 -9.59 -12.55 20.71
N ILE E 187 -9.65 -13.80 21.17
CA ILE E 187 -8.44 -14.54 21.51
C ILE E 187 -7.67 -14.88 20.25
N GLY E 188 -6.38 -14.58 20.23
CA GLY E 188 -5.54 -14.94 19.10
C GLY E 188 -5.73 -14.08 17.88
N ILE E 189 -6.38 -12.93 18.01
CA ILE E 189 -6.61 -12.07 16.85
C ILE E 189 -5.29 -11.58 16.28
N ASN E 190 -4.33 -11.26 17.14
CA ASN E 190 -3.04 -10.77 16.69
C ASN E 190 -2.27 -11.80 15.87
N GLN E 191 -2.56 -13.09 16.07
CA GLN E 191 -1.91 -14.11 15.26
C GLN E 191 -2.24 -13.96 13.79
N PHE E 192 -3.36 -13.32 13.44
CA PHE E 192 -3.73 -13.13 12.06
C PHE E 192 -3.44 -11.73 11.56
N GLY E 193 -2.83 -10.88 12.37
CA GLY E 193 -2.52 -9.53 11.97
C GLY E 193 -3.30 -8.44 12.67
N GLY E 194 -4.11 -8.76 13.66
CA GLY E 194 -4.88 -7.78 14.38
C GLY E 194 -6.32 -7.70 13.92
N PRO E 195 -7.10 -6.84 14.56
CA PRO E 195 -8.53 -6.76 14.22
C PRO E 195 -8.80 -6.37 12.77
N ALA E 196 -8.02 -5.49 12.16
CA ALA E 196 -8.33 -5.11 10.79
C ALA E 196 -8.14 -6.25 9.80
N ALA E 197 -7.48 -7.34 10.20
CA ALA E 197 -7.20 -8.44 9.30
C ALA E 197 -8.18 -9.60 9.42
N VAL E 198 -9.15 -9.53 10.33
CA VAL E 198 -10.11 -10.59 10.53
C VAL E 198 -11.50 -9.98 10.60
N ASN E 199 -12.48 -10.72 10.09
CA ASN E 199 -13.89 -10.38 10.27
C ASN E 199 -14.47 -11.37 11.27
N THR E 200 -14.81 -10.89 12.45
CA THR E 200 -15.34 -11.73 13.52
C THR E 200 -16.79 -11.35 13.77
N THR E 201 -17.66 -12.35 13.81
CA THR E 201 -19.08 -12.15 14.04
C THR E 201 -19.54 -13.10 15.13
N VAL E 202 -20.31 -12.58 16.09
CA VAL E 202 -20.86 -13.36 17.19
C VAL E 202 -22.37 -13.37 17.05
N SER E 203 -22.97 -14.55 17.23
CA SER E 203 -24.41 -14.69 17.19
C SER E 203 -24.86 -15.59 18.33
N PHE E 204 -26.00 -15.27 18.91
CA PHE E 204 -26.68 -16.18 19.82
C PHE E 204 -27.59 -17.08 18.99
N ILE E 205 -27.49 -18.38 19.20
CA ILE E 205 -28.19 -19.34 18.36
C ILE E 205 -28.91 -20.35 19.23
N SER E 206 -29.87 -21.05 18.62
CA SER E 206 -30.51 -22.17 19.27
C SER E 206 -30.98 -23.16 18.22
N SER E 207 -31.19 -24.40 18.63
CA SER E 207 -31.66 -25.43 17.71
C SER E 207 -33.07 -25.12 17.23
N PHE E 208 -33.32 -25.39 15.96
CA PHE E 208 -34.63 -25.16 15.37
C PHE E 208 -35.08 -26.40 14.61
N PRO E 209 -36.40 -26.60 14.47
CA PRO E 209 -37.51 -25.81 15.00
C PRO E 209 -37.71 -26.05 16.49
N LYS E 210 -38.29 -25.11 17.22
CA LYS E 210 -38.49 -25.29 18.65
C LYS E 210 -39.59 -26.30 18.92
N SER F 21 12.20 22.06 32.88
CA SER F 21 12.78 21.29 31.79
C SER F 21 14.08 21.91 31.33
N ASP F 22 15.06 21.06 31.01
CA ASP F 22 16.37 21.51 30.54
C ASP F 22 16.61 21.03 29.12
N GLN F 23 17.38 21.80 28.38
CA GLN F 23 17.78 21.43 27.03
C GLN F 23 19.19 20.86 27.05
N TYR F 24 19.47 19.96 26.13
CA TYR F 24 20.76 19.30 26.05
C TYR F 24 21.24 19.32 24.61
N THR F 25 22.55 19.13 24.45
CA THR F 25 23.15 18.83 23.16
C THR F 25 23.82 17.48 23.26
N ILE F 26 23.48 16.58 22.35
CA ILE F 26 24.16 15.30 22.24
C ILE F 26 25.19 15.43 21.13
N LEU F 27 26.46 15.26 21.51
CA LEU F 27 27.56 15.23 20.56
C LEU F 27 27.90 13.76 20.31
N ASP F 28 27.50 13.27 19.13
CA ASP F 28 27.82 11.93 18.68
C ASP F 28 29.10 12.01 17.86
N VAL F 29 30.19 11.46 18.38
CA VAL F 29 31.52 11.66 17.83
C VAL F 29 32.04 10.31 17.37
N TYR F 30 32.42 10.23 16.10
CA TYR F 30 33.25 9.14 15.60
C TYR F 30 34.67 9.67 15.60
N LYS F 31 35.48 9.12 16.51
CA LYS F 31 36.78 9.70 16.85
C LYS F 31 37.73 9.67 15.66
N ALA F 32 38.46 10.77 15.49
CA ALA F 32 39.49 10.80 14.43
C ALA F 32 40.63 9.88 14.85
N SER F 33 41.62 9.68 13.96
CA SER F 33 42.79 8.84 14.31
C SER F 33 43.72 9.62 15.24
N ASN F 34 44.33 8.95 16.23
CA ASN F 34 45.32 9.59 17.13
C ASN F 34 44.62 10.56 18.09
N VAL F 35 43.29 10.49 18.21
CA VAL F 35 42.59 11.35 19.21
C VAL F 35 41.84 10.42 20.16
N SER F 36 42.03 10.58 21.47
CA SER F 36 41.43 9.65 22.46
C SER F 36 40.19 10.28 23.09
N VAL F 37 39.46 9.49 23.88
CA VAL F 37 38.26 10.03 24.61
C VAL F 37 38.74 11.14 25.54
N GLU F 38 39.93 11.00 26.13
CA GLU F 38 40.41 12.05 27.01
C GLU F 38 40.64 13.36 26.27
N ASP F 39 41.14 13.30 25.04
CA ASP F 39 41.34 14.54 24.28
C ASP F 39 40.02 15.24 24.03
N TYR F 40 38.98 14.49 23.66
CA TYR F 40 37.67 15.10 23.46
C TYR F 40 37.11 15.66 24.76
N LYS F 41 37.28 14.92 25.86
CA LYS F 41 36.80 15.42 27.14
C LYS F 41 37.53 16.68 27.57
N ASP F 42 38.80 16.82 27.20
CA ASP F 42 39.53 18.05 27.50
C ASP F 42 39.11 19.19 26.60
N LEU F 43 38.67 18.88 25.37
CA LEU F 43 38.14 19.94 24.52
C LEU F 43 36.83 20.51 25.05
N LEU F 44 36.14 19.78 25.91
CA LEU F 44 34.83 20.20 26.43
C LEU F 44 34.86 20.48 27.92
N LYS F 45 36.03 20.78 28.49
CA LYS F 45 36.14 20.90 29.94
C LYS F 45 35.38 22.08 30.51
N ASP F 46 35.12 23.12 29.70
CA ASP F 46 34.41 24.29 30.18
C ASP F 46 32.91 24.14 30.13
N LEU F 47 32.40 23.08 29.52
CA LEU F 47 30.96 22.84 29.40
C LEU F 47 30.50 21.83 30.43
N ASP F 48 29.19 21.84 30.69
CA ASP F 48 28.60 20.93 31.68
C ASP F 48 28.27 19.61 30.98
N VAL F 49 29.27 18.75 30.91
CA VAL F 49 29.10 17.41 30.35
C VAL F 49 28.53 16.52 31.44
N VAL F 50 27.23 16.22 31.35
CA VAL F 50 26.59 15.45 32.41
C VAL F 50 26.83 13.95 32.21
N HIS F 51 26.85 13.48 30.97
CA HIS F 51 27.08 12.08 30.68
C HIS F 51 28.07 11.94 29.53
N SER F 52 28.75 10.80 29.51
CA SER F 52 29.79 10.55 28.52
C SER F 52 29.91 9.05 28.35
N PHE F 53 29.45 8.53 27.22
CA PHE F 53 29.42 7.10 26.96
C PHE F 53 30.27 6.77 25.74
N LYS F 54 31.13 5.77 25.89
CA LYS F 54 31.90 5.26 24.78
C LYS F 54 31.34 3.90 24.37
N VAL F 55 31.15 3.72 23.07
CA VAL F 55 30.62 2.47 22.54
C VAL F 55 31.75 1.44 22.52
N LEU F 56 31.50 0.29 23.14
CA LEU F 56 32.52 -0.75 23.22
C LEU F 56 32.63 -1.49 21.90
N GLY F 57 33.84 -1.56 21.36
CA GLY F 57 34.07 -2.22 20.09
C GLY F 57 34.05 -1.31 18.88
N SER F 58 34.05 0.00 19.07
CA SER F 58 34.05 0.94 17.96
C SER F 58 34.70 2.23 18.42
N SER F 59 34.68 3.24 17.56
CA SER F 59 35.25 4.54 17.87
C SER F 59 34.20 5.58 18.21
N ARG F 60 32.96 5.16 18.42
CA ARG F 60 31.88 6.09 18.72
C ARG F 60 31.86 6.45 20.20
N VAL F 61 31.66 7.73 20.48
CA VAL F 61 31.52 8.23 21.84
C VAL F 61 30.41 9.27 21.86
N ILE F 62 29.60 9.25 22.91
CA ILE F 62 28.44 10.14 23.02
C ILE F 62 28.65 11.03 24.23
N PHE F 63 28.61 12.34 24.01
CA PHE F 63 28.66 13.32 25.09
C PHE F 63 27.32 14.03 25.22
N VAL F 64 26.80 14.10 26.43
CA VAL F 64 25.57 14.82 26.70
C VAL F 64 25.95 16.09 27.46
N VAL F 65 25.65 17.25 26.87
CA VAL F 65 26.00 18.54 27.43
C VAL F 65 24.71 19.22 27.85
N LYS F 66 24.61 19.54 29.13
CA LYS F 66 23.45 20.28 29.64
C LYS F 66 23.64 21.76 29.33
N MET F 67 22.71 22.32 28.57
CA MET F 67 22.86 23.70 28.09
C MET F 67 22.46 24.69 29.16
N ARG F 68 23.24 25.76 29.27
CA ARG F 68 22.94 26.91 30.10
C ARG F 68 22.98 28.15 29.22
N GLU F 69 22.90 29.33 29.86
CA GLU F 69 22.88 30.57 29.10
C GLU F 69 24.15 30.75 28.27
N ASP F 70 25.30 30.44 28.85
CA ASP F 70 26.57 30.64 28.19
C ASP F 70 27.06 29.42 27.42
N SER F 71 26.36 28.29 27.50
CA SER F 71 26.86 27.07 26.87
C SER F 71 26.86 27.18 25.35
N TYR F 72 25.90 27.91 24.79
CA TYR F 72 25.82 28.01 23.33
C TYR F 72 26.99 28.80 22.76
N GLU F 73 27.34 29.91 23.40
CA GLU F 73 28.49 30.68 22.95
C GLU F 73 29.77 29.88 23.07
N LYS F 74 29.93 29.12 24.15
CA LYS F 74 31.11 28.30 24.32
C LYS F 74 31.18 27.19 23.28
N LEU F 75 30.04 26.53 23.00
CA LEU F 75 30.03 25.47 22.01
C LEU F 75 30.30 25.99 20.61
N SER F 76 29.85 27.22 20.31
CA SER F 76 30.10 27.77 18.98
C SER F 76 31.59 28.00 18.71
N LYS F 77 32.43 27.97 19.73
CA LYS F 77 33.86 28.20 19.57
C LYS F 77 34.68 26.92 19.61
N ILE F 78 34.03 25.76 19.60
CA ILE F 78 34.71 24.47 19.73
C ILE F 78 34.51 23.70 18.44
N ASN F 79 35.62 23.19 17.90
CA ASN F 79 35.59 22.33 16.71
C ASN F 79 36.17 20.98 17.09
N LEU F 80 35.33 19.97 17.16
CA LEU F 80 35.76 18.64 17.53
C LEU F 80 36.20 17.87 16.30
N PRO F 81 37.39 17.27 16.29
CA PRO F 81 37.83 16.52 15.11
C PRO F 81 37.04 15.24 14.93
N GLY F 82 37.00 14.76 13.70
CA GLY F 82 36.34 13.52 13.38
C GLY F 82 34.96 13.74 12.79
N ASP F 83 34.14 12.70 12.87
CA ASP F 83 32.76 12.80 12.36
C ASP F 83 31.85 13.14 13.53
N VAL F 84 31.44 14.40 13.61
CA VAL F 84 30.70 14.90 14.76
C VAL F 84 29.29 15.27 14.35
N TYR F 85 28.30 14.85 15.14
CA TYR F 85 26.92 15.26 14.98
C TYR F 85 26.45 15.92 16.27
N SER F 86 25.87 17.11 16.14
CA SER F 86 25.40 17.89 17.27
C SER F 86 23.88 17.94 17.21
N ILE F 87 23.23 17.20 18.12
CA ILE F 87 21.74 17.07 18.03
C ILE F 87 21.08 17.62 19.29
N PRO F 88 20.25 18.69 19.20
CA PRO F 88 19.48 19.17 20.36
C PRO F 88 18.59 18.07 20.90
N ALA F 89 18.43 18.05 22.22
CA ALA F 89 17.74 16.96 22.88
C ALA F 89 17.07 17.44 24.16
N GLY F 90 16.09 16.67 24.60
CA GLY F 90 15.45 16.91 25.87
C GLY F 90 15.38 15.63 26.68
N ASP F 91 15.09 15.79 27.96
CA ASP F 91 14.99 14.65 28.87
C ASP F 91 13.75 13.84 28.54
N LEU F 92 13.91 12.53 28.37
CA LEU F 92 12.79 11.68 28.01
C LEU F 92 11.73 11.62 29.10
N SER F 93 12.16 11.69 30.36
CA SER F 93 11.19 11.68 31.46
C SER F 93 10.28 12.90 31.41
N ASP F 94 10.82 14.06 30.99
CA ASP F 94 9.98 15.23 30.82
C ASP F 94 8.95 15.02 29.72
N LYS F 95 9.36 14.43 28.60
CA LYS F 95 8.43 14.16 27.52
C LYS F 95 7.35 13.20 27.95
N MET F 96 7.70 12.17 28.72
CA MET F 96 6.70 11.25 29.24
C MET F 96 5.78 11.93 30.25
N GLN F 97 6.30 12.86 31.04
CA GLN F 97 5.46 13.60 31.96
C GLN F 97 4.47 14.50 31.22
N SER F 98 4.88 15.07 30.09
CA SER F 98 3.98 15.93 29.34
C SER F 98 2.79 15.15 28.77
N VAL F 99 2.96 13.87 28.47
CA VAL F 99 1.85 13.08 27.94
C VAL F 99 1.12 12.39 29.07
N GLY F 100 1.49 12.72 30.30
CA GLY F 100 0.78 12.20 31.45
C GLY F 100 1.26 10.88 31.99
N VAL F 101 2.46 10.44 31.62
CA VAL F 101 3.03 9.20 32.12
C VAL F 101 4.03 9.53 33.22
N GLU F 102 3.95 8.83 34.34
CA GLU F 102 4.85 9.05 35.45
C GLU F 102 6.06 8.13 35.32
N TRP F 103 7.24 8.71 35.24
CA TRP F 103 8.47 7.96 35.05
C TRP F 103 9.44 8.26 36.19
N LYS F 104 9.97 7.21 36.78
CA LYS F 104 10.96 7.37 37.87
C LYS F 104 12.21 8.02 37.30
N ARG F 105 12.70 9.03 37.94
CA ARG F 105 13.90 9.76 37.53
C ARG F 105 15.07 9.31 38.41
N TRP F 106 16.12 8.83 37.77
CA TRP F 106 17.30 8.36 38.48
C TRP F 106 18.34 9.47 38.51
N ASP F 107 18.92 9.70 39.70
CA ASP F 107 19.94 10.76 39.83
C ASP F 107 21.24 10.31 39.16
N ASP F 108 21.59 9.03 39.32
CA ASP F 108 22.90 8.55 38.78
C ASP F 108 22.75 7.19 38.09
N LEU F 109 23.67 6.88 37.17
CA LEU F 109 23.65 5.57 36.48
C LEU F 109 24.78 4.71 37.07
N PRO F 110 24.62 3.38 37.20
CA PRO F 110 25.72 2.54 37.66
C PRO F 110 26.79 2.51 36.57
N ASP F 111 27.99 2.00 36.90
CA ASP F 111 29.10 2.01 35.90
C ASP F 111 29.10 0.69 35.13
N ALA F 112 28.25 -0.26 35.49
CA ALA F 112 28.29 -1.57 34.84
C ALA F 112 26.98 -1.88 34.12
N ASN F 113 27.09 -2.75 33.13
CA ASN F 113 25.94 -3.28 32.38
C ASN F 113 25.19 -2.19 31.62
N LEU F 114 25.90 -1.15 31.20
CA LEU F 114 25.26 -0.04 30.52
C LEU F 114 24.96 -0.42 29.07
N THR F 115 23.68 -0.35 28.69
CA THR F 115 23.22 -0.69 27.36
C THR F 115 22.52 0.51 26.76
N LEU F 116 22.81 0.81 25.51
CA LEU F 116 22.22 1.95 24.82
C LEU F 116 21.25 1.44 23.76
N PHE F 117 20.00 1.88 23.85
CA PHE F 117 18.97 1.63 22.86
C PHE F 117 18.67 2.91 22.12
N GLU F 118 18.77 2.89 20.81
CA GLU F 118 18.32 4.00 19.97
C GLU F 118 17.08 3.53 19.24
N ARG F 119 15.95 4.18 19.49
CA ARG F 119 14.70 3.81 18.87
C ARG F 119 14.16 4.96 18.04
N THR F 120 13.79 4.65 16.80
CA THR F 120 13.17 5.60 15.89
C THR F 120 11.76 5.10 15.57
N LEU F 121 10.77 5.97 15.76
CA LEU F 121 9.37 5.63 15.50
C LEU F 121 8.99 6.06 14.10
N GLU F 122 8.42 5.14 13.33
CA GLU F 122 8.06 5.37 11.94
C GLU F 122 6.62 4.93 11.68
N LEU F 123 5.69 5.36 12.54
CA LEU F 123 4.31 4.93 12.40
C LEU F 123 3.65 5.61 11.22
N LYS F 124 3.66 4.93 10.07
CA LYS F 124 3.24 5.54 8.82
C LYS F 124 1.74 5.79 8.80
N GLY F 125 1.35 6.93 8.24
CA GLY F 125 -0.06 7.24 8.05
C GLY F 125 -0.80 7.65 9.30
N GLU F 126 -0.11 8.06 10.34
CA GLU F 126 -0.79 8.43 11.55
C GLU F 126 -0.65 9.93 11.81
N PRO F 127 -1.69 10.57 12.32
CA PRO F 127 -1.56 11.98 12.73
C PRO F 127 -0.76 12.11 14.01
N LEU F 128 -0.47 13.34 14.42
CA LEU F 128 0.31 13.55 15.64
C LEU F 128 -0.41 12.99 16.86
N GLU F 129 -1.75 13.09 16.89
CA GLU F 129 -2.51 12.56 18.01
C GLU F 129 -2.40 11.04 18.10
N GLY F 130 -2.40 10.35 16.96
CA GLY F 130 -2.25 8.91 16.99
C GLY F 130 -0.88 8.48 17.50
N LEU F 131 0.17 9.17 17.07
CA LEU F 131 1.50 8.88 17.58
C LEU F 131 1.58 9.16 19.07
N ALA F 132 0.97 10.26 19.53
CA ALA F 132 0.96 10.56 20.94
C ALA F 132 0.23 9.49 21.75
N SER F 133 -0.88 8.99 21.23
CA SER F 133 -1.60 7.93 21.94
C SER F 133 -0.80 6.64 22.00
N HIS F 134 -0.15 6.27 20.89
CA HIS F 134 0.72 5.10 20.90
C HIS F 134 1.83 5.25 21.92
N MET F 135 2.47 6.41 21.94
CA MET F 135 3.57 6.62 22.87
C MET F 135 3.10 6.66 24.31
N LYS F 136 1.92 7.23 24.58
CA LYS F 136 1.41 7.24 25.94
C LYS F 136 1.10 5.83 26.42
N ALA F 137 0.48 5.01 25.58
CA ALA F 137 0.21 3.62 25.97
C ALA F 137 1.51 2.86 26.20
N PHE F 138 2.49 3.05 25.32
CA PHE F 138 3.77 2.38 25.48
C PHE F 138 4.47 2.82 26.77
N GLY F 139 4.44 4.12 27.06
CA GLY F 139 5.06 4.60 28.28
C GLY F 139 4.39 4.06 29.52
N GLU F 140 3.06 3.99 29.53
CA GLU F 140 2.37 3.39 30.66
C GLU F 140 2.76 1.93 30.83
N LYS F 141 2.87 1.20 29.73
CA LYS F 141 3.24 -0.21 29.83
C LYS F 141 4.66 -0.39 30.34
N VAL F 142 5.59 0.48 29.91
CA VAL F 142 7.01 0.27 30.19
C VAL F 142 7.47 0.97 31.47
N SER F 143 6.63 1.82 32.07
CA SER F 143 7.04 2.54 33.26
C SER F 143 7.37 1.62 34.43
N HIS F 144 6.84 0.40 34.44
CA HIS F 144 7.10 -0.50 35.57
C HIS F 144 8.51 -1.05 35.52
N VAL F 145 8.99 -1.44 34.33
CA VAL F 145 10.37 -1.89 34.23
C VAL F 145 11.33 -0.70 34.23
N MET F 146 10.86 0.46 33.78
CA MET F 146 11.70 1.65 33.81
C MET F 146 11.98 2.09 35.24
N GLU F 147 11.08 1.73 36.17
CA GLU F 147 11.26 2.08 37.60
C GLU F 147 12.21 1.07 38.26
N LEU F 148 12.45 -0.07 37.62
CA LEU F 148 13.27 -1.12 38.21
C LEU F 148 14.76 -0.93 37.95
N TYR F 149 15.14 -0.50 36.75
CA TYR F 149 16.54 -0.42 36.40
C TYR F 149 16.98 1.01 36.16
N PRO F 150 18.13 1.42 36.68
CA PRO F 150 18.60 2.79 36.49
C PRO F 150 18.76 3.09 35.01
N ASN F 151 18.35 4.29 34.61
CA ASN F 151 18.36 4.63 33.20
C ASN F 151 18.34 6.14 33.04
N LYS F 152 18.89 6.58 31.93
CA LYS F 152 18.80 7.96 31.48
C LYS F 152 18.27 7.96 30.06
N GLY F 153 17.28 8.79 29.78
CA GLY F 153 16.66 8.84 28.47
C GLY F 153 16.68 10.25 27.91
N PHE F 154 16.91 10.34 26.61
CA PHE F 154 16.86 11.61 25.91
C PHE F 154 16.11 11.40 24.60
N TYR F 155 15.44 12.45 24.16
CA TYR F 155 14.73 12.43 22.88
C TYR F 155 15.18 13.63 22.07
N LEU F 156 15.19 13.48 20.74
CA LEU F 156 15.64 14.57 19.86
C LEU F 156 14.54 15.63 19.80
N LEU F 157 14.91 16.90 19.97
CA LEU F 157 13.95 17.99 20.02
C LEU F 157 13.37 18.28 18.64
N GLY F 158 12.04 18.28 18.55
CA GLY F 158 11.37 18.69 17.32
C GLY F 158 11.74 17.88 16.11
N ARG F 159 11.97 16.58 16.29
CA ARG F 159 12.53 15.73 15.25
C ARG F 159 11.52 14.70 14.80
N THR F 160 11.27 14.62 13.51
CA THR F 160 10.49 13.55 12.92
C THR F 160 11.33 12.86 11.84
N PRO F 161 11.45 11.54 11.86
CA PRO F 161 10.83 10.59 12.81
C PRO F 161 11.37 10.74 14.22
N PRO F 162 10.50 10.65 15.23
CA PRO F 162 10.95 10.81 16.61
C PRO F 162 12.01 9.77 16.97
N LYS F 163 13.01 10.20 17.72
CA LYS F 163 14.15 9.36 18.05
C LYS F 163 14.52 9.55 19.51
N ALA F 164 14.82 8.42 20.17
CA ALA F 164 15.20 8.42 21.57
C ALA F 164 16.45 7.58 21.79
N PHE F 165 17.33 8.08 22.66
CA PHE F 165 18.50 7.38 23.17
C PHE F 165 18.26 7.05 24.63
N VAL F 166 18.30 5.77 24.98
CA VAL F 166 18.06 5.34 26.36
C VAL F 166 19.23 4.49 26.80
N ILE F 167 19.88 4.88 27.90
CA ILE F 167 20.98 4.11 28.48
C ILE F 167 20.47 3.52 29.78
N VAL F 168 20.51 2.20 29.88
CA VAL F 168 19.94 1.49 31.02
C VAL F 168 20.92 0.41 31.47
N SER F 169 21.06 0.29 32.79
CA SER F 169 21.90 -0.78 33.40
C SER F 169 21.08 -2.07 33.48
N LEU F 170 21.39 -3.04 32.61
CA LEU F 170 20.63 -4.31 32.55
C LEU F 170 21.46 -5.42 33.19
N PRO F 171 21.09 -5.95 34.37
CA PRO F 171 21.50 -7.29 34.77
C PRO F 171 20.94 -8.29 33.79
N PHE F 172 21.38 -9.55 33.88
CA PHE F 172 20.83 -10.61 33.00
C PHE F 172 20.91 -10.13 31.55
N ARG F 173 22.07 -9.57 31.19
CA ARG F 173 22.17 -8.54 30.13
C ARG F 173 21.71 -9.11 28.79
N CYS F 174 22.41 -10.13 28.28
CA CYS F 174 22.37 -10.40 26.82
C CYS F 174 21.05 -11.10 26.43
N ARG F 175 20.22 -11.47 27.42
CA ARG F 175 18.83 -11.87 27.10
C ARG F 175 17.87 -10.72 27.45
N GLN F 176 18.23 -9.87 28.43
CA GLN F 176 17.34 -8.71 28.69
C GLN F 176 17.41 -7.70 27.55
N VAL F 177 18.49 -7.69 26.76
CA VAL F 177 18.50 -6.78 25.62
C VAL F 177 17.41 -7.15 24.62
N ARG F 178 17.27 -8.43 24.29
CA ARG F 178 16.17 -8.86 23.45
C ARG F 178 14.82 -8.65 24.15
N TYR F 179 14.73 -8.98 25.43
CA TYR F 179 13.47 -8.82 26.15
C TYR F 179 13.03 -7.37 26.21
N GLY F 180 13.97 -6.45 26.40
CA GLY F 180 13.64 -5.05 26.50
C GLY F 180 13.40 -4.38 25.17
N SER F 181 14.09 -4.85 24.13
CA SER F 181 13.75 -4.35 22.80
C SER F 181 12.38 -4.85 22.34
N ASP F 182 12.00 -6.06 22.76
CA ASP F 182 10.71 -6.63 22.38
C ASP F 182 9.57 -6.17 23.27
N PHE F 183 9.84 -5.54 24.40
CA PHE F 183 8.80 -5.30 25.40
C PHE F 183 7.78 -4.29 24.88
N ALA F 184 6.50 -4.71 24.92
CA ALA F 184 5.36 -3.85 24.58
C ALA F 184 5.51 -3.22 23.19
N LEU F 185 6.14 -3.95 22.27
CA LEU F 185 6.33 -3.41 20.92
C LEU F 185 5.00 -3.31 20.17
N ASN F 186 4.02 -4.14 20.53
CA ASN F 186 2.72 -4.07 19.89
C ASN F 186 2.04 -2.72 20.15
N TYR F 187 2.30 -2.11 21.31
CA TYR F 187 1.75 -0.80 21.59
C TYR F 187 2.36 0.28 20.70
N LEU F 188 3.50 0.01 20.08
CA LEU F 188 4.07 0.89 19.08
C LEU F 188 3.81 0.38 17.67
N ASN F 189 2.74 -0.39 17.50
CA ASN F 189 2.29 -0.92 16.21
C ASN F 189 3.19 -2.02 15.67
N GLY F 190 3.80 -2.80 16.56
CA GLY F 190 4.52 -3.98 16.16
C GLY F 190 5.94 -3.71 15.69
N PRO F 191 6.64 -4.76 15.30
CA PRO F 191 8.07 -4.65 14.97
C PRO F 191 8.36 -4.10 13.59
N GLY F 192 7.35 -3.65 12.85
CA GLY F 192 7.60 -3.24 11.48
C GLY F 192 7.72 -1.75 11.26
N ASP F 193 7.32 -0.93 12.24
CA ASP F 193 7.38 0.51 12.06
C ASP F 193 8.04 1.20 13.23
N SER F 194 9.10 0.59 13.76
CA SER F 194 10.05 1.26 14.63
C SER F 194 11.35 0.51 14.52
N SER F 195 12.44 1.26 14.39
CA SER F 195 13.77 0.66 14.26
C SER F 195 14.52 0.82 15.57
N THR F 196 15.18 -0.24 16.01
CA THR F 196 15.93 -0.26 17.25
C THR F 196 17.36 -0.67 16.97
N LYS F 197 18.31 0.07 17.54
CA LYS F 197 19.72 -0.26 17.46
C LYS F 197 20.28 -0.34 18.88
N VAL F 198 21.06 -1.38 19.16
CA VAL F 198 21.57 -1.64 20.50
C VAL F 198 23.09 -1.56 20.49
N GLU F 199 23.65 -0.94 21.52
CA GLU F 199 25.09 -0.89 21.73
C GLU F 199 25.41 -1.19 23.18
N PHE F 200 26.61 -1.70 23.41
CA PHE F 200 27.16 -1.84 24.75
C PHE F 200 28.08 -0.64 24.99
N VAL F 201 27.81 0.12 26.04
CA VAL F 201 28.55 1.35 26.29
C VAL F 201 29.17 1.29 27.67
N ALA F 202 30.18 2.11 27.87
CA ALA F 202 30.81 2.30 29.16
C ALA F 202 30.93 3.78 29.45
N LYS F 203 30.98 4.13 30.72
CA LYS F 203 31.17 5.52 31.10
C LYS F 203 32.54 5.98 30.63
N ALA F 204 32.57 7.10 29.90
CA ALA F 204 33.81 7.58 29.33
C ALA F 204 34.53 8.49 30.31
N LEU G 26 10.67 41.19 -9.59
CA LEU G 26 11.64 41.61 -8.59
C LEU G 26 11.79 40.54 -7.52
N GLN G 27 11.38 39.32 -7.88
CA GLN G 27 11.51 38.17 -6.95
C GLN G 27 12.99 37.82 -6.80
N LYS G 28 13.41 37.51 -5.57
CA LYS G 28 14.79 37.17 -5.28
C LYS G 28 14.97 35.67 -5.24
N HIS G 29 16.09 35.20 -5.76
CA HIS G 29 16.42 33.78 -5.81
C HIS G 29 17.73 33.56 -5.08
N TYR G 30 17.84 32.44 -4.36
CA TYR G 30 19.00 32.16 -3.56
C TYR G 30 19.49 30.75 -3.82
N ILE G 31 20.74 30.51 -3.46
CA ILE G 31 21.32 29.18 -3.39
C ILE G 31 21.73 28.92 -1.96
N ILE G 32 21.30 27.78 -1.43
CA ILE G 32 21.78 27.31 -0.13
C ILE G 32 22.74 26.16 -0.38
N TYR G 33 24.00 26.35 0.03
CA TYR G 33 24.99 25.30 -0.01
C TYR G 33 25.03 24.62 1.35
N GLU G 34 24.71 23.34 1.39
CA GLU G 34 24.89 22.52 2.58
C GLU G 34 26.23 21.82 2.46
N VAL G 35 27.15 22.15 3.36
CA VAL G 35 28.55 21.75 3.26
C VAL G 35 28.89 20.87 4.44
N ARG G 36 29.39 19.67 4.17
CA ARG G 36 29.91 18.78 5.19
C ARG G 36 31.38 18.55 4.91
N ASN G 37 32.24 19.05 5.79
CA ASN G 37 33.69 18.98 5.57
C ASN G 37 34.36 18.84 6.92
N ILE G 38 34.98 17.69 7.17
CA ILE G 38 35.58 17.39 8.46
C ILE G 38 37.09 17.65 8.46
N GLU G 39 37.63 18.18 7.37
CA GLU G 39 39.07 18.38 7.25
C GLU G 39 39.50 19.84 7.26
N LYS G 40 38.63 20.75 6.89
CA LYS G 40 38.98 22.17 6.86
C LYS G 40 38.48 22.87 8.10
N THR G 41 39.24 23.87 8.54
CA THR G 41 38.78 24.75 9.59
C THR G 41 37.66 25.64 9.04
N PRO G 42 36.80 26.16 9.92
CA PRO G 42 35.74 27.06 9.44
C PRO G 42 36.26 28.27 8.70
N GLU G 43 37.43 28.79 9.06
CA GLU G 43 38.02 29.89 8.31
C GLU G 43 38.35 29.46 6.88
N GLU G 44 38.89 28.25 6.72
CA GLU G 44 39.19 27.75 5.39
C GLU G 44 37.93 27.53 4.57
N VAL G 45 36.87 27.02 5.22
CA VAL G 45 35.60 26.85 4.54
C VAL G 45 35.05 28.19 4.07
N LYS G 46 35.13 29.21 4.91
CA LYS G 46 34.69 30.54 4.51
C LYS G 46 35.54 31.08 3.36
N GLU G 47 36.85 30.87 3.42
CA GLU G 47 37.72 31.34 2.35
C GLU G 47 37.52 30.59 1.05
N GLU G 48 36.96 29.39 1.11
CA GLU G 48 36.68 28.65 -0.11
C GLU G 48 35.72 29.39 -1.03
N MET G 49 34.93 30.32 -0.49
CA MET G 49 33.95 31.03 -1.30
C MET G 49 34.54 32.23 -2.02
N LYS G 50 35.83 32.51 -1.83
CA LYS G 50 36.54 33.59 -2.53
C LYS G 50 35.82 34.90 -2.22
N ASP G 51 35.45 35.70 -3.22
CA ASP G 51 34.91 37.04 -2.98
C ASP G 51 33.43 37.16 -3.36
N THR G 52 32.70 36.05 -3.40
CA THR G 52 31.27 36.15 -3.61
C THR G 52 30.59 36.74 -2.38
N ASP G 53 29.48 37.43 -2.58
CA ASP G 53 28.76 38.04 -1.48
C ASP G 53 27.89 37.00 -0.80
N ILE G 54 28.11 36.80 0.49
CA ILE G 54 27.36 35.83 1.28
C ILE G 54 26.29 36.56 2.07
N LEU G 55 25.05 36.05 2.00
CA LEU G 55 23.99 36.64 2.80
C LEU G 55 24.01 36.10 4.23
N TYR G 56 24.10 34.78 4.38
CA TYR G 56 24.18 34.14 5.69
C TYR G 56 25.20 33.01 5.59
N SER G 57 26.05 32.88 6.60
CA SER G 57 26.94 31.73 6.72
C SER G 57 26.80 31.18 8.13
N PHE G 58 26.30 29.95 8.24
CA PHE G 58 25.97 29.36 9.52
C PHE G 58 26.69 28.03 9.68
N LYS G 59 26.94 27.67 10.93
CA LYS G 59 27.65 26.44 11.25
C LYS G 59 26.94 25.83 12.45
N ALA G 60 26.69 24.53 12.41
CA ALA G 60 26.09 23.83 13.54
C ALA G 60 27.04 23.87 14.73
N LEU G 61 26.48 24.02 15.92
CA LEU G 61 27.28 24.19 17.11
C LEU G 61 28.18 22.99 17.36
N GLY G 62 29.48 23.18 17.21
CA GLY G 62 30.45 22.12 17.51
C GLY G 62 30.45 20.99 16.51
N ALA G 63 29.96 21.23 15.29
CA ALA G 63 29.86 20.19 14.29
C ALA G 63 30.36 20.75 12.96
N PRO G 64 30.87 19.89 12.06
CA PRO G 64 31.44 20.39 10.81
C PRO G 64 30.42 20.64 9.70
N SER G 65 29.15 20.83 10.05
CA SER G 65 28.12 21.14 9.06
C SER G 65 27.98 22.65 8.88
N TYR G 66 27.81 23.06 7.64
CA TYR G 66 27.72 24.48 7.30
C TYR G 66 26.57 24.72 6.36
N HIS G 67 25.96 25.90 6.48
CA HIS G 67 24.97 26.40 5.53
C HIS G 67 25.42 27.75 5.02
N ILE G 68 25.56 27.88 3.72
CA ILE G 68 25.98 29.13 3.11
C ILE G 68 24.87 29.60 2.18
N VAL G 69 24.32 30.77 2.42
CA VAL G 69 23.23 31.31 1.64
C VAL G 69 23.79 32.40 0.75
N VAL G 70 23.54 32.30 -0.55
CA VAL G 70 24.05 33.24 -1.54
C VAL G 70 22.88 33.76 -2.36
N GLU G 71 22.88 35.05 -2.65
CA GLU G 71 21.86 35.62 -3.52
C GLU G 71 22.26 35.45 -4.98
N VAL G 72 21.33 35.02 -5.81
CA VAL G 72 21.60 34.77 -7.22
C VAL G 72 21.44 36.08 -7.98
N ASN G 73 22.53 36.56 -8.55
CA ASN G 73 22.54 37.74 -9.41
C ASN G 73 23.76 37.64 -10.31
N PRO G 74 23.81 38.43 -11.39
CA PRO G 74 24.94 38.31 -12.32
C PRO G 74 26.30 38.45 -11.67
N ARG G 75 26.45 39.36 -10.71
CA ARG G 75 27.74 39.55 -10.06
C ARG G 75 28.12 38.31 -9.26
N ASN G 76 27.21 37.80 -8.44
CA ASN G 76 27.50 36.61 -7.66
C ASN G 76 27.69 35.39 -8.54
N MET G 77 26.93 35.26 -9.62
CA MET G 77 27.13 34.14 -10.52
C MET G 77 28.51 34.19 -11.17
N ARG G 78 28.97 35.38 -11.54
CA ARG G 78 30.31 35.51 -12.06
C ARG G 78 31.37 35.18 -11.02
N LYS G 79 31.16 35.62 -9.78
CA LYS G 79 32.14 35.32 -8.73
C LYS G 79 32.18 33.84 -8.38
N LEU G 80 31.05 33.15 -8.48
CA LEU G 80 30.99 31.74 -8.12
C LEU G 80 31.69 30.84 -9.11
N GLU G 81 32.12 31.37 -10.26
CA GLU G 81 32.84 30.54 -11.22
C GLU G 81 34.20 30.11 -10.69
N GLU G 82 34.76 30.87 -9.76
CA GLU G 82 36.05 30.53 -9.16
C GLU G 82 35.91 29.68 -7.91
N VAL G 83 34.70 29.30 -7.54
CA VAL G 83 34.44 28.60 -6.29
C VAL G 83 34.26 27.11 -6.57
N GLU G 84 34.98 26.28 -5.84
CA GLU G 84 34.86 24.83 -5.93
C GLU G 84 34.86 24.29 -4.51
N LEU G 85 33.68 24.15 -3.92
CA LEU G 85 33.58 23.69 -2.55
C LEU G 85 33.93 22.21 -2.45
N LYS G 86 34.65 21.86 -1.40
CA LYS G 86 35.13 20.50 -1.17
C LYS G 86 34.33 19.83 -0.07
N GLY G 87 34.36 18.51 -0.06
CA GLY G 87 33.57 17.74 0.88
C GLY G 87 32.25 17.31 0.28
N LYS G 88 31.31 16.99 1.16
CA LYS G 88 29.97 16.60 0.73
C LYS G 88 29.15 17.88 0.60
N ILE G 89 28.88 18.29 -0.65
CA ILE G 89 28.18 19.58 -0.87
C ILE G 89 26.82 19.31 -1.56
N ARG G 90 25.75 19.95 -1.07
CA ARG G 90 24.45 19.84 -1.76
C ARG G 90 23.98 21.26 -2.09
N MET G 91 23.99 21.62 -3.37
CA MET G 91 23.52 22.97 -3.80
C MET G 91 21.99 22.94 -3.96
N VAL G 92 21.28 23.81 -3.27
CA VAL G 92 19.79 23.78 -3.32
C VAL G 92 19.26 25.17 -3.72
N PRO G 93 18.72 25.35 -4.94
CA PRO G 93 18.11 26.62 -5.32
C PRO G 93 16.84 26.82 -4.50
N VAL G 94 16.66 28.02 -3.94
CA VAL G 94 15.50 28.31 -3.10
C VAL G 94 14.96 29.69 -3.43
N VAL G 95 13.70 29.89 -3.02
CA VAL G 95 13.05 31.20 -3.03
C VAL G 95 12.66 31.50 -1.59
N ASN G 96 12.33 32.76 -1.33
CA ASN G 96 11.89 33.17 0.00
C ASN G 96 10.48 32.65 0.24
N MET G 97 10.22 32.19 1.46
CA MET G 97 8.88 31.68 1.80
C MET G 97 7.82 32.77 1.76
N VAL G 98 8.22 34.04 1.86
CA VAL G 98 7.28 35.14 1.67
C VAL G 98 6.71 35.15 0.25
N ASP G 99 7.56 34.88 -0.75
CA ASP G 99 7.07 34.79 -2.12
C ASP G 99 6.12 33.60 -2.30
N VAL G 100 6.44 32.46 -1.69
CA VAL G 100 5.52 31.33 -1.72
C VAL G 100 4.19 31.72 -1.08
N ALA G 101 4.23 32.47 0.02
CA ALA G 101 3.01 32.96 0.65
C ALA G 101 2.22 33.82 -0.31
N GLU G 102 2.88 34.74 -0.99
CA GLU G 102 2.17 35.63 -1.89
C GLU G 102 1.53 34.86 -3.04
N THR G 103 2.23 33.84 -3.55
CA THR G 103 1.66 33.05 -4.65
C THR G 103 0.50 32.18 -4.18
N LEU G 104 0.51 31.77 -2.91
CA LEU G 104 -0.59 30.97 -2.38
C LEU G 104 -1.68 31.80 -1.73
N GLY G 105 -1.56 33.13 -1.79
CA GLY G 105 -2.61 34.02 -1.26
C GLY G 105 -2.60 34.10 0.25
N VAL G 106 -1.49 33.71 0.89
CA VAL G 106 -1.37 33.77 2.37
C VAL G 106 -0.46 34.95 2.72
N SER G 107 -0.75 35.66 3.81
CA SER G 107 0.15 36.75 4.26
C SER G 107 1.22 36.14 5.18
N TRP G 108 2.43 36.69 5.16
CA TRP G 108 3.54 36.11 5.97
C TRP G 108 4.14 37.22 6.83
N PRO G 109 4.32 37.02 8.15
CA PRO G 109 4.95 38.03 9.00
C PRO G 109 6.27 38.50 8.39
N ARG G 110 6.51 39.81 8.30
CA ARG G 110 7.75 40.29 7.71
C ARG G 110 8.96 39.68 8.39
N SER G 111 9.92 39.24 7.59
CA SER G 111 11.12 38.60 8.11
C SER G 111 12.14 39.65 8.54
N GLY G 112 12.88 39.35 9.59
CA GLY G 112 13.91 40.26 10.07
C GLY G 112 15.16 40.20 9.20
N ALA G 113 15.79 41.36 9.02
CA ALA G 113 16.93 41.44 8.12
C ALA G 113 18.14 40.70 8.66
N ARG G 114 18.40 40.84 9.96
CA ARG G 114 19.60 40.29 10.58
C ARG G 114 19.25 39.15 11.52
N LEU G 115 20.03 38.09 11.47
CA LEU G 115 19.83 36.93 12.32
C LEU G 115 21.00 36.87 13.30
N LEU G 116 20.70 37.03 14.58
CA LEU G 116 21.71 37.09 15.62
C LEU G 116 22.08 35.68 16.10
N ASP G 117 23.21 35.60 16.78
CA ASP G 117 23.66 34.30 17.30
C ASP G 117 22.86 33.85 18.50
N VAL G 118 22.22 34.77 19.23
CA VAL G 118 21.48 34.42 20.43
C VAL G 118 20.19 33.73 20.04
N ASN G 119 19.95 32.54 20.60
CA ASN G 119 18.76 31.74 20.37
C ASN G 119 18.61 31.30 18.91
N LEU G 120 19.68 31.32 18.12
CA LEU G 120 19.56 31.02 16.70
C LEU G 120 19.41 29.52 16.47
N THR G 121 18.40 29.15 15.68
CA THR G 121 18.06 27.76 15.42
C THR G 121 17.74 27.60 13.95
N LEU G 122 17.98 26.39 13.43
CA LEU G 122 17.62 26.04 12.07
C LEU G 122 16.67 24.85 12.11
N ILE G 123 15.53 25.00 11.44
CA ILE G 123 14.54 23.94 11.32
C ILE G 123 14.41 23.60 9.83
N GLU G 124 14.68 22.35 9.50
CA GLU G 124 14.61 21.85 8.13
C GLU G 124 13.47 20.85 8.01
N ARG G 125 12.67 20.99 6.96
CA ARG G 125 11.55 20.11 6.70
C ARG G 125 11.64 19.57 5.29
N THR G 126 11.49 18.25 5.15
CA THR G 126 11.34 17.62 3.85
C THR G 126 10.01 16.89 3.82
N LEU G 127 9.19 17.16 2.81
CA LEU G 127 7.83 16.67 2.74
C LEU G 127 7.76 15.47 1.81
N ASN G 128 7.18 14.36 2.31
CA ASN G 128 7.13 13.14 1.51
C ASN G 128 6.21 13.30 0.30
N GLN G 129 4.98 13.76 0.52
CA GLN G 129 3.98 14.02 -0.52
C GLN G 129 3.54 12.76 -1.25
N GLU G 130 3.84 11.57 -0.74
CA GLU G 130 3.49 10.34 -1.45
C GLU G 130 1.98 10.20 -1.62
N GLY G 131 1.57 9.86 -2.84
CA GLY G 131 0.17 9.62 -3.13
C GLY G 131 -0.67 10.85 -3.40
N LEU G 132 -0.05 12.01 -3.57
CA LEU G 132 -0.79 13.26 -3.76
C LEU G 132 -0.59 13.79 -5.16
N THR G 133 -1.51 14.65 -5.58
CA THR G 133 -1.38 15.38 -6.82
C THR G 133 -0.78 16.76 -6.52
N SER G 134 -0.51 17.53 -7.56
CA SER G 134 0.05 18.87 -7.37
C SER G 134 -0.93 19.79 -6.68
N GLN G 135 -2.20 19.77 -7.09
CA GLN G 135 -3.20 20.63 -6.48
C GLN G 135 -3.41 20.28 -5.02
N GLU G 136 -3.43 18.98 -4.71
CA GLU G 136 -3.57 18.54 -3.33
C GLU G 136 -2.39 19.03 -2.49
N SER G 137 -1.18 18.93 -3.03
CA SER G 137 0.00 19.40 -2.31
C SER G 137 -0.06 20.90 -2.08
N GLU G 138 -0.53 21.66 -3.07
CA GLU G 138 -0.67 23.10 -2.88
C GLU G 138 -1.68 23.41 -1.79
N ALA G 139 -2.79 22.67 -1.75
CA ALA G 139 -3.77 22.88 -0.69
C ALA G 139 -3.18 22.61 0.68
N HIS G 140 -2.43 21.51 0.81
CA HIS G 140 -1.80 21.21 2.10
C HIS G 140 -0.78 22.27 2.49
N LEU G 141 0.00 22.75 1.53
CA LEU G 141 1.00 23.78 1.82
C LEU G 141 0.32 25.07 2.28
N LYS G 142 -0.78 25.45 1.62
CA LYS G 142 -1.51 26.63 2.04
C LYS G 142 -2.07 26.47 3.44
N GLY G 143 -2.59 25.29 3.76
CA GLY G 143 -3.08 25.05 5.11
C GLY G 143 -1.99 25.16 6.16
N PHE G 144 -0.82 24.56 5.87
CA PHE G 144 0.30 24.64 6.80
C PHE G 144 0.73 26.07 7.02
N MET G 145 0.82 26.84 5.95
CA MET G 145 1.30 28.21 6.08
C MET G 145 0.30 29.09 6.81
N GLU G 146 -1.00 28.87 6.58
CA GLU G 146 -2.01 29.59 7.34
C GLU G 146 -1.96 29.23 8.82
N GLU G 147 -1.67 27.97 9.13
CA GLU G 147 -1.55 27.58 10.54
C GLU G 147 -0.34 28.23 11.19
N LEU G 148 0.80 28.27 10.49
CA LEU G 148 2.03 28.79 11.06
C LEU G 148 2.09 30.31 11.10
N LYS G 149 1.23 30.99 10.32
CA LYS G 149 1.30 32.44 10.20
C LYS G 149 1.26 33.14 11.56
N ASP G 150 0.31 32.76 12.42
CA ASP G 150 0.11 33.50 13.65
C ASP G 150 1.24 33.28 14.65
N ARG G 151 1.72 32.05 14.76
CA ARG G 151 2.81 31.78 15.69
C ARG G 151 4.13 32.33 15.19
N LEU G 152 4.28 32.51 13.88
CA LEU G 152 5.53 33.04 13.35
C LEU G 152 5.69 34.54 13.60
N GLN G 153 4.65 35.22 14.09
CA GLN G 153 4.69 36.68 14.18
C GLN G 153 5.60 37.18 15.30
N GLN G 154 5.89 36.35 16.28
CA GLN G 154 6.60 36.80 17.48
C GLN G 154 8.11 36.73 17.36
N TYR G 155 8.65 36.18 16.29
CA TYR G 155 10.07 35.84 16.23
C TYR G 155 10.76 36.46 15.04
N ASN G 156 12.05 36.76 15.24
CA ASN G 156 12.93 37.09 14.12
C ASN G 156 13.25 35.82 13.34
N TYR G 157 13.08 35.86 12.03
CA TYR G 157 13.25 34.64 11.26
C TYR G 157 13.54 34.97 9.80
N GLN G 158 14.03 33.96 9.09
CA GLN G 158 14.15 33.93 7.64
C GLN G 158 13.76 32.53 7.17
N ALA G 159 12.99 32.44 6.10
CA ALA G 159 12.50 31.16 5.64
C ALA G 159 12.70 31.02 4.14
N PHE G 160 12.99 29.79 3.70
CA PHE G 160 13.27 29.51 2.30
C PHE G 160 12.60 28.21 1.90
N PHE G 161 12.25 28.10 0.63
CA PHE G 161 11.60 26.93 0.07
C PHE G 161 12.30 26.54 -1.23
N THR G 162 12.51 25.24 -1.43
CA THR G 162 13.15 24.81 -2.67
C THR G 162 12.29 25.17 -3.87
N ILE G 163 12.95 25.56 -4.95
CA ILE G 163 12.27 25.92 -6.18
C ILE G 163 12.51 24.78 -7.17
N GLY G 164 11.52 23.92 -7.33
CA GLY G 164 11.55 22.85 -8.30
C GLY G 164 11.96 21.51 -7.77
N ALA G 165 12.61 21.45 -6.61
CA ALA G 165 13.07 20.17 -6.10
C ALA G 165 11.91 19.31 -5.64
N SER G 166 12.04 18.01 -5.82
CA SER G 166 11.06 17.04 -5.33
C SER G 166 11.80 15.86 -4.72
N PRO G 167 11.58 15.54 -3.44
CA PRO G 167 10.68 16.18 -2.48
C PRO G 167 11.11 17.59 -2.11
N PRO G 168 10.15 18.47 -1.85
CA PRO G 168 10.49 19.85 -1.50
C PRO G 168 11.09 19.95 -0.10
N LYS G 169 11.84 21.01 0.11
CA LYS G 169 12.47 21.28 1.40
C LYS G 169 12.24 22.71 1.81
N MET G 170 12.06 22.90 3.12
CA MET G 170 11.85 24.20 3.73
C MET G 170 12.90 24.43 4.80
N TYR G 171 13.47 25.63 4.82
CA TYR G 171 14.46 26.04 5.80
C TYR G 171 13.90 27.21 6.61
N ILE G 172 14.07 27.17 7.93
CA ILE G 172 13.71 28.29 8.79
C ILE G 172 14.90 28.57 9.70
N TYR G 173 15.45 29.77 9.61
CA TYR G 173 16.46 30.26 10.54
C TYR G 173 15.75 31.23 11.47
N ILE G 174 15.63 30.87 12.75
CA ILE G 174 14.74 31.57 13.66
C ILE G 174 15.46 31.83 14.98
N ASN G 175 15.26 33.04 15.52
CA ASN G 175 15.78 33.37 16.88
C ASN G 175 14.63 33.04 17.83
N ILE G 176 14.62 31.85 18.42
CA ILE G 176 13.53 31.38 19.26
C ILE G 176 14.12 30.84 20.56
N PRO G 177 13.49 31.08 21.71
CA PRO G 177 14.00 30.50 22.96
C PRO G 177 14.05 28.98 22.87
N TYR G 178 15.12 28.41 23.44
CA TYR G 178 15.38 26.99 23.28
C TYR G 178 14.35 26.12 23.98
N GLU G 179 13.61 26.67 24.93
CA GLU G 179 12.55 25.92 25.58
C GLU G 179 11.33 25.75 24.69
N GLU G 180 11.21 26.56 23.64
CA GLU G 180 10.04 26.56 22.78
C GLU G 180 10.27 25.89 21.45
N VAL G 181 11.49 25.46 21.16
CA VAL G 181 11.79 24.99 19.80
C VAL G 181 11.13 23.65 19.53
N ASP G 182 11.01 22.79 20.55
CA ASP G 182 10.42 21.48 20.34
C ASP G 182 8.98 21.58 19.88
N LYS G 183 8.18 22.43 20.52
CA LYS G 183 6.79 22.59 20.09
C LYS G 183 6.67 23.37 18.80
N PHE G 184 7.53 24.37 18.61
CA PHE G 184 7.46 25.17 17.39
C PHE G 184 7.81 24.35 16.16
N ALA G 185 8.72 23.38 16.30
CA ALA G 185 9.11 22.57 15.16
C ALA G 185 8.01 21.61 14.72
N CYS G 186 7.05 21.30 15.59
CA CYS G 186 5.98 20.37 15.27
C CYS G 186 4.68 21.08 14.90
N ILE G 187 4.69 22.40 14.74
CA ILE G 187 3.48 23.12 14.38
C ILE G 187 3.10 22.80 12.94
N GLY G 188 1.84 22.46 12.73
CA GLY G 188 1.34 22.23 11.39
C GLY G 188 1.78 20.92 10.76
N ILE G 189 2.23 19.96 11.57
CA ILE G 189 2.70 18.70 11.02
C ILE G 189 1.55 17.94 10.37
N ASN G 190 0.37 17.94 11.00
CA ASN G 190 -0.78 17.23 10.46
C ASN G 190 -1.22 17.80 9.11
N GLN G 191 -0.88 19.04 8.81
CA GLN G 191 -1.20 19.59 7.51
C GLN G 191 -0.51 18.83 6.38
N PHE G 192 0.57 18.13 6.67
CA PHE G 192 1.29 17.38 5.65
C PHE G 192 1.06 15.89 5.74
N GLY G 193 0.22 15.43 6.66
CA GLY G 193 -0.05 14.01 6.81
C GLY G 193 0.45 13.39 8.10
N GLY G 194 1.00 14.17 9.01
CA GLY G 194 1.48 13.65 10.26
C GLY G 194 2.98 13.51 10.31
N PRO G 195 3.50 13.09 11.47
CA PRO G 195 4.95 13.02 11.64
C PRO G 195 5.68 12.10 10.68
N ALA G 196 5.07 10.99 10.27
CA ALA G 196 5.76 10.07 9.37
C ALA G 196 5.84 10.58 7.94
N ALA G 197 5.12 11.63 7.60
CA ALA G 197 5.13 12.18 6.25
C ALA G 197 6.10 13.34 6.10
N VAL G 198 6.80 13.73 7.15
CA VAL G 198 7.72 14.87 7.11
C VAL G 198 8.99 14.49 7.86
N ASN G 199 10.14 14.77 7.25
CA ASN G 199 11.41 14.70 7.95
C ASN G 199 11.75 16.08 8.50
N THR G 200 11.78 16.21 9.82
CA THR G 200 12.08 17.46 10.50
C THR G 200 13.39 17.34 11.25
N THR G 201 14.27 18.32 11.08
CA THR G 201 15.55 18.34 11.75
C THR G 201 15.75 19.70 12.38
N VAL G 202 16.22 19.71 13.63
CA VAL G 202 16.49 20.93 14.37
C VAL G 202 17.97 20.99 14.69
N SER G 203 18.58 22.16 14.50
CA SER G 203 19.98 22.36 14.79
C SER G 203 20.20 23.69 15.48
N PHE G 204 21.11 23.71 16.44
CA PHE G 204 21.60 24.96 17.01
C PHE G 204 22.75 25.45 16.15
N ILE G 205 22.68 26.70 15.69
CA ILE G 205 23.63 27.20 14.72
C ILE G 205 24.18 28.54 15.16
N SER G 206 25.31 28.91 14.56
CA SER G 206 25.93 30.20 14.83
C SER G 206 26.69 30.65 13.58
N SER G 207 26.85 31.95 13.43
CA SER G 207 27.59 32.46 12.28
C SER G 207 29.06 32.09 12.39
N PHE G 208 29.67 31.84 11.23
CA PHE G 208 31.07 31.46 11.16
C PHE G 208 31.77 32.27 10.07
N PRO G 209 33.08 32.50 10.21
CA PRO G 209 33.98 32.12 11.31
C PRO G 209 33.80 33.02 12.52
N LYS G 210 34.13 32.55 13.72
CA LYS G 210 33.97 33.35 14.92
C LYS G 210 34.99 34.48 14.95
N GLN H 24 22.62 6.14 -31.72
CA GLN H 24 23.93 6.70 -31.47
C GLN H 24 24.54 6.15 -30.19
N ASP H 25 25.58 6.83 -29.69
CA ASP H 25 26.35 6.35 -28.56
C ASP H 25 26.59 7.46 -27.54
N LEU H 26 25.59 8.28 -27.29
CA LEU H 26 25.71 9.33 -26.30
C LEU H 26 25.62 8.78 -24.89
N VAL H 27 26.44 9.30 -24.00
CA VAL H 27 26.42 8.97 -22.58
C VAL H 27 26.37 10.26 -21.78
N PHE H 28 25.46 10.32 -20.81
CA PHE H 28 25.45 11.36 -19.80
C PHE H 28 26.26 10.87 -18.61
N ALA H 29 27.36 11.53 -18.32
CA ALA H 29 28.25 11.13 -17.25
C ALA H 29 28.32 12.23 -16.20
N GLU H 30 28.23 11.83 -14.93
CA GLU H 30 28.32 12.74 -13.80
C GLU H 30 29.41 12.26 -12.85
N TRP H 31 30.30 13.20 -12.49
CA TRP H 31 31.40 12.98 -11.58
C TRP H 31 31.31 13.95 -10.40
N ASP H 32 31.78 13.50 -9.25
CA ASP H 32 31.85 14.35 -8.06
C ASP H 32 33.29 14.30 -7.54
N LYS H 33 33.97 15.44 -7.59
CA LYS H 33 35.38 15.54 -7.20
C LYS H 33 35.60 16.23 -5.87
N GLY H 34 34.61 16.21 -4.97
CA GLY H 34 34.77 16.88 -3.70
C GLY H 34 35.86 16.27 -2.83
N SER H 35 36.03 14.96 -2.92
CA SER H 35 37.00 14.28 -2.07
C SER H 35 38.44 14.56 -2.48
N SER H 36 38.70 14.65 -3.78
CA SER H 36 40.05 14.82 -4.29
C SER H 36 40.41 16.29 -4.31
N HIS H 37 41.53 16.64 -3.68
CA HIS H 37 41.99 18.02 -3.71
C HIS H 37 42.53 18.40 -5.10
N GLU H 38 43.30 17.50 -5.71
CA GLU H 38 43.80 17.70 -7.06
C GLU H 38 43.31 16.56 -7.94
N HIS H 39 42.71 16.91 -9.07
CA HIS H 39 42.14 15.92 -9.97
C HIS H 39 42.49 16.30 -11.40
N ALA H 40 42.06 15.45 -12.33
CA ALA H 40 42.33 15.66 -13.76
C ALA H 40 41.11 16.18 -14.51
N CYS H 41 40.08 16.63 -13.79
CA CYS H 41 38.85 17.08 -14.46
C CYS H 41 39.02 18.38 -15.21
N SER H 42 40.19 19.02 -15.18
CA SER H 42 40.45 20.10 -16.11
C SER H 42 40.38 19.63 -17.55
N ALA H 43 40.51 18.32 -17.78
CA ALA H 43 40.30 17.76 -19.11
C ALA H 43 38.89 18.02 -19.61
N LEU H 44 37.93 18.17 -18.69
CA LEU H 44 36.57 18.51 -19.09
C LEU H 44 36.44 19.91 -19.65
N ARG H 45 37.46 20.75 -19.50
CA ARG H 45 37.50 22.05 -20.13
C ARG H 45 38.45 22.10 -21.31
N ASN H 46 39.00 20.96 -21.72
CA ASN H 46 40.02 20.88 -22.76
C ASN H 46 39.35 20.46 -24.06
N SER H 47 39.49 21.28 -25.10
CA SER H 47 38.88 20.97 -26.39
C SER H 47 39.62 19.83 -27.08
N SER H 48 40.90 19.64 -26.78
CA SER H 48 41.65 18.55 -27.39
C SER H 48 41.19 17.19 -26.88
N VAL H 49 40.54 17.15 -25.72
CA VAL H 49 39.99 15.90 -25.20
C VAL H 49 38.53 15.79 -25.58
N ILE H 50 37.76 16.83 -25.26
CA ILE H 50 36.32 16.86 -25.61
C ILE H 50 36.24 17.46 -27.01
N GLU H 51 36.47 16.62 -28.01
CA GLU H 51 36.38 17.08 -29.39
C GLU H 51 34.94 17.39 -29.77
N LYS H 52 33.99 16.60 -29.28
CA LYS H 52 32.57 16.86 -29.47
C LYS H 52 31.86 16.55 -28.17
N GLY H 53 30.81 17.29 -27.89
CA GLY H 53 29.98 17.00 -26.75
C GLY H 53 29.71 18.25 -25.94
N LEU H 54 29.18 18.05 -24.74
CA LEU H 54 28.83 19.12 -23.84
C LEU H 54 29.40 18.82 -22.46
N THR H 55 30.01 19.82 -21.83
CA THR H 55 30.47 19.68 -20.45
C THR H 55 30.00 20.85 -19.62
N VAL H 56 29.55 20.57 -18.41
CA VAL H 56 29.05 21.59 -17.49
C VAL H 56 29.61 21.32 -16.11
N LYS H 57 29.69 22.39 -15.32
CA LYS H 57 30.13 22.33 -13.93
C LYS H 57 29.02 22.90 -13.06
N GLU H 58 28.64 22.19 -12.02
CA GLU H 58 27.66 22.71 -11.08
C GLU H 58 28.24 23.93 -10.37
N VAL H 59 27.46 25.00 -10.30
CA VAL H 59 27.99 26.29 -9.86
C VAL H 59 28.39 26.24 -8.39
N GLY H 60 29.64 26.59 -8.12
CA GLY H 60 30.13 26.71 -6.77
C GLY H 60 30.58 25.41 -6.13
N THR H 61 30.40 24.30 -6.84
CA THR H 61 30.76 22.99 -6.29
C THR H 61 31.79 22.33 -7.18
N SER H 62 32.17 21.12 -6.82
CA SER H 62 33.07 20.34 -7.64
C SER H 62 32.38 19.18 -8.35
N LYS H 63 31.10 19.32 -8.67
CA LYS H 63 30.42 18.31 -9.46
C LYS H 63 30.42 18.70 -10.93
N PHE H 64 30.68 17.71 -11.78
CA PHE H 64 30.81 17.93 -13.21
C PHE H 64 29.91 16.96 -13.95
N ALA H 65 29.43 17.40 -15.10
CA ALA H 65 28.58 16.56 -15.94
C ALA H 65 29.00 16.75 -17.39
N ALA H 66 28.70 15.74 -18.21
CA ALA H 66 29.02 15.80 -19.62
C ALA H 66 28.04 14.92 -20.37
N VAL H 67 27.81 15.27 -21.64
CA VAL H 67 27.13 14.41 -22.60
C VAL H 67 28.11 14.23 -23.75
N LEU H 68 28.60 13.00 -23.94
CA LEU H 68 29.66 12.74 -24.90
C LEU H 68 29.42 11.42 -25.60
N SER H 69 30.02 11.29 -26.79
CA SER H 69 30.04 10.00 -27.45
C SER H 69 30.89 9.01 -26.66
N GLU H 70 30.58 7.73 -26.80
CA GLU H 70 31.34 6.70 -26.09
C GLU H 70 32.83 6.72 -26.43
N PRO H 71 33.27 6.86 -27.68
CA PRO H 71 34.72 7.00 -27.92
C PRO H 71 35.33 8.21 -27.21
N ILE H 72 34.59 9.31 -27.11
CA ILE H 72 35.09 10.47 -26.38
C ILE H 72 35.09 10.20 -24.88
N LEU H 73 34.05 9.53 -24.38
CA LEU H 73 34.01 9.19 -22.96
C LEU H 73 35.14 8.24 -22.58
N ALA H 74 35.61 7.42 -23.53
CA ALA H 74 36.70 6.50 -23.23
C ALA H 74 38.01 7.21 -22.96
N ARG H 75 38.11 8.48 -23.31
CA ARG H 75 39.36 9.21 -23.08
C ARG H 75 39.53 9.59 -21.61
N LEU H 76 38.43 9.80 -20.89
CA LEU H 76 38.48 10.22 -19.50
C LEU H 76 38.54 9.00 -18.58
N LYS H 77 39.43 9.07 -17.58
CA LYS H 77 39.52 8.07 -16.52
C LYS H 77 39.53 8.84 -15.20
N PHE H 78 38.34 9.14 -14.69
CA PHE H 78 38.18 9.95 -13.50
C PHE H 78 37.74 9.10 -12.32
N HIS H 79 38.11 9.58 -11.14
CA HIS H 79 37.62 8.91 -9.91
C HIS H 79 36.30 9.59 -9.57
N GLY H 80 35.52 8.98 -8.69
CA GLY H 80 34.29 9.57 -8.22
C GLY H 80 33.24 9.75 -9.30
N LEU H 81 33.19 8.85 -10.27
CA LEU H 81 32.11 8.86 -11.24
C LEU H 81 30.80 8.55 -10.55
N VAL H 82 29.90 9.53 -10.50
CA VAL H 82 28.60 9.27 -9.91
C VAL H 82 27.79 8.34 -10.79
N GLU H 83 27.75 8.62 -12.10
CA GLU H 83 26.97 7.76 -12.98
C GLU H 83 27.40 7.96 -14.43
N ALA H 84 27.07 6.98 -15.26
CA ALA H 84 27.30 7.08 -16.70
C ALA H 84 26.13 6.34 -17.36
N VAL H 85 25.16 7.11 -17.86
CA VAL H 85 23.88 6.61 -18.34
C VAL H 85 23.86 6.74 -19.86
N PRO H 86 23.67 5.66 -20.60
CA PRO H 86 23.47 5.81 -22.05
C PRO H 86 22.19 6.54 -22.34
N VAL H 87 22.30 7.68 -23.02
CA VAL H 87 21.18 8.57 -23.26
C VAL H 87 21.01 8.79 -24.75
N VAL H 88 19.87 9.36 -25.11
CA VAL H 88 19.56 9.69 -26.50
C VAL H 88 18.81 11.02 -26.49
N GLU H 89 19.09 11.86 -27.48
CA GLU H 89 18.42 13.14 -27.60
C GLU H 89 16.92 12.94 -27.78
N VAL H 90 16.14 13.85 -27.20
CA VAL H 90 14.68 13.71 -27.22
C VAL H 90 14.14 13.86 -28.63
N GLY H 91 14.89 14.52 -29.52
CA GLY H 91 14.42 14.69 -30.88
C GLY H 91 14.19 13.36 -31.57
N THR H 92 15.16 12.45 -31.47
CA THR H 92 15.04 11.16 -32.12
C THR H 92 14.04 10.25 -31.40
N VAL H 93 13.91 10.38 -30.08
CA VAL H 93 12.87 9.63 -29.38
C VAL H 93 11.49 10.06 -29.85
N MET H 94 11.27 11.37 -29.99
CA MET H 94 10.00 11.87 -30.51
C MET H 94 9.79 11.44 -31.96
N LYS H 95 10.85 11.44 -32.76
CA LYS H 95 10.73 10.96 -34.14
C LYS H 95 10.32 9.50 -34.20
N ARG H 96 10.89 8.67 -33.31
CA ARG H 96 10.49 7.26 -33.27
C ARG H 96 9.03 7.10 -32.84
N LEU H 97 8.56 7.97 -31.96
CA LEU H 97 7.17 7.96 -31.54
C LEU H 97 6.27 8.73 -32.49
N ASN H 98 6.82 9.32 -33.55
CA ASN H 98 6.08 10.13 -34.52
C ASN H 98 5.43 11.34 -33.86
N VAL H 99 6.03 11.85 -32.79
CA VAL H 99 5.51 13.01 -32.08
C VAL H 99 6.39 14.21 -32.41
N SER H 100 5.75 15.36 -32.63
CA SER H 100 6.49 16.57 -32.92
C SER H 100 7.40 16.95 -31.76
N ILE H 101 8.57 17.48 -32.10
CA ILE H 101 9.52 18.00 -31.13
C ILE H 101 9.93 19.38 -31.62
N PRO H 102 9.76 20.42 -30.81
CA PRO H 102 10.22 21.76 -31.22
C PRO H 102 11.70 21.74 -31.53
N PRO H 103 12.12 22.45 -32.57
CA PRO H 103 13.55 22.47 -32.92
C PRO H 103 14.38 23.00 -31.76
N ALA H 104 15.48 22.31 -31.48
CA ALA H 104 16.28 22.61 -30.29
C ALA H 104 17.12 23.86 -30.53
N GLN H 105 16.77 24.95 -29.83
CA GLN H 105 17.64 26.12 -29.80
C GLN H 105 18.87 25.82 -28.95
N ASP H 106 20.00 26.42 -29.33
CA ASP H 106 21.24 26.14 -28.63
C ASP H 106 21.25 26.80 -27.25
N ILE H 107 21.65 26.02 -26.24
CA ILE H 107 21.71 26.55 -24.89
C ILE H 107 22.87 27.52 -24.76
N SER H 108 22.73 28.44 -23.80
CA SER H 108 23.78 29.40 -23.50
C SER H 108 24.16 29.29 -22.03
N ASP H 109 25.02 30.19 -21.55
CA ASP H 109 25.50 30.08 -20.18
C ASP H 109 24.59 30.77 -19.17
N ASN H 110 23.92 31.84 -19.62
CA ASN H 110 23.03 32.62 -18.72
C ASN H 110 21.81 31.78 -18.31
N ASN H 111 21.43 31.86 -17.04
CA ASN H 111 20.24 31.18 -16.52
C ASN H 111 20.33 29.65 -16.63
N LEU H 112 21.48 29.10 -16.98
CA LEU H 112 21.55 27.68 -17.32
C LEU H 112 21.21 26.81 -16.13
N THR H 113 20.22 25.94 -16.30
CA THR H 113 19.70 25.08 -15.25
C THR H 113 19.69 23.64 -15.73
N LEU H 114 20.05 22.72 -14.86
CA LEU H 114 19.96 21.29 -15.13
C LEU H 114 18.89 20.69 -14.25
N ILE H 115 17.95 19.98 -14.85
CA ILE H 115 16.87 19.31 -14.14
C ILE H 115 17.00 17.83 -14.39
N LYS H 116 17.18 17.06 -13.32
CA LYS H 116 17.22 15.61 -13.38
C LYS H 116 15.88 15.09 -12.89
N MET H 117 15.19 14.34 -13.75
CA MET H 117 13.87 13.81 -13.47
C MET H 117 13.96 12.29 -13.45
N SER H 118 13.59 11.69 -12.32
CA SER H 118 13.58 10.23 -12.19
C SER H 118 12.18 9.79 -11.78
N PRO H 119 11.35 9.36 -12.72
CA PRO H 119 10.03 8.87 -12.34
C PRO H 119 10.09 7.53 -11.64
N LYS H 120 9.32 7.40 -10.57
CA LYS H 120 9.02 6.10 -10.00
C LYS H 120 7.76 5.59 -10.68
N LEU H 121 7.86 4.41 -11.28
CA LEU H 121 6.70 3.88 -12.04
C LEU H 121 6.14 2.69 -11.28
N LYS H 122 6.02 2.83 -9.96
CA LYS H 122 5.53 1.71 -9.13
C LYS H 122 4.13 1.32 -9.60
N GLY H 123 3.95 0.04 -9.97
CA GLY H 123 2.64 -0.45 -10.41
C GLY H 123 2.38 -0.18 -11.88
N GLN H 124 3.23 0.61 -12.52
CA GLN H 124 2.98 0.98 -13.94
C GLN H 124 3.49 -0.10 -14.89
N THR H 125 2.93 -0.17 -16.11
CA THR H 125 3.38 -1.15 -17.12
C THR H 125 4.20 -0.40 -18.15
N LEU H 126 4.85 -1.12 -19.07
CA LEU H 126 5.68 -0.48 -20.08
C LEU H 126 4.85 0.36 -21.05
N GLN H 127 3.69 -0.14 -21.46
CA GLN H 127 2.85 0.64 -22.37
C GLN H 127 2.29 1.86 -21.67
N GLN H 128 2.00 1.75 -20.38
CA GLN H 128 1.52 2.91 -19.63
C GLN H 128 2.57 4.00 -19.53
N ILE H 129 3.82 3.64 -19.23
CA ILE H 129 4.87 4.65 -19.16
C ILE H 129 5.15 5.21 -20.55
N ASP H 130 5.04 4.39 -21.61
CA ASP H 130 5.19 4.93 -22.95
C ASP H 130 4.12 5.97 -23.28
N ALA H 131 2.87 5.69 -22.91
CA ALA H 131 1.81 6.67 -23.13
C ALA H 131 2.06 7.94 -22.34
N GLU H 132 2.52 7.79 -21.09
CA GLU H 132 2.82 8.96 -20.28
C GLU H 132 3.97 9.77 -20.85
N LEU H 133 4.99 9.10 -21.39
CA LEU H 133 6.11 9.80 -22.01
C LEU H 133 5.65 10.55 -23.26
N ARG H 134 4.78 9.94 -24.07
CA ARG H 134 4.24 10.64 -25.22
C ARG H 134 3.48 11.88 -24.79
N TYR H 135 2.67 11.76 -23.74
CA TYR H 135 1.92 12.92 -23.27
C TYR H 135 2.85 14.00 -22.73
N LEU H 136 3.91 13.60 -22.02
CA LEU H 136 4.86 14.57 -21.50
C LEU H 136 5.56 15.31 -22.61
N GLY H 137 5.96 14.59 -23.67
CA GLY H 137 6.55 15.25 -24.82
C GLY H 137 5.58 16.23 -25.47
N GLU H 138 4.33 15.83 -25.64
CA GLU H 138 3.35 16.73 -26.24
C GLU H 138 3.10 17.95 -25.37
N TYR H 139 3.13 17.78 -24.05
CA TYR H 139 2.91 18.91 -23.16
C TYR H 139 4.09 19.86 -23.15
N MET H 140 5.31 19.33 -23.11
CA MET H 140 6.49 20.18 -23.16
C MET H 140 6.71 20.81 -24.52
N ASN H 141 6.04 20.30 -25.56
CA ASN H 141 6.13 20.93 -26.88
C ASN H 141 5.78 22.41 -26.79
N THR H 142 4.63 22.73 -26.19
CA THR H 142 4.22 24.13 -26.12
C THR H 142 4.98 24.90 -25.05
N VAL H 143 5.29 24.26 -23.92
CA VAL H 143 5.90 24.97 -22.80
C VAL H 143 7.30 25.43 -23.17
N LEU H 144 8.12 24.55 -23.72
CA LEU H 144 9.50 24.84 -24.05
C LEU H 144 9.67 25.26 -25.51
N GLN H 145 8.65 25.89 -26.08
CA GLN H 145 8.75 26.32 -27.47
C GLN H 145 9.73 27.48 -27.62
N LYS H 146 9.81 28.34 -26.62
CA LYS H 146 10.66 29.53 -26.69
C LYS H 146 11.99 29.37 -25.97
N CYS H 147 12.03 28.65 -24.86
CA CYS H 147 13.26 28.50 -24.11
C CYS H 147 14.25 27.61 -24.84
N SER H 148 15.52 28.03 -24.85
CA SER H 148 16.58 27.15 -25.32
C SER H 148 16.73 25.97 -24.37
N HIS H 149 16.86 24.77 -24.94
CA HIS H 149 16.83 23.58 -24.10
C HIS H 149 17.56 22.45 -24.80
N ARG H 150 17.84 21.42 -24.01
CA ARG H 150 18.48 20.19 -24.48
C ARG H 150 17.96 19.05 -23.61
N VAL H 151 17.16 18.16 -24.18
CA VAL H 151 16.52 17.09 -23.43
C VAL H 151 17.15 15.76 -23.84
N TYR H 152 17.54 14.98 -22.85
CA TYR H 152 18.07 13.63 -23.05
C TYR H 152 17.25 12.64 -22.25
N ILE H 153 17.01 11.47 -22.82
CA ILE H 153 16.27 10.40 -22.16
C ILE H 153 17.15 9.16 -22.12
N SER H 154 17.14 8.47 -20.99
CA SER H 154 17.97 7.30 -20.84
C SER H 154 17.57 6.20 -21.82
N LYS H 155 18.53 5.36 -22.17
CA LYS H 155 18.32 4.23 -23.06
C LYS H 155 18.49 2.94 -22.28
N GLY H 156 17.47 2.10 -22.29
CA GLY H 156 17.56 0.81 -21.65
C GLY H 156 17.74 0.86 -20.16
N THR H 157 17.50 2.00 -19.54
CA THR H 157 17.64 2.17 -18.11
C THR H 157 16.25 2.18 -17.47
N PHE H 158 16.09 1.42 -16.40
CA PHE H 158 14.81 1.37 -15.69
C PHE H 158 15.06 1.48 -14.20
N PRO H 159 14.44 2.45 -13.52
CA PRO H 159 13.47 3.42 -14.04
C PRO H 159 14.15 4.47 -14.91
N PRO H 160 13.45 4.98 -15.91
CA PRO H 160 14.06 5.91 -16.86
C PRO H 160 14.46 7.22 -16.20
N LYS H 161 15.41 7.89 -16.82
CA LYS H 161 15.90 9.17 -16.36
C LYS H 161 15.80 10.19 -17.48
N ILE H 162 15.44 11.41 -17.14
CA ILE H 162 15.34 12.52 -18.07
C ILE H 162 16.25 13.64 -17.59
N TYR H 163 17.02 14.20 -18.51
CA TYR H 163 17.93 15.29 -18.20
C TYR H 163 17.56 16.48 -19.07
N VAL H 164 17.23 17.61 -18.46
CA VAL H 164 16.83 18.80 -19.19
C VAL H 164 17.83 19.91 -18.88
N PHE H 165 18.47 20.43 -19.91
CA PHE H 165 19.27 21.65 -19.81
C PHE H 165 18.42 22.80 -20.33
N LEU H 166 18.23 23.82 -19.51
CA LEU H 166 17.29 24.89 -19.81
C LEU H 166 17.95 26.24 -19.60
N ASN H 167 17.40 27.24 -20.30
CA ASN H 167 17.73 28.63 -20.09
C ASN H 167 16.50 29.42 -19.67
N MET H 168 15.57 28.76 -18.98
CA MET H 168 14.34 29.42 -18.57
C MET H 168 14.61 30.43 -17.45
N PRO H 169 13.82 31.50 -17.38
CA PRO H 169 13.91 32.39 -16.22
C PRO H 169 13.56 31.65 -14.93
N LEU H 170 14.24 32.03 -13.85
CA LEU H 170 14.11 31.29 -12.61
C LEU H 170 12.70 31.36 -12.06
N ASP H 171 12.04 32.52 -12.22
CA ASP H 171 10.67 32.68 -11.71
C ASP H 171 9.72 31.67 -12.30
N GLN H 172 9.99 31.14 -13.50
CA GLN H 172 9.11 30.19 -14.15
C GLN H 172 9.45 28.75 -13.81
N ILE H 173 10.50 28.51 -13.05
CA ILE H 173 10.86 27.13 -12.73
C ILE H 173 9.74 26.44 -11.96
N ARG H 174 9.06 27.16 -11.09
CA ARG H 174 7.96 26.57 -10.34
C ARG H 174 6.77 26.19 -11.21
N GLN H 175 6.74 26.61 -12.48
CA GLN H 175 5.64 26.32 -13.36
C GLN H 175 5.76 24.99 -14.08
N PHE H 176 6.88 24.27 -13.92
CA PHE H 176 7.01 22.94 -14.48
C PHE H 176 6.46 21.87 -13.54
N TYR H 177 6.01 22.27 -12.36
CA TYR H 177 5.51 21.30 -11.37
C TYR H 177 4.35 20.46 -11.87
N PRO H 178 3.31 21.00 -12.51
CA PRO H 178 2.19 20.14 -12.93
C PRO H 178 2.59 19.04 -13.91
N SER H 179 3.71 19.18 -14.63
CA SER H 179 4.19 18.09 -15.47
C SER H 179 4.41 16.81 -14.68
N LEU H 180 4.81 16.92 -13.42
CA LEU H 180 4.97 15.74 -12.59
C LEU H 180 3.68 14.93 -12.51
N ASP H 181 2.53 15.61 -12.60
CA ASP H 181 1.23 14.94 -12.59
C ASP H 181 1.10 13.91 -13.69
N ILE H 182 1.82 14.06 -14.80
CA ILE H 182 1.71 13.10 -15.88
C ILE H 182 2.20 11.73 -15.43
N PHE H 183 3.19 11.69 -14.54
CA PHE H 183 3.75 10.41 -14.13
C PHE H 183 3.15 9.91 -12.82
N GLY H 184 2.21 10.62 -12.23
CA GLY H 184 1.55 10.13 -11.03
C GLY H 184 1.59 11.07 -9.85
N GLY H 185 2.03 12.30 -10.05
CA GLY H 185 2.05 13.27 -8.98
C GLY H 185 3.44 13.64 -8.53
N PRO H 186 3.54 14.67 -7.69
CA PRO H 186 4.87 15.17 -7.30
C PRO H 186 5.76 14.15 -6.59
N SER H 187 5.18 13.22 -5.83
CA SER H 187 6.02 12.28 -5.11
C SER H 187 6.18 10.94 -5.81
N SER H 188 5.62 10.79 -7.00
CA SER H 188 5.96 9.66 -7.85
C SER H 188 7.18 9.95 -8.69
N THR H 189 7.77 11.13 -8.55
CA THR H 189 8.90 11.56 -9.33
C THR H 189 9.92 12.23 -8.42
N LYS H 190 11.19 11.93 -8.63
CA LYS H 190 12.27 12.58 -7.90
C LYS H 190 12.87 13.64 -8.83
N ASN H 191 12.94 14.86 -8.35
CA ASN H 191 13.37 16.00 -9.14
C ASN H 191 14.56 16.69 -8.50
N GLU H 192 15.58 16.96 -9.32
CA GLU H 192 16.79 17.62 -8.84
C GLU H 192 17.06 18.84 -9.72
N ILE H 193 17.18 20.00 -9.08
CA ILE H 193 17.46 21.23 -9.79
C ILE H 193 18.88 21.69 -9.47
N SER H 194 19.62 22.11 -10.49
CA SER H 194 20.97 22.60 -10.26
C SER H 194 21.25 23.76 -11.19
N TYR H 195 22.13 24.66 -10.77
CA TYR H 195 22.64 25.72 -11.62
C TYR H 195 24.01 25.30 -12.13
N VAL H 196 24.17 25.29 -13.44
CA VAL H 196 25.39 24.79 -14.05
C VAL H 196 25.98 25.86 -14.95
N GLN H 197 27.26 25.70 -15.23
CA GLN H 197 28.01 26.59 -16.10
C GLN H 197 28.60 25.77 -17.24
N ILE H 198 28.50 26.30 -18.46
CA ILE H 198 29.03 25.62 -19.63
C ILE H 198 30.55 25.75 -19.64
N LEU H 199 31.24 24.64 -19.87
CA LEU H 199 32.68 24.63 -20.10
C LEU H 199 33.03 24.39 -21.56
N ILE H 200 32.51 23.34 -22.16
CA ILE H 200 32.74 23.01 -23.56
C ILE H 200 31.39 22.69 -24.20
N LEU H 201 31.12 23.30 -25.35
CA LEU H 201 29.89 23.04 -26.10
C LEU H 201 30.26 22.93 -27.58
N ARG H 202 30.43 21.71 -28.07
CA ARG H 202 30.75 21.47 -29.46
C ARG H 202 29.82 20.41 -30.06
N PRO I 20 28.71 -27.61 -14.40
CA PRO I 20 28.36 -26.21 -14.14
C PRO I 20 29.38 -25.52 -13.25
N HIS I 21 29.97 -24.44 -13.77
CA HIS I 21 31.03 -23.73 -13.09
C HIS I 21 30.46 -22.75 -12.07
N ASN I 22 31.29 -22.43 -11.07
CA ASN I 22 30.98 -21.40 -10.09
C ASN I 22 31.89 -20.21 -10.33
N TYR I 23 31.39 -19.01 -10.11
CA TYR I 23 32.14 -17.81 -10.45
C TYR I 23 32.13 -16.84 -9.27
N LEU I 24 33.01 -15.86 -9.37
CA LEU I 24 33.12 -14.78 -8.40
C LEU I 24 33.24 -13.48 -9.17
N ILE I 25 32.33 -12.56 -8.91
CA ILE I 25 32.32 -11.26 -9.59
C ILE I 25 32.81 -10.22 -8.61
N MET I 26 33.88 -9.54 -8.97
CA MET I 26 34.50 -8.52 -8.14
C MET I 26 34.20 -7.15 -8.74
N ASP I 27 33.44 -6.35 -8.04
CA ASP I 27 33.19 -4.96 -8.40
C ASP I 27 34.12 -4.11 -7.53
N ILE I 28 35.11 -3.49 -8.16
CA ILE I 28 36.21 -2.84 -7.46
C ILE I 28 36.20 -1.36 -7.75
N GLU I 29 36.24 -0.55 -6.70
CA GLU I 29 36.49 0.89 -6.80
C GLU I 29 37.78 1.13 -6.06
N PRO I 30 38.92 1.14 -6.76
CA PRO I 30 40.21 1.18 -6.07
C PRO I 30 40.52 2.56 -5.54
N PRO I 31 41.44 2.67 -4.60
CA PRO I 31 41.88 3.99 -4.14
C PRO I 31 42.62 4.73 -5.24
N LYS I 32 42.78 6.03 -5.03
CA LYS I 32 43.45 6.87 -6.03
C LYS I 32 44.90 6.44 -6.22
N SER I 33 45.56 6.00 -5.15
CA SER I 33 46.95 5.58 -5.25
C SER I 33 47.11 4.35 -6.12
N VAL I 34 46.23 3.36 -5.95
CA VAL I 34 46.34 2.11 -6.68
C VAL I 34 45.83 2.32 -8.10
N SER I 35 46.66 1.98 -9.09
CA SER I 35 46.37 2.25 -10.49
C SER I 35 46.46 0.95 -11.28
N GLU I 36 45.36 0.20 -11.31
CA GLU I 36 45.25 -1.03 -12.09
C GLU I 36 46.41 -1.99 -11.84
N ARG I 37 46.95 -1.93 -10.61
CA ARG I 37 47.79 -3.00 -10.09
C ARG I 37 46.95 -4.11 -9.48
N ASP I 38 45.63 -3.93 -9.51
CA ASP I 38 44.72 -4.99 -9.01
C ASP I 38 44.86 -6.21 -9.93
N ILE I 39 45.18 -5.97 -11.20
CA ILE I 39 45.38 -7.07 -12.13
C ILE I 39 46.52 -7.95 -11.68
N LEU I 40 47.61 -7.34 -11.20
CA LEU I 40 48.72 -8.12 -10.67
C LEU I 40 48.32 -8.88 -9.42
N ASN I 41 47.48 -8.27 -8.57
CA ASN I 41 46.98 -8.97 -7.39
C ASN I 41 46.15 -10.18 -7.77
N LEU I 42 45.32 -10.05 -8.80
CA LEU I 42 44.32 -11.04 -9.14
C LEU I 42 44.77 -11.97 -10.26
N LEU I 43 45.12 -11.40 -11.42
CA LEU I 43 45.32 -12.21 -12.61
C LEU I 43 46.45 -13.21 -12.44
N SER I 44 47.48 -12.85 -11.67
CA SER I 44 48.64 -13.73 -11.56
C SER I 44 48.30 -15.08 -10.96
N PRO I 45 47.67 -15.19 -9.77
CA PRO I 45 47.41 -16.52 -9.22
C PRO I 45 46.03 -17.07 -9.48
N LEU I 46 45.10 -16.27 -9.98
CA LEU I 46 43.71 -16.68 -10.13
C LEU I 46 43.37 -16.89 -11.59
N GLN I 47 42.29 -17.66 -11.81
CA GLN I 47 41.79 -17.91 -13.17
C GLN I 47 40.77 -16.82 -13.51
N VAL I 48 41.24 -15.71 -14.07
CA VAL I 48 40.40 -14.56 -14.37
C VAL I 48 39.75 -14.81 -15.72
N LYS I 49 38.43 -15.02 -15.71
CA LYS I 49 37.72 -15.23 -16.96
C LYS I 49 37.56 -13.93 -17.74
N HIS I 50 37.17 -12.86 -17.06
CA HIS I 50 36.96 -11.59 -17.73
C HIS I 50 37.46 -10.44 -16.88
N SER I 51 37.93 -9.38 -17.53
CA SER I 51 38.38 -8.17 -16.85
C SER I 51 37.85 -6.97 -17.62
N PHE I 52 37.10 -6.11 -16.95
CA PHE I 52 36.50 -4.95 -17.59
C PHE I 52 36.70 -3.74 -16.72
N ARG I 53 36.68 -2.57 -17.34
CA ARG I 53 36.69 -1.29 -16.65
C ARG I 53 35.50 -0.49 -17.14
N VAL I 54 34.75 0.10 -16.21
CA VAL I 54 33.62 0.93 -16.61
C VAL I 54 34.15 2.13 -17.35
N THR I 55 33.71 2.29 -18.60
CA THR I 55 34.24 3.34 -19.45
C THR I 55 33.97 4.71 -18.83
N GLY I 56 35.01 5.56 -18.81
CA GLY I 56 34.92 6.87 -18.23
C GLY I 56 35.22 6.94 -16.76
N SER I 57 35.53 5.82 -16.11
CA SER I 57 35.78 5.80 -14.67
C SER I 57 36.94 4.86 -14.38
N THR I 58 37.21 4.68 -13.10
CA THR I 58 38.25 3.76 -12.64
C THR I 58 37.68 2.49 -12.03
N ARG I 59 36.36 2.32 -12.04
CA ARG I 59 35.75 1.11 -11.50
C ARG I 59 36.03 -0.09 -12.39
N LEU I 60 36.25 -1.24 -11.77
CA LEU I 60 36.61 -2.46 -12.47
C LEU I 60 35.62 -3.56 -12.13
N LEU I 61 35.45 -4.49 -13.03
CA LEU I 61 34.56 -5.66 -12.82
C LEU I 61 35.33 -6.89 -13.30
N ILE I 62 35.63 -7.83 -12.45
CA ILE I 62 36.42 -9.02 -12.72
C ILE I 62 35.54 -10.24 -12.54
N VAL I 63 35.51 -11.10 -13.54
CA VAL I 63 34.83 -12.38 -13.45
C VAL I 63 35.90 -13.45 -13.31
N ILE I 64 35.85 -14.18 -12.20
CA ILE I 64 36.83 -15.20 -11.84
C ILE I 64 36.14 -16.55 -11.80
N ARG I 65 36.73 -17.54 -12.46
CA ARG I 65 36.22 -18.90 -12.36
C ARG I 65 36.78 -19.55 -11.11
N LEU I 66 35.89 -20.07 -10.26
CA LEU I 66 36.29 -20.58 -8.95
C LEU I 66 36.55 -22.09 -9.04
N ASP I 67 37.76 -22.42 -9.47
CA ASP I 67 38.24 -23.78 -9.27
C ASP I 67 38.84 -23.89 -7.87
N ALA I 68 39.26 -25.10 -7.50
CA ALA I 68 39.79 -25.30 -6.15
C ALA I 68 41.04 -24.47 -5.91
N GLN I 69 41.93 -24.38 -6.90
CA GLN I 69 43.17 -23.64 -6.73
C GLN I 69 42.90 -22.15 -6.54
N SER I 70 42.01 -21.58 -7.37
CA SER I 70 41.69 -20.16 -7.23
C SER I 70 41.01 -19.88 -5.90
N TYR I 71 40.10 -20.77 -5.49
CA TYR I 71 39.41 -20.58 -4.21
C TYR I 71 40.38 -20.62 -3.06
N GLU I 72 41.35 -21.54 -3.09
CA GLU I 72 42.37 -21.57 -2.05
C GLU I 72 43.28 -20.37 -2.10
N LYS I 73 43.60 -19.87 -3.30
CA LYS I 73 44.53 -18.76 -3.42
C LYS I 73 43.89 -17.44 -3.00
N LEU I 74 42.56 -17.36 -3.03
CA LEU I 74 41.90 -16.12 -2.67
C LEU I 74 42.18 -15.67 -1.24
N ASP I 75 42.56 -16.58 -0.36
CA ASP I 75 42.73 -16.20 1.04
C ASP I 75 44.10 -15.58 1.33
N GLU I 76 44.95 -15.44 0.32
CA GLU I 76 46.18 -14.67 0.42
C GLU I 76 46.10 -13.36 -0.35
N ILE I 77 44.90 -12.96 -0.78
CA ILE I 77 44.71 -11.81 -1.63
C ILE I 77 43.78 -10.83 -0.94
N THR I 78 44.14 -9.55 -0.98
CA THR I 78 43.28 -8.49 -0.49
C THR I 78 43.24 -7.39 -1.55
N VAL I 79 42.07 -7.14 -2.10
CA VAL I 79 41.90 -6.09 -3.09
C VAL I 79 41.57 -4.80 -2.37
N PRO I 80 42.36 -3.74 -2.52
CA PRO I 80 42.08 -2.49 -1.82
C PRO I 80 40.91 -1.74 -2.43
N GLY I 81 40.36 -0.83 -1.65
CA GLY I 81 39.29 0.04 -2.09
C GLY I 81 37.94 -0.42 -1.61
N LYS I 82 36.91 0.07 -2.30
CA LYS I 82 35.53 -0.34 -2.04
C LYS I 82 35.21 -1.50 -2.99
N VAL I 83 35.21 -2.71 -2.47
CA VAL I 83 35.15 -3.91 -3.29
C VAL I 83 33.98 -4.78 -2.83
N GLU I 84 33.16 -5.20 -3.77
CA GLU I 84 32.07 -6.14 -3.53
C GLU I 84 32.37 -7.43 -4.27
N VAL I 85 32.22 -8.56 -3.58
CA VAL I 85 32.52 -9.87 -4.14
C VAL I 85 31.26 -10.71 -4.11
N ILE I 86 30.74 -11.04 -5.29
CA ILE I 86 29.44 -11.67 -5.46
C ILE I 86 29.67 -13.09 -5.98
N PRO I 87 29.35 -14.12 -5.21
CA PRO I 87 29.28 -15.47 -5.77
C PRO I 87 28.23 -15.53 -6.87
N ALA I 88 28.54 -16.25 -7.94
CA ALA I 88 27.67 -16.20 -9.11
C ALA I 88 27.66 -17.54 -9.83
N VAL I 89 26.61 -17.75 -10.62
CA VAL I 89 26.50 -18.90 -11.49
C VAL I 89 26.17 -18.42 -12.89
N ASN I 90 26.44 -19.26 -13.87
CA ASN I 90 26.02 -19.02 -15.24
C ASN I 90 24.51 -19.23 -15.33
N MET I 91 23.76 -18.16 -15.61
CA MET I 91 22.30 -18.29 -15.59
C MET I 91 21.78 -19.15 -16.73
N ALA I 92 22.60 -19.40 -17.76
CA ALA I 92 22.21 -20.36 -18.78
C ALA I 92 22.06 -21.75 -18.19
N ASP I 93 22.90 -22.10 -17.21
CA ASP I 93 22.76 -23.38 -16.54
C ASP I 93 21.44 -23.46 -15.78
N THR I 94 21.06 -22.38 -15.12
CA THR I 94 19.77 -22.35 -14.43
C THR I 94 18.62 -22.48 -15.43
N MET I 95 18.70 -21.79 -16.55
CA MET I 95 17.65 -21.89 -17.56
C MET I 95 17.55 -23.32 -18.10
N GLU I 96 18.69 -23.95 -18.34
CA GLU I 96 18.69 -25.33 -18.82
C GLU I 96 18.07 -26.27 -17.79
N ARG I 97 18.39 -26.06 -16.51
CA ARG I 97 17.80 -26.88 -15.47
C ARG I 97 16.28 -26.68 -15.40
N CYS I 98 15.83 -25.45 -15.62
CA CYS I 98 14.40 -25.15 -15.56
C CYS I 98 13.66 -25.48 -16.85
N GLY I 99 14.34 -25.98 -17.87
CA GLY I 99 13.70 -26.41 -19.09
C GLY I 99 13.78 -25.43 -20.25
N VAL I 100 14.49 -24.32 -20.10
CA VAL I 100 14.65 -23.33 -21.15
C VAL I 100 16.01 -23.54 -21.80
N SER I 101 16.06 -23.54 -23.12
CA SER I 101 17.29 -23.76 -23.86
C SER I 101 17.82 -22.43 -24.39
N TRP I 102 19.02 -22.07 -23.96
CA TRP I 102 19.67 -20.84 -24.39
C TRP I 102 20.92 -21.17 -25.21
N PRO I 103 21.29 -20.33 -26.17
CA PRO I 103 22.56 -20.53 -26.87
C PRO I 103 23.72 -20.42 -25.90
N ARG I 104 24.70 -21.31 -26.06
CA ARG I 104 25.90 -21.31 -25.22
C ARG I 104 27.07 -20.92 -26.10
N VAL I 105 27.29 -19.62 -26.23
CA VAL I 105 28.34 -19.09 -27.10
C VAL I 105 29.21 -18.15 -26.28
N GLU I 106 30.53 -18.31 -26.42
CA GLU I 106 31.47 -17.52 -25.65
C GLU I 106 31.42 -16.06 -26.07
N LEU I 107 31.75 -15.18 -25.13
CA LEU I 107 31.74 -13.75 -25.38
C LEU I 107 32.97 -13.34 -26.17
N THR I 108 32.76 -12.47 -27.16
CA THR I 108 33.83 -12.05 -28.05
C THR I 108 34.63 -10.91 -27.42
N ASP I 109 35.85 -10.74 -27.93
CA ASP I 109 36.73 -9.67 -27.47
C ASP I 109 36.31 -8.30 -27.99
N ASP I 110 35.24 -8.22 -28.77
CA ASP I 110 34.72 -6.96 -29.22
C ASP I 110 34.22 -6.14 -28.02
N ASN I 111 33.84 -4.89 -28.27
CA ASN I 111 33.33 -4.04 -27.22
C ASN I 111 32.08 -4.65 -26.60
N VAL I 112 31.91 -4.45 -25.30
CA VAL I 112 30.90 -5.14 -24.52
C VAL I 112 30.07 -4.15 -23.73
N THR I 113 28.77 -4.42 -23.64
CA THR I 113 27.86 -3.70 -22.77
C THR I 113 27.45 -4.61 -21.63
N LEU I 114 27.40 -4.05 -20.42
CA LEU I 114 26.98 -4.78 -19.24
C LEU I 114 25.65 -4.24 -18.76
N PHE I 115 24.71 -5.14 -18.49
CA PHE I 115 23.43 -4.78 -17.89
C PHE I 115 23.37 -5.40 -16.50
N GLU I 116 23.20 -4.57 -15.49
CA GLU I 116 23.01 -5.04 -14.13
C GLU I 116 21.53 -4.93 -13.80
N SER I 117 20.90 -6.04 -13.43
CA SER I 117 19.47 -6.09 -13.20
C SER I 117 19.17 -6.64 -11.82
N GLU I 118 18.18 -6.04 -11.17
CA GLU I 118 17.75 -6.47 -9.85
C GLU I 118 16.24 -6.36 -9.73
N SER I 119 15.62 -7.35 -9.12
CA SER I 119 14.20 -7.30 -8.84
C SER I 119 13.93 -6.43 -7.61
N THR I 120 12.91 -5.58 -7.71
CA THR I 120 12.56 -4.69 -6.62
C THR I 120 11.18 -5.00 -6.03
N LEU I 121 10.50 -6.01 -6.54
CA LEU I 121 9.19 -6.39 -6.02
C LEU I 121 9.30 -6.81 -4.56
N THR I 122 8.35 -6.34 -3.74
CA THR I 122 8.28 -6.75 -2.35
C THR I 122 7.26 -7.84 -2.09
N ASP I 123 6.18 -7.88 -2.88
CA ASP I 123 5.14 -8.89 -2.76
C ASP I 123 5.33 -9.88 -3.90
N VAL I 124 6.02 -10.97 -3.63
CA VAL I 124 6.24 -12.01 -4.63
C VAL I 124 6.55 -13.30 -3.91
N THR I 125 5.97 -14.39 -4.39
CA THR I 125 6.21 -15.71 -3.83
C THR I 125 7.39 -16.36 -4.53
N LYS I 126 7.89 -17.45 -3.94
CA LYS I 126 8.96 -18.22 -4.55
C LYS I 126 8.52 -18.81 -5.88
N GLU I 127 7.33 -19.40 -5.91
CA GLU I 127 6.83 -20.00 -7.15
C GLU I 127 6.52 -18.94 -8.19
N GLN I 128 6.00 -17.79 -7.76
CA GLN I 128 5.76 -16.69 -8.68
C GLN I 128 7.06 -16.18 -9.27
N LEU I 129 8.11 -16.08 -8.43
CA LEU I 129 9.41 -15.64 -8.92
C LEU I 129 9.99 -16.63 -9.91
N LYS I 130 9.84 -17.93 -9.63
CA LYS I 130 10.33 -18.93 -10.57
C LYS I 130 9.56 -18.88 -11.89
N ALA I 131 8.25 -18.66 -11.82
CA ALA I 131 7.46 -18.53 -13.04
C ALA I 131 7.91 -17.33 -13.85
N MET I 132 8.17 -16.20 -13.19
CA MET I 132 8.63 -15.02 -13.90
C MET I 132 10.01 -15.24 -14.51
N LEU I 133 10.90 -15.95 -13.79
CA LEU I 133 12.22 -16.24 -14.33
C LEU I 133 12.13 -17.15 -15.56
N ILE I 134 11.30 -18.19 -15.50
CA ILE I 134 11.14 -19.07 -16.65
C ILE I 134 10.52 -18.33 -17.82
N GLY I 135 9.54 -17.47 -17.54
CA GLY I 135 8.95 -16.68 -18.61
C GLY I 135 9.96 -15.74 -19.26
N TYR I 136 10.80 -15.12 -18.47
CA TYR I 136 11.85 -14.26 -19.01
C TYR I 136 12.83 -15.06 -19.86
N GLY I 137 13.21 -16.25 -19.41
CA GLY I 137 14.09 -17.09 -20.20
C GLY I 137 13.48 -17.49 -21.52
N GLU I 138 12.21 -17.91 -21.51
CA GLU I 138 11.53 -18.28 -22.75
C GLU I 138 11.41 -17.09 -23.68
N HIS I 139 11.11 -15.91 -23.13
CA HIS I 139 10.98 -14.72 -23.95
C HIS I 139 12.31 -14.35 -24.60
N MET I 140 13.40 -14.44 -23.84
CA MET I 140 14.70 -14.04 -24.37
C MET I 140 15.31 -15.10 -25.27
N SER I 141 14.83 -16.35 -25.21
CA SER I 141 15.45 -17.44 -25.97
C SER I 141 15.48 -17.12 -27.46
N GLY I 142 14.40 -16.56 -28.00
CA GLY I 142 14.37 -16.25 -29.41
C GLY I 142 15.33 -15.14 -29.80
N LEU I 143 15.44 -14.12 -28.96
CA LEU I 143 16.21 -12.93 -29.29
C LEU I 143 17.69 -13.05 -28.98
N LEU I 144 18.11 -14.12 -28.31
CA LEU I 144 19.51 -14.31 -27.98
C LEU I 144 20.28 -15.09 -29.03
N GLN I 145 19.62 -15.52 -30.10
CA GLN I 145 20.29 -16.36 -31.09
C GLN I 145 21.30 -15.56 -31.89
N ALA I 146 21.06 -14.27 -32.10
CA ALA I 146 21.93 -13.44 -32.93
C ALA I 146 22.90 -12.60 -32.10
N HIS I 147 23.31 -13.09 -30.94
CA HIS I 147 24.18 -12.34 -30.06
C HIS I 147 25.13 -13.27 -29.33
N ARG I 148 26.24 -12.69 -28.87
CA ARG I 148 27.17 -13.37 -27.99
C ARG I 148 27.07 -12.74 -26.61
N PHE I 149 26.85 -13.55 -25.59
CA PHE I 149 26.44 -13.03 -24.30
C PHE I 149 26.88 -13.99 -23.20
N GLU I 150 26.86 -13.47 -21.98
CA GLU I 150 27.07 -14.27 -20.78
C GLU I 150 26.23 -13.72 -19.65
N TYR I 151 25.40 -14.57 -19.06
CA TYR I 151 24.57 -14.21 -17.92
C TYR I 151 25.20 -14.75 -16.65
N TYR I 152 25.25 -13.93 -15.61
CA TYR I 152 25.74 -14.35 -14.31
C TYR I 152 24.70 -13.95 -13.27
N GLN I 153 24.10 -14.94 -12.62
CA GLN I 153 23.14 -14.70 -11.56
C GLN I 153 23.84 -14.77 -10.21
N ALA I 154 23.54 -13.80 -9.35
CA ALA I 154 24.12 -13.77 -8.01
C ALA I 154 23.57 -14.93 -7.19
N ALA I 155 24.39 -15.95 -6.98
CA ALA I 155 23.93 -17.17 -6.36
C ALA I 155 23.59 -16.95 -4.89
N GLY I 156 22.37 -17.31 -4.51
CA GLY I 156 21.94 -17.19 -3.13
C GLY I 156 21.47 -15.82 -2.71
N ALA I 157 21.49 -14.84 -3.60
CA ALA I 157 21.12 -13.48 -3.24
C ALA I 157 19.64 -13.25 -3.48
N THR I 158 18.96 -12.67 -2.50
CA THR I 158 17.59 -12.23 -2.65
C THR I 158 17.49 -10.75 -2.35
N PRO I 159 16.74 -9.99 -3.14
CA PRO I 159 15.96 -10.39 -4.30
C PRO I 159 16.83 -10.75 -5.50
N HIS I 160 16.21 -11.25 -6.58
CA HIS I 160 16.96 -11.75 -7.72
C HIS I 160 17.85 -10.66 -8.33
N ARG I 161 19.04 -11.06 -8.76
CA ARG I 161 20.05 -10.12 -9.24
C ARG I 161 20.93 -10.81 -10.26
N HIS I 162 21.17 -10.15 -11.39
CA HIS I 162 22.04 -10.75 -12.39
C HIS I 162 22.76 -9.69 -13.21
N PHE I 163 23.82 -10.13 -13.89
CA PHE I 163 24.63 -9.23 -14.74
C PHE I 163 24.69 -9.85 -16.13
N VAL I 164 24.51 -9.04 -17.17
CA VAL I 164 24.50 -9.57 -18.56
C VAL I 164 25.63 -8.92 -19.36
N PHE I 165 26.59 -9.71 -19.84
CA PHE I 165 27.65 -9.16 -20.72
C PHE I 165 27.27 -9.49 -22.16
N VAL I 166 26.98 -8.49 -22.98
CA VAL I 166 26.51 -8.74 -24.34
C VAL I 166 27.33 -7.90 -25.31
N ASN I 167 27.58 -8.49 -26.49
CA ASN I 167 28.31 -7.77 -27.57
C ASN I 167 27.61 -6.44 -27.83
N SER I 168 28.38 -5.39 -28.04
CA SER I 168 27.81 -4.05 -28.15
C SER I 168 27.40 -3.80 -29.59
N VAL I 169 26.10 -3.72 -29.84
CA VAL I 169 25.54 -3.37 -31.13
C VAL I 169 24.95 -1.98 -31.02
N PRO I 170 25.26 -1.06 -31.93
CA PRO I 170 24.70 0.29 -31.83
C PRO I 170 23.19 0.27 -32.01
N ASP I 171 22.52 1.16 -31.28
CA ASP I 171 21.06 1.26 -31.32
C ASP I 171 20.40 -0.06 -30.94
N GLU I 172 21.01 -0.77 -30.00
CA GLU I 172 20.44 -2.00 -29.47
C GLU I 172 20.43 -2.04 -27.95
N ILE I 173 20.93 -1.01 -27.28
CA ILE I 173 20.92 -0.99 -25.82
C ILE I 173 19.48 -0.89 -25.31
N GLU I 174 18.68 -0.01 -25.91
CA GLU I 174 17.31 0.16 -25.46
C GLU I 174 16.51 -1.13 -25.67
N VAL I 175 16.72 -1.80 -26.80
CA VAL I 175 16.00 -3.03 -27.07
C VAL I 175 16.36 -4.10 -26.06
N PHE I 176 17.65 -4.25 -25.76
CA PHE I 176 18.07 -5.31 -24.85
C PHE I 176 17.65 -5.03 -23.42
N GLY I 177 17.80 -3.79 -22.96
CA GLY I 177 17.37 -3.45 -21.61
C GLY I 177 15.87 -3.53 -21.45
N ARG I 178 15.13 -3.01 -22.43
CA ARG I 178 13.66 -3.03 -22.42
C ARG I 178 13.20 -4.32 -23.09
N GLU I 179 13.34 -5.42 -22.36
CA GLU I 179 12.99 -6.72 -22.92
C GLU I 179 12.72 -7.67 -21.76
N GLY I 180 11.47 -8.07 -21.61
CA GLY I 180 11.08 -8.85 -20.46
C GLY I 180 10.92 -8.06 -19.19
N VAL I 181 11.01 -6.72 -19.27
CA VAL I 181 10.81 -5.89 -18.09
C VAL I 181 9.39 -6.05 -17.57
N ASP I 182 8.42 -6.18 -18.48
CA ASP I 182 7.04 -6.38 -18.07
C ASP I 182 6.82 -7.74 -17.42
N ILE I 183 7.59 -8.75 -17.82
CA ILE I 183 7.46 -10.06 -17.19
C ILE I 183 7.86 -9.98 -15.72
N TRP I 184 8.84 -9.16 -15.41
CA TRP I 184 9.29 -8.99 -14.04
C TRP I 184 8.39 -8.10 -13.21
N GLY I 185 7.43 -7.41 -13.82
CA GLY I 185 6.51 -6.60 -13.05
C GLY I 185 6.34 -5.19 -13.57
N GLY I 186 7.19 -4.76 -14.48
CA GLY I 186 7.09 -3.45 -15.05
C GLY I 186 8.28 -2.57 -14.73
N PRO I 187 8.30 -1.37 -15.31
CA PRO I 187 9.48 -0.50 -15.17
C PRO I 187 9.74 -0.04 -13.75
N GLY I 188 8.76 -0.10 -12.86
CA GLY I 188 8.97 0.32 -11.49
C GLY I 188 9.41 -0.76 -10.54
N GLU I 189 9.38 -2.02 -10.97
CA GLU I 189 9.70 -3.14 -10.10
C GLU I 189 10.95 -3.89 -10.53
N PHE I 190 11.68 -3.40 -11.52
CA PHE I 190 12.85 -4.09 -12.04
C PHE I 190 13.88 -3.04 -12.42
N VAL I 191 15.01 -3.03 -11.73
CA VAL I 191 16.07 -2.05 -11.97
C VAL I 191 17.01 -2.63 -13.01
N VAL I 192 17.24 -1.89 -14.09
CA VAL I 192 18.17 -2.27 -15.14
C VAL I 192 19.12 -1.09 -15.36
N LYS I 193 20.44 -1.40 -15.20
CA LYS I 193 21.47 -0.34 -15.35
C LYS I 193 22.46 -0.74 -16.47
N PRO I 194 22.28 -0.22 -17.73
CA PRO I 194 23.26 -0.50 -18.78
C PRO I 194 24.54 0.28 -18.55
N GLN I 195 25.69 -0.37 -18.82
CA GLN I 195 27.02 0.29 -18.66
C GLN I 195 27.92 -0.11 -19.83
N TYR I 196 28.54 0.88 -20.49
CA TYR I 196 29.65 0.61 -21.44
C TYR I 196 30.88 0.19 -20.65
N VAL I 197 31.48 -0.95 -21.01
CA VAL I 197 32.68 -1.46 -20.31
C VAL I 197 33.80 -1.68 -21.34
N THR I 198 35.06 -1.47 -20.92
CA THR I 198 36.23 -1.62 -21.81
C THR I 198 37.04 -2.79 -21.32
N ARG I 199 37.49 -3.67 -22.23
CA ARG I 199 38.16 -4.88 -21.78
C ARG I 199 39.47 -4.55 -21.10
N ILE I 200 39.78 -5.32 -20.05
CA ILE I 200 40.98 -5.19 -19.21
C ILE I 200 40.99 -3.89 -18.43
N ASN J 21 21.61 -16.61 29.43
CA ASN J 21 23.05 -16.58 29.63
C ASN J 21 23.68 -15.45 28.83
N LYS J 22 24.99 -15.28 28.99
CA LYS J 22 25.70 -14.26 28.25
C LYS J 22 25.81 -14.63 26.77
N GLU J 23 25.76 -13.62 25.92
CA GLU J 23 25.84 -13.74 24.47
C GLU J 23 27.07 -13.01 24.00
N TYR J 24 27.13 -12.72 22.71
CA TYR J 24 28.36 -12.26 22.09
C TYR J 24 28.26 -10.83 21.59
N LEU J 25 29.41 -10.31 21.19
CA LEU J 25 29.52 -9.03 20.52
C LEU J 25 30.28 -9.25 19.22
N LEU J 26 29.70 -8.78 18.11
CA LEU J 26 30.30 -8.94 16.80
C LEU J 26 30.91 -7.62 16.35
N LEU J 27 32.19 -7.67 15.98
CA LEU J 27 32.89 -6.55 15.39
C LEU J 27 33.06 -6.82 13.89
N ASP J 28 32.51 -5.94 13.07
CA ASP J 28 32.67 -5.98 11.63
C ASP J 28 33.69 -4.91 11.30
N ILE J 29 34.88 -5.35 10.90
CA ILE J 29 36.03 -4.45 10.74
C ILE J 29 36.45 -4.38 9.28
N ARG J 30 36.65 -3.17 8.79
CA ARG J 30 37.06 -2.97 7.41
C ARG J 30 38.33 -2.13 7.39
N ASP J 31 39.11 -2.32 6.32
CA ASP J 31 40.34 -1.57 6.08
C ASP J 31 41.38 -1.81 7.18
N ALA J 32 41.50 -3.05 7.61
CA ALA J 32 42.52 -3.45 8.56
C ALA J 32 43.02 -4.84 8.20
N THR J 33 44.31 -5.07 8.38
CA THR J 33 44.87 -6.38 8.08
C THR J 33 44.67 -7.33 9.25
N THR J 34 44.89 -8.62 8.99
CA THR J 34 44.71 -9.62 10.03
C THR J 34 45.70 -9.43 11.17
N SER J 35 46.94 -9.05 10.85
CA SER J 35 47.94 -8.84 11.89
C SER J 35 47.54 -7.72 12.84
N GLU J 36 47.07 -6.61 12.30
CA GLU J 36 46.65 -5.49 13.15
C GLU J 36 45.51 -5.88 14.07
N ILE J 37 44.52 -6.58 13.53
CA ILE J 37 43.36 -6.96 14.33
C ILE J 37 43.75 -7.97 15.40
N ILE J 38 44.61 -8.93 15.05
CA ILE J 38 45.05 -9.92 16.03
C ILE J 38 45.86 -9.25 17.15
N SER J 39 46.73 -8.31 16.79
CA SER J 39 47.54 -7.63 17.80
C SER J 39 46.68 -6.76 18.70
N ALA J 40 45.76 -5.99 18.12
CA ALA J 40 44.92 -5.11 18.92
C ALA J 40 44.01 -5.91 19.85
N LEU J 41 43.40 -6.98 19.32
CA LEU J 41 42.49 -7.81 20.10
C LEU J 41 43.22 -8.86 20.92
N ARG J 42 44.53 -8.71 21.11
CA ARG J 42 45.23 -9.58 22.04
C ARG J 42 44.68 -9.39 23.45
N ASP J 43 44.59 -10.49 24.18
CA ASP J 43 44.02 -10.63 25.52
C ASP J 43 42.50 -10.62 25.52
N VAL J 44 41.85 -10.46 24.37
CA VAL J 44 40.40 -10.52 24.27
C VAL J 44 40.00 -11.93 23.86
N GLU J 45 39.09 -12.54 24.62
CA GLU J 45 38.58 -13.85 24.26
C GLU J 45 37.74 -13.75 23.00
N ILE J 46 38.12 -14.50 21.97
CA ILE J 46 37.45 -14.46 20.67
C ILE J 46 36.74 -15.78 20.45
N GLU J 47 35.44 -15.70 20.16
CA GLU J 47 34.67 -16.90 19.88
C GLU J 47 34.86 -17.37 18.44
N LEU J 48 34.92 -16.44 17.49
CA LEU J 48 35.07 -16.85 16.09
C LEU J 48 35.57 -15.68 15.26
N LYS J 49 36.63 -15.90 14.49
CA LYS J 49 37.17 -14.86 13.63
C LYS J 49 37.28 -15.34 12.19
N VAL J 50 36.78 -14.54 11.25
CA VAL J 50 36.85 -14.87 9.83
C VAL J 50 37.25 -13.63 9.04
N LYS J 51 37.80 -13.86 7.86
CA LYS J 51 38.14 -12.80 6.92
C LYS J 51 37.49 -13.08 5.57
N ALA J 52 36.82 -12.08 5.01
CA ALA J 52 36.23 -12.24 3.69
C ALA J 52 37.29 -12.44 2.63
N LYS J 53 37.04 -13.38 1.71
CA LYS J 53 38.03 -13.71 0.70
C LYS J 53 38.19 -12.58 -0.30
N GLY J 54 39.43 -12.13 -0.49
CA GLY J 54 39.71 -11.05 -1.40
C GLY J 54 39.33 -9.67 -0.91
N ILE J 55 38.93 -9.55 0.34
CA ILE J 55 38.34 -8.32 0.87
C ILE J 55 39.02 -7.95 2.18
N ALA J 56 39.20 -6.66 2.40
CA ALA J 56 39.59 -6.15 3.71
C ALA J 56 38.33 -6.04 4.57
N ARG J 57 37.81 -7.20 4.96
CA ARG J 57 36.70 -7.25 5.90
C ARG J 57 36.91 -8.44 6.82
N HIS J 58 36.74 -8.22 8.12
CA HIS J 58 36.87 -9.25 9.12
C HIS J 58 35.64 -9.25 10.00
N LEU J 59 35.21 -10.43 10.40
CA LEU J 59 34.14 -10.60 11.38
C LEU J 59 34.74 -11.26 12.61
N ILE J 60 34.67 -10.58 13.74
CA ILE J 60 35.18 -11.11 15.00
C ILE J 60 34.04 -11.18 16.00
N VAL J 61 33.70 -12.37 16.43
CA VAL J 61 32.70 -12.59 17.46
C VAL J 61 33.44 -12.88 18.76
N VAL J 62 33.26 -11.98 19.73
CA VAL J 62 33.90 -12.10 21.04
C VAL J 62 32.83 -12.33 22.10
N LYS J 63 33.22 -12.97 23.19
CA LYS J 63 32.29 -13.26 24.27
C LYS J 63 32.05 -12.01 25.09
N GLN J 64 30.82 -11.87 25.58
CA GLN J 64 30.48 -10.76 26.47
C GLN J 64 30.73 -11.16 27.93
N ASN J 65 31.99 -11.08 28.33
CA ASN J 65 32.34 -11.19 29.73
C ASN J 65 32.54 -9.79 30.32
N ASP J 66 32.69 -9.75 31.64
CA ASP J 66 33.13 -8.50 32.27
C ASP J 66 34.55 -8.17 31.89
N ALA J 67 35.43 -9.17 31.87
CA ALA J 67 36.82 -8.93 31.49
C ALA J 67 36.94 -8.49 30.03
N ASN J 68 36.19 -9.14 29.14
CA ASN J 68 36.24 -8.77 27.73
C ASN J 68 35.76 -7.35 27.51
N LEU J 69 34.65 -6.97 28.15
CA LEU J 69 34.12 -5.63 27.96
C LEU J 69 35.00 -4.59 28.64
N GLN J 70 35.68 -4.96 29.73
CA GLN J 70 36.65 -4.06 30.33
C GLN J 70 37.82 -3.82 29.40
N LYS J 71 38.34 -4.88 28.78
CA LYS J 71 39.46 -4.73 27.86
C LYS J 71 39.06 -3.95 26.62
N LEU J 72 37.86 -4.19 26.10
CA LEU J 72 37.41 -3.48 24.90
C LEU J 72 37.24 -1.99 25.17
N GLY J 73 37.11 -1.59 26.42
CA GLY J 73 37.02 -0.18 26.74
C GLY J 73 38.33 0.55 26.79
N GLU J 74 39.45 -0.17 26.64
CA GLU J 74 40.76 0.45 26.71
C GLU J 74 41.56 0.36 25.42
N ILE J 75 41.06 -0.33 24.40
CA ILE J 75 41.81 -0.54 23.17
C ILE J 75 41.08 0.15 22.03
N ASP J 76 41.83 0.46 20.99
CA ASP J 76 41.30 1.02 19.75
C ASP J 76 41.38 -0.05 18.68
N ILE J 77 40.25 -0.37 18.08
CA ILE J 77 40.22 -1.36 17.00
C ILE J 77 40.70 -0.70 15.72
N PRO J 78 41.68 -1.26 15.01
CA PRO J 78 42.17 -0.63 13.79
C PRO J 78 41.13 -0.67 12.69
N GLY J 79 41.26 0.27 11.76
CA GLY J 79 40.31 0.35 10.66
C GLY J 79 38.98 0.92 11.12
N ARG J 80 37.97 0.69 10.29
CA ARG J 80 36.61 1.10 10.60
C ARG J 80 35.84 -0.07 11.17
N SER J 81 35.42 0.03 12.42
CA SER J 81 34.79 -1.06 13.12
C SER J 81 33.35 -0.70 13.48
N CYS J 82 32.45 -1.66 13.26
CA CYS J 82 31.06 -1.53 13.69
C CYS J 82 30.75 -2.68 14.64
N SER J 83 30.24 -2.36 15.81
CA SER J 83 29.94 -3.37 16.81
C SER J 83 28.44 -3.63 16.87
N THR J 84 28.08 -4.86 17.21
CA THR J 84 26.69 -5.26 17.28
C THR J 84 26.55 -6.38 18.30
N PRO J 85 25.77 -6.20 19.35
CA PRO J 85 25.46 -7.32 20.23
C PRO J 85 24.72 -8.39 19.45
N VAL J 86 25.14 -9.64 19.61
CA VAL J 86 24.55 -10.75 18.89
C VAL J 86 24.28 -11.88 19.86
N GLU J 87 23.29 -12.68 19.52
CA GLU J 87 22.89 -13.85 20.29
C GLU J 87 23.03 -15.08 19.41
N ASP J 88 23.53 -16.16 19.98
CA ASP J 88 23.59 -17.42 19.25
C ASP J 88 22.18 -17.88 18.89
N LEU J 89 21.93 -18.09 17.60
CA LEU J 89 20.60 -18.47 17.15
C LEU J 89 20.18 -19.83 17.67
N ASP J 90 21.14 -20.70 18.00
CA ASP J 90 20.80 -21.95 18.65
C ASP J 90 20.10 -21.72 19.98
N ASN J 91 20.62 -20.81 20.79
CA ASN J 91 20.02 -20.52 22.08
C ASN J 91 18.66 -19.85 21.92
N LEU J 92 18.52 -18.96 20.93
CA LEU J 92 17.22 -18.34 20.68
C LEU J 92 16.20 -19.39 20.28
N MET J 93 16.57 -20.31 19.40
CA MET J 93 15.65 -21.39 19.03
C MET J 93 15.33 -22.28 20.21
N GLU J 94 16.30 -22.49 21.10
CA GLU J 94 16.06 -23.28 22.30
C GLU J 94 15.05 -22.60 23.21
N ASP J 95 15.05 -21.27 23.25
CA ASP J 95 14.10 -20.54 24.07
C ASP J 95 12.66 -20.82 23.63
N ILE J 96 12.42 -20.88 22.33
CA ILE J 96 11.07 -21.05 21.81
C ILE J 96 10.76 -22.52 21.52
N GLY J 97 11.55 -23.44 22.07
CA GLY J 97 11.20 -24.84 22.05
C GLY J 97 11.67 -25.62 20.84
N ILE J 98 12.66 -25.13 20.11
CA ILE J 98 13.17 -25.81 18.92
C ILE J 98 14.62 -26.17 19.17
N SER J 99 14.94 -27.46 19.06
CA SER J 99 16.28 -27.97 19.36
C SER J 99 17.03 -28.15 18.05
N TRP J 100 17.84 -27.17 17.71
CA TRP J 100 18.70 -27.31 16.55
C TRP J 100 19.92 -28.16 16.88
N PRO J 101 20.46 -28.88 15.91
CA PRO J 101 21.74 -29.56 16.12
C PRO J 101 22.86 -28.52 16.24
N ARG J 102 23.95 -28.92 16.86
CA ARG J 102 25.00 -27.95 17.11
C ARG J 102 26.32 -28.42 16.50
N ASN J 103 26.27 -28.77 15.20
CA ASN J 103 27.47 -29.19 14.49
C ASN J 103 28.46 -28.06 14.39
N GLU J 104 29.68 -28.29 14.87
CA GLU J 104 30.70 -27.25 14.91
C GLU J 104 31.12 -26.84 13.50
N LEU J 105 31.18 -25.54 13.28
CA LEU J 105 31.64 -25.01 12.00
C LEU J 105 33.09 -25.39 11.75
N THR J 106 33.37 -25.79 10.52
CA THR J 106 34.73 -26.12 10.07
C THR J 106 35.23 -25.05 9.12
N ASN J 107 36.42 -25.26 8.56
CA ASN J 107 36.99 -24.34 7.59
C ASN J 107 37.22 -25.10 6.29
N VAL J 108 36.16 -25.24 5.50
CA VAL J 108 36.28 -25.89 4.20
C VAL J 108 35.62 -25.03 3.14
N ASN J 109 34.34 -24.75 3.30
CA ASN J 109 33.60 -23.92 2.37
C ASN J 109 32.79 -22.87 3.14
N VAL J 110 33.45 -22.18 4.06
CA VAL J 110 32.76 -21.28 4.98
C VAL J 110 32.07 -20.18 4.19
N THR J 111 30.74 -20.12 4.29
CA THR J 111 29.92 -19.21 3.53
C THR J 111 29.03 -18.44 4.49
N LEU J 112 29.05 -17.12 4.39
CA LEU J 112 28.27 -16.25 5.26
C LEU J 112 27.04 -15.75 4.52
N PHE J 113 25.87 -16.12 5.00
CA PHE J 113 24.60 -15.58 4.54
C PHE J 113 24.17 -14.49 5.51
N GLU J 114 23.98 -13.28 5.01
CA GLU J 114 23.48 -12.17 5.81
C GLU J 114 22.06 -11.88 5.38
N ARG J 115 21.11 -12.04 6.29
CA ARG J 115 19.70 -11.89 5.95
C ARG J 115 19.05 -10.84 6.82
N THR J 116 18.32 -9.93 6.18
CA THR J 116 17.51 -8.93 6.86
C THR J 116 16.05 -9.13 6.50
N LEU J 117 15.18 -9.13 7.50
CA LEU J 117 13.76 -9.34 7.30
C LEU J 117 13.01 -8.01 7.28
N ASP J 118 11.92 -7.99 6.53
CA ASP J 118 11.04 -6.82 6.46
C ASP J 118 9.71 -7.21 7.10
N LEU J 119 9.41 -6.62 8.25
CA LEU J 119 8.25 -7.00 9.05
C LEU J 119 7.12 -5.97 8.98
N LYS J 120 6.98 -5.29 7.86
CA LYS J 120 5.93 -4.28 7.72
C LYS J 120 4.55 -4.91 7.88
N ASP J 121 3.70 -4.25 8.66
CA ASP J 121 2.31 -4.69 8.89
C ASP J 121 2.23 -6.05 9.59
N LYS J 122 3.19 -6.36 10.44
CA LYS J 122 3.18 -7.60 11.21
C LYS J 122 3.08 -7.28 12.68
N THR J 123 2.46 -8.19 13.42
CA THR J 123 2.45 -8.10 14.87
C THR J 123 3.62 -8.89 15.44
N MET J 124 3.81 -8.77 16.76
CA MET J 124 4.85 -9.56 17.40
C MET J 124 4.54 -11.04 17.32
N GLU J 125 3.25 -11.40 17.44
CA GLU J 125 2.84 -12.79 17.38
C GLU J 125 3.13 -13.40 16.02
N GLN J 126 2.86 -12.65 14.95
CA GLN J 126 3.17 -13.15 13.62
C GLN J 126 4.68 -13.36 13.44
N PHE J 127 5.47 -12.42 13.93
CA PHE J 127 6.92 -12.54 13.87
C PHE J 127 7.39 -13.80 14.58
N TRP J 128 6.86 -14.06 15.76
CA TRP J 128 7.30 -15.24 16.52
C TRP J 128 6.80 -16.53 15.88
N SER J 129 5.58 -16.54 15.34
CA SER J 129 5.09 -17.76 14.71
C SER J 129 5.87 -18.08 13.44
N GLU J 130 6.25 -17.04 12.68
CA GLU J 130 7.09 -17.28 11.51
C GLU J 130 8.47 -17.78 11.91
N ALA J 131 9.06 -17.20 12.96
CA ALA J 131 10.36 -17.69 13.42
C ALA J 131 10.29 -19.15 13.83
N LYS J 132 9.22 -19.52 14.56
CA LYS J 132 9.05 -20.91 14.94
C LYS J 132 8.88 -21.82 13.73
N ALA J 133 8.08 -21.39 12.75
CA ALA J 133 7.89 -22.20 11.56
C ALA J 133 9.21 -22.44 10.83
N TYR J 134 10.01 -21.39 10.66
CA TYR J 134 11.30 -21.55 10.00
C TYR J 134 12.22 -22.47 10.79
N GLY J 135 12.24 -22.32 12.12
CA GLY J 135 13.09 -23.18 12.93
C GLY J 135 12.73 -24.64 12.78
N GLN J 136 11.43 -24.97 12.86
CA GLN J 136 11.02 -26.36 12.70
C GLN J 136 11.30 -26.85 11.30
N LEU J 137 11.13 -26.00 10.29
CA LEU J 137 11.35 -26.43 8.91
C LEU J 137 12.80 -26.81 8.68
N VAL J 138 13.74 -25.97 9.11
CA VAL J 138 15.15 -26.23 8.81
C VAL J 138 15.83 -27.05 9.89
N LYS J 139 15.15 -27.41 10.97
CA LYS J 139 15.77 -28.24 11.99
C LYS J 139 16.31 -29.56 11.46
N PRO J 140 15.56 -30.37 10.69
CA PRO J 140 16.14 -31.61 10.18
C PRO J 140 17.14 -31.40 9.06
N VAL J 141 17.06 -30.29 8.34
CA VAL J 141 18.00 -30.03 7.26
C VAL J 141 19.40 -29.77 7.81
N LEU J 142 19.49 -29.07 8.95
CA LEU J 142 20.79 -28.71 9.50
C LEU J 142 21.56 -29.90 10.04
N SER J 143 20.91 -31.07 10.11
CA SER J 143 21.59 -32.25 10.69
C SER J 143 22.76 -32.69 9.80
N SER J 144 22.71 -32.35 8.51
CA SER J 144 23.75 -32.75 7.57
C SER J 144 24.70 -31.63 7.22
N PHE J 145 24.71 -30.55 7.98
CA PHE J 145 25.58 -29.41 7.71
C PHE J 145 26.21 -28.91 8.99
N THR J 146 27.38 -28.30 8.86
CA THR J 146 28.05 -27.62 9.95
C THR J 146 27.86 -26.12 9.77
N TYR J 147 27.57 -25.47 10.89
CA TYR J 147 27.23 -24.04 10.80
C TYR J 147 27.34 -23.34 12.12
N ARG J 148 27.10 -22.04 12.08
CA ARG J 148 27.09 -21.19 13.27
C ARG J 148 26.29 -19.95 12.94
N ALA J 149 25.22 -19.69 13.67
CA ALA J 149 24.30 -18.62 13.36
C ALA J 149 24.21 -17.64 14.51
N PHE J 150 24.18 -16.34 14.18
CA PHE J 150 24.06 -15.28 15.15
C PHE J 150 22.97 -14.32 14.70
N LYS J 151 22.17 -13.85 15.66
CA LYS J 151 21.13 -12.88 15.40
C LYS J 151 21.47 -11.57 16.09
N ALA J 152 21.34 -10.47 15.36
CA ALA J 152 21.57 -9.15 15.96
C ALA J 152 20.64 -8.96 17.14
N ASN J 153 21.21 -8.88 18.34
CA ASN J 153 20.43 -8.93 19.57
C ASN J 153 19.63 -7.65 19.77
N GLY J 154 18.31 -7.76 19.77
CA GLY J 154 17.45 -6.63 20.03
C GLY J 154 17.31 -5.64 18.90
N ALA J 155 17.79 -5.96 17.71
CA ALA J 155 17.81 -5.03 16.60
C ALA J 155 16.58 -5.18 15.72
N TYR J 156 16.09 -4.07 15.19
CA TYR J 156 15.01 -4.06 14.23
C TYR J 156 15.39 -3.10 13.11
N PRO J 157 15.35 -3.53 11.83
CA PRO J 157 14.90 -4.83 11.31
C PRO J 157 15.78 -6.00 11.73
N PRO J 158 15.22 -7.19 11.86
CA PRO J 158 16.02 -8.34 12.29
C PRO J 158 17.12 -8.64 11.28
N LYS J 159 18.28 -9.05 11.79
CA LYS J 159 19.40 -9.42 10.95
C LYS J 159 20.05 -10.68 11.49
N VAL J 160 20.42 -11.58 10.59
CA VAL J 160 21.03 -12.85 10.93
C VAL J 160 22.30 -13.03 10.11
N TYR J 161 23.36 -13.45 10.78
CA TYR J 161 24.61 -13.89 10.16
C TYR J 161 24.69 -15.40 10.29
N PHE J 162 24.69 -16.10 9.16
CA PHE J 162 24.65 -17.56 9.12
C PHE J 162 25.90 -18.07 8.43
N PHE J 163 26.82 -18.67 9.18
CA PHE J 163 27.99 -19.32 8.59
C PHE J 163 27.67 -20.78 8.37
N VAL J 164 27.87 -21.26 7.13
CA VAL J 164 27.59 -22.64 6.77
C VAL J 164 28.77 -23.20 6.00
N ASN J 165 29.02 -24.49 6.15
CA ASN J 165 29.95 -25.22 5.30
C ASN J 165 29.13 -26.04 4.31
N LEU J 166 29.00 -25.54 3.09
CA LEU J 166 28.17 -26.17 2.09
C LEU J 166 28.82 -26.08 0.73
N PRO J 167 28.51 -27.00 -0.18
CA PRO J 167 29.05 -26.91 -1.55
C PRO J 167 28.57 -25.65 -2.26
N ARG J 168 29.43 -25.11 -3.11
CA ARG J 168 29.14 -23.87 -3.81
C ARG J 168 27.99 -24.02 -4.80
N GLU J 169 27.58 -25.25 -5.12
CA GLU J 169 26.44 -25.49 -5.98
C GLU J 169 25.11 -25.41 -5.25
N ASN J 170 25.11 -25.32 -3.93
CA ASN J 170 23.89 -25.34 -3.15
C ASN J 170 23.44 -23.97 -2.69
N LEU J 171 24.13 -22.91 -3.10
CA LEU J 171 23.84 -21.58 -2.55
C LEU J 171 22.39 -21.20 -2.77
N ASN J 172 21.93 -21.26 -4.01
CA ASN J 172 20.54 -20.93 -4.30
C ASN J 172 19.59 -21.83 -3.54
N ASP J 173 19.95 -23.10 -3.36
CA ASP J 173 19.13 -24.01 -2.58
C ASP J 173 19.07 -23.59 -1.13
N ALA J 174 20.20 -23.16 -0.56
CA ALA J 174 20.22 -22.83 0.86
C ALA J 174 19.50 -21.53 1.13
N SER J 175 19.61 -20.57 0.22
CA SER J 175 19.00 -19.26 0.44
C SER J 175 17.49 -19.32 0.36
N SER J 176 16.95 -20.17 -0.50
CA SER J 176 15.50 -20.17 -0.73
C SER J 176 14.76 -21.15 0.19
N LYS J 177 15.47 -21.89 1.03
CA LYS J 177 14.82 -22.80 1.96
C LYS J 177 13.94 -22.04 2.92
N GLY J 178 12.63 -22.25 2.81
CA GLY J 178 11.67 -21.60 3.68
C GLY J 178 11.63 -20.09 3.55
N ILE J 179 11.96 -19.58 2.37
CA ILE J 179 11.93 -18.14 2.15
C ILE J 179 10.49 -17.64 2.15
N ASP J 180 9.52 -18.50 1.86
CA ASP J 180 8.14 -18.08 1.83
C ASP J 180 7.57 -17.87 3.23
N ILE J 181 8.21 -18.46 4.23
CA ILE J 181 7.69 -18.36 5.60
C ILE J 181 7.67 -16.91 6.06
N PHE J 182 8.66 -16.13 5.65
CA PHE J 182 8.73 -14.73 6.04
C PHE J 182 8.13 -13.79 5.00
N GLY J 183 7.54 -14.31 3.94
CA GLY J 183 6.88 -13.46 2.97
C GLY J 183 7.47 -13.51 1.58
N GLY J 184 8.41 -14.41 1.34
CA GLY J 184 8.97 -14.60 0.02
C GLY J 184 10.26 -13.87 -0.20
N PRO J 185 10.86 -14.05 -1.37
CA PRO J 185 12.17 -13.43 -1.65
C PRO J 185 12.12 -11.91 -1.70
N GLY J 186 10.95 -11.30 -1.86
CA GLY J 186 10.88 -9.85 -1.85
C GLY J 186 10.86 -9.22 -0.49
N LYS J 187 10.66 -10.01 0.58
CA LYS J 187 10.64 -9.48 1.93
C LYS J 187 11.90 -9.79 2.72
N ALA J 188 12.72 -10.71 2.25
CA ALA J 188 13.98 -11.05 2.91
C ALA J 188 15.11 -10.67 1.97
N ARG J 189 16.04 -9.85 2.46
CA ARG J 189 17.20 -9.45 1.69
C ARG J 189 18.38 -10.30 2.14
N THR J 190 19.02 -10.99 1.20
CA THR J 190 20.11 -11.89 1.51
C THR J 190 21.34 -11.51 0.70
N THR J 191 22.49 -11.47 1.36
CA THR J 191 23.77 -11.39 0.68
C THR J 191 24.62 -12.58 1.08
N VAL J 192 25.50 -13.00 0.18
CA VAL J 192 26.33 -14.17 0.36
C VAL J 192 27.79 -13.78 0.21
N GLN J 193 28.64 -14.29 1.09
CA GLN J 193 30.05 -13.94 1.04
C GLN J 193 30.89 -15.16 1.43
N TYR J 194 31.90 -15.46 0.63
CA TYR J 194 32.85 -16.50 1.00
C TYR J 194 33.85 -15.94 2.00
N VAL J 195 34.13 -16.70 3.06
CA VAL J 195 35.04 -16.26 4.10
C VAL J 195 36.04 -17.37 4.42
N THR J 196 37.13 -16.99 5.07
CA THR J 196 38.14 -17.91 5.58
C THR J 196 38.10 -17.85 7.09
N LYS J 197 37.99 -19.00 7.72
CA LYS J 197 37.96 -19.09 9.18
C LYS J 197 39.38 -19.08 9.72
N LEU J 198 39.76 -18.00 10.40
CA LEU J 198 41.10 -17.89 10.94
C LEU J 198 41.21 -18.65 12.26
N SER J 199 42.34 -19.30 12.45
CA SER J 199 42.55 -20.09 13.66
C SER J 199 43.78 -19.60 14.42
#